data_7H4P
# 
_entry.id   7H4P 
# 
_audit_conform.dict_name       mmcif_pdbx.dic 
_audit_conform.dict_version    5.397 
_audit_conform.dict_location   http://mmcif.pdb.org/dictionaries/ascii/mmcif_pdbx.dic 
# 
loop_
_database_2.database_id 
_database_2.database_code 
_database_2.pdbx_database_accession 
_database_2.pdbx_DOI 
PDB   7H4P         pdb_00007h4p 10.2210/pdb7h4p/pdb 
WWPDB D_1001407020 ?            ?                   
# 
loop_
_pdbx_audit_revision_history.ordinal 
_pdbx_audit_revision_history.data_content_type 
_pdbx_audit_revision_history.major_revision 
_pdbx_audit_revision_history.minor_revision 
_pdbx_audit_revision_history.revision_date 
1 'Structure model' 1 0 2024-04-24 
2 'Structure model' 1 1 2024-10-16 
# 
_pdbx_audit_revision_details.ordinal             1 
_pdbx_audit_revision_details.revision_ordinal    1 
_pdbx_audit_revision_details.data_content_type   'Structure model' 
_pdbx_audit_revision_details.provider            repository 
_pdbx_audit_revision_details.type                'Initial release' 
_pdbx_audit_revision_details.description         ? 
_pdbx_audit_revision_details.details             ? 
# 
loop_
_pdbx_audit_revision_group.ordinal 
_pdbx_audit_revision_group.revision_ordinal 
_pdbx_audit_revision_group.data_content_type 
_pdbx_audit_revision_group.group 
1 2 'Structure model' 'Database references' 
2 2 'Structure model' 'Structure summary'   
# 
loop_
_pdbx_audit_revision_category.ordinal 
_pdbx_audit_revision_category.revision_ordinal 
_pdbx_audit_revision_category.data_content_type 
_pdbx_audit_revision_category.category 
1 2 'Structure model' citation           
2 2 'Structure model' citation_author    
3 2 'Structure model' pdbx_entry_details 
# 
loop_
_pdbx_audit_revision_item.ordinal 
_pdbx_audit_revision_item.revision_ordinal 
_pdbx_audit_revision_item.data_content_type 
_pdbx_audit_revision_item.item 
1 2 'Structure model' '_citation.country'                 
2 2 'Structure model' '_citation.journal_abbrev'          
3 2 'Structure model' '_citation.journal_id_CSD'          
4 2 'Structure model' '_citation.journal_id_ISSN'         
5 2 'Structure model' '_citation.pdbx_database_id_DOI'    
6 2 'Structure model' '_citation.pdbx_database_id_PubMed' 
7 2 'Structure model' '_citation.title'                   
8 2 'Structure model' '_citation.year'                    
# 
_pdbx_database_status.entry_id                        7H4P 
_pdbx_database_status.status_code                     REL 
_pdbx_database_status.status_code_sf                  REL 
_pdbx_database_status.status_code_mr                  ? 
_pdbx_database_status.status_code_cs                  ? 
_pdbx_database_status.recvd_initial_deposition_date   2024-04-04 
_pdbx_database_status.status_code_nmr_data            ? 
_pdbx_database_status.deposit_site                    RCSB 
_pdbx_database_status.process_site                    RCSB 
_pdbx_database_status.SG_entry                        ? 
_pdbx_database_status.pdb_format_compatible           Y 
_pdbx_database_status.methods_development_category    ? 
# 
_pdbx_contact_author.id                 1 
_pdbx_contact_author.email              frank.von-delft@diamond.ac.uk 
_pdbx_contact_author.name_first         Frank 
_pdbx_contact_author.name_last          'von Delft' 
_pdbx_contact_author.role               'principal investigator/group leader' 
_pdbx_contact_author.identifier_ORCID   0000-0003-0378-0017 
_pdbx_contact_author.name_mi            ? 
# 
loop_
_audit_author.name 
_audit_author.pdbx_ordinal 
'Lithgo, R.M.'        1  
'Fairhead, M.'        2  
'Koekemoer, L.'       3  
'Balcomb, B.H.'       4  
'Capkin, E.'          5  
'Chandran, A.V.'      6  
'Golding, M.'         7  
'Godoy, A.S.'         8  
'Aschenbrenner, J.C.' 9  
'Marples, P.G.'       10 
'Ni, X.'              11 
'Thompson, W.'        12 
'Tomlinson, C.W.E.'   13 
'Wild, C.'            14 
'Winokan, M.'         15 
'Xavier, M.-A.E.'     16 
'Fearon, D.'          17 
'von Delft, F.'       18 
# 
_citation.id                        primary 
_citation.title                     
;Crystallographic Fragment Screen of Coxsackievirus A16 2A Protease identifies new opportunities for the development of broad-spectrum anti-enterovirals.
;
_citation.journal_abbrev            Biorxiv 
_citation.journal_volume            ? 
_citation.page_first                ? 
_citation.page_last                 ? 
_citation.year                      2024 
_citation.journal_id_ASTM           ? 
_citation.country                   US 
_citation.journal_id_ISSN           2692-8205 
_citation.journal_id_CSD            ? 
_citation.book_publisher            ? 
_citation.pdbx_database_id_PubMed   38746446 
_citation.pdbx_database_id_DOI      10.1101/2024.04.29.591684 
# 
loop_
_citation_author.citation_id 
_citation_author.name 
_citation_author.identifier_ORCID 
_citation_author.ordinal 
primary 'Lithgo, R.M.'        0000-0002-4706-9916 1  
primary 'Tomlinson, C.W.E.'   0000-0002-1845-6028 2  
primary 'Fairhead, M.'        0000-0001-5361-3933 3  
primary 'Winokan, M.'         ?                   4  
primary 'Thompson, W.'        0000-0003-1474-7810 5  
primary 'Wild, C.'            0000-0003-0654-8141 6  
primary 'Aschenbrenner, J.C.' 0000-0002-4318-0481 7  
primary 'Balcomb, B.H.'       0000-0001-7599-8467 8  
primary 'Marples, P.G.'       0000-0002-8787-7969 9  
primary 'Chandran, A.V.'      0000-0001-9942-2614 10 
primary 'Golding, M.'         0009-0004-7472-8333 11 
primary 'Koekemoer, L.'       0000-0001-9226-9127 12 
primary 'Williams, E.P.'      0000-0002-1331-9518 13 
primary 'Wang, S.'            ?                   14 
primary 'Ni, X.'              0000-0002-7769-8297 15 
primary 'MacLean, E.'         0000-0003-1680-4292 16 
primary 'Giroud, C.'          0000-0002-1629-1581 17 
primary 'Godoy, A.S.'         0000-0002-0613-9164 18 
primary 'Xavier, M.A.'        0000-0002-1709-9479 19 
primary 'Walsh, M.'           0000-0001-5683-1151 20 
primary 'Fearon, D.'          0000-0003-3529-7863 21 
primary 'von Delft, F.'       0000-0003-0378-0017 22 
# 
loop_
_entity.id 
_entity.type 
_entity.src_method 
_entity.pdbx_description 
_entity.formula_weight 
_entity.pdbx_number_of_molecules 
_entity.pdbx_ec 
_entity.pdbx_mutation 
_entity.pdbx_fragment 
_entity.details 
1 polymer     man 'Protease 2A'        16493.311 1   3.4.22.29 ? ? ? 
2 non-polymer man PYRIMIDIN-2-AMINE    95.103    2   ?         ? ? ? 
3 non-polymer syn 'ZINC ION'           65.409    1   ?         ? ? ? 
4 non-polymer syn 'DIMETHYL SULFOXIDE' 78.133    4   ?         ? ? ? 
5 non-polymer syn 'SULFATE ION'        96.063    1   ?         ? ? ? 
6 water       nat water                18.015    213 ?         ? ? ? 
# 
_entity_name_com.entity_id   1 
_entity_name_com.name        'P2A,Picornain 2A,Protein 2A' 
# 
_entity_poly.entity_id                      1 
_entity_poly.type                           'polypeptide(L)' 
_entity_poly.nstd_linkage                   no 
_entity_poly.nstd_monomer                   no 
_entity_poly.pdbx_seq_one_letter_code       
;QEQTGGSGAIYVGNYRVVNRHLATHNDWANLVWEDSSRDLLVSSTTAQGCDTIARCDCQTGVYYCSSRRKHYPVSFSKPS
LIFVEASEYYPARYQSHLMLAVGHSEPGDCGGILRCQHGVVGIVSTGGNGLVGFADVRDLLWLDEEAMEQ
;
_entity_poly.pdbx_seq_one_letter_code_can   
;QEQTGGSGAIYVGNYRVVNRHLATHNDWANLVWEDSSRDLLVSSTTAQGCDTIARCDCQTGVYYCSSRRKHYPVSFSKPS
LIFVEASEYYPARYQSHLMLAVGHSEPGDCGGILRCQHGVVGIVSTGGNGLVGFADVRDLLWLDEEAMEQ
;
_entity_poly.pdbx_strand_id                 A 
_entity_poly.pdbx_target_identifier         ? 
# 
loop_
_pdbx_entity_nonpoly.entity_id 
_pdbx_entity_nonpoly.name 
_pdbx_entity_nonpoly.comp_id 
2 PYRIMIDIN-2-AMINE    LGA 
3 'ZINC ION'           ZN  
4 'DIMETHYL SULFOXIDE' DMS 
5 'SULFATE ION'        SO4 
6 water                HOH 
# 
loop_
_entity_poly_seq.entity_id 
_entity_poly_seq.num 
_entity_poly_seq.mon_id 
_entity_poly_seq.hetero 
1 1   GLN n 
1 2   GLU n 
1 3   GLN n 
1 4   THR n 
1 5   GLY n 
1 6   GLY n 
1 7   SER n 
1 8   GLY n 
1 9   ALA n 
1 10  ILE n 
1 11  TYR n 
1 12  VAL n 
1 13  GLY n 
1 14  ASN n 
1 15  TYR n 
1 16  ARG n 
1 17  VAL n 
1 18  VAL n 
1 19  ASN n 
1 20  ARG n 
1 21  HIS n 
1 22  LEU n 
1 23  ALA n 
1 24  THR n 
1 25  HIS n 
1 26  ASN n 
1 27  ASP n 
1 28  TRP n 
1 29  ALA n 
1 30  ASN n 
1 31  LEU n 
1 32  VAL n 
1 33  TRP n 
1 34  GLU n 
1 35  ASP n 
1 36  SER n 
1 37  SER n 
1 38  ARG n 
1 39  ASP n 
1 40  LEU n 
1 41  LEU n 
1 42  VAL n 
1 43  SER n 
1 44  SER n 
1 45  THR n 
1 46  THR n 
1 47  ALA n 
1 48  GLN n 
1 49  GLY n 
1 50  CYS n 
1 51  ASP n 
1 52  THR n 
1 53  ILE n 
1 54  ALA n 
1 55  ARG n 
1 56  CYS n 
1 57  ASP n 
1 58  CYS n 
1 59  GLN n 
1 60  THR n 
1 61  GLY n 
1 62  VAL n 
1 63  TYR n 
1 64  TYR n 
1 65  CYS n 
1 66  SER n 
1 67  SER n 
1 68  ARG n 
1 69  ARG n 
1 70  LYS n 
1 71  HIS n 
1 72  TYR n 
1 73  PRO n 
1 74  VAL n 
1 75  SER n 
1 76  PHE n 
1 77  SER n 
1 78  LYS n 
1 79  PRO n 
1 80  SER n 
1 81  LEU n 
1 82  ILE n 
1 83  PHE n 
1 84  VAL n 
1 85  GLU n 
1 86  ALA n 
1 87  SER n 
1 88  GLU n 
1 89  TYR n 
1 90  TYR n 
1 91  PRO n 
1 92  ALA n 
1 93  ARG n 
1 94  TYR n 
1 95  GLN n 
1 96  SER n 
1 97  HIS n 
1 98  LEU n 
1 99  MET n 
1 100 LEU n 
1 101 ALA n 
1 102 VAL n 
1 103 GLY n 
1 104 HIS n 
1 105 SER n 
1 106 GLU n 
1 107 PRO n 
1 108 GLY n 
1 109 ASP n 
1 110 CYS n 
1 111 GLY n 
1 112 GLY n 
1 113 ILE n 
1 114 LEU n 
1 115 ARG n 
1 116 CYS n 
1 117 GLN n 
1 118 HIS n 
1 119 GLY n 
1 120 VAL n 
1 121 VAL n 
1 122 GLY n 
1 123 ILE n 
1 124 VAL n 
1 125 SER n 
1 126 THR n 
1 127 GLY n 
1 128 GLY n 
1 129 ASN n 
1 130 GLY n 
1 131 LEU n 
1 132 VAL n 
1 133 GLY n 
1 134 PHE n 
1 135 ALA n 
1 136 ASP n 
1 137 VAL n 
1 138 ARG n 
1 139 ASP n 
1 140 LEU n 
1 141 LEU n 
1 142 TRP n 
1 143 LEU n 
1 144 ASP n 
1 145 GLU n 
1 146 GLU n 
1 147 ALA n 
1 148 MET n 
1 149 GLU n 
1 150 GLN n 
# 
loop_
_entity_src_gen.entity_id 
_entity_src_gen.pdbx_src_id 
_entity_src_gen.pdbx_alt_source_flag 
_entity_src_gen.pdbx_seq_type 
_entity_src_gen.pdbx_beg_seq_num 
_entity_src_gen.pdbx_end_seq_num 
_entity_src_gen.gene_src_common_name 
_entity_src_gen.gene_src_genus 
_entity_src_gen.pdbx_gene_src_gene 
_entity_src_gen.gene_src_species 
_entity_src_gen.gene_src_strain 
_entity_src_gen.gene_src_tissue 
_entity_src_gen.gene_src_tissue_fraction 
_entity_src_gen.gene_src_details 
_entity_src_gen.pdbx_gene_src_fragment 
_entity_src_gen.pdbx_gene_src_scientific_name 
_entity_src_gen.pdbx_gene_src_ncbi_taxonomy_id 
_entity_src_gen.pdbx_gene_src_variant 
_entity_src_gen.pdbx_gene_src_cell_line 
_entity_src_gen.pdbx_gene_src_atcc 
_entity_src_gen.pdbx_gene_src_organ 
_entity_src_gen.pdbx_gene_src_organelle 
_entity_src_gen.pdbx_gene_src_cell 
_entity_src_gen.pdbx_gene_src_cellular_location 
_entity_src_gen.host_org_common_name 
_entity_src_gen.pdbx_host_org_scientific_name 
_entity_src_gen.pdbx_host_org_ncbi_taxonomy_id 
_entity_src_gen.host_org_genus 
_entity_src_gen.pdbx_host_org_gene 
_entity_src_gen.pdbx_host_org_organ 
_entity_src_gen.host_org_species 
_entity_src_gen.pdbx_host_org_tissue 
_entity_src_gen.pdbx_host_org_tissue_fraction 
_entity_src_gen.pdbx_host_org_strain 
_entity_src_gen.pdbx_host_org_variant 
_entity_src_gen.pdbx_host_org_cell_line 
_entity_src_gen.pdbx_host_org_atcc 
_entity_src_gen.pdbx_host_org_culture_collection 
_entity_src_gen.pdbx_host_org_cell 
_entity_src_gen.pdbx_host_org_organelle 
_entity_src_gen.pdbx_host_org_cellular_location 
_entity_src_gen.pdbx_host_org_vector_type 
_entity_src_gen.pdbx_host_org_vector 
_entity_src_gen.host_org_details 
_entity_src_gen.expression_system_id 
_entity_src_gen.plasmid_name 
_entity_src_gen.plasmid_details 
_entity_src_gen.pdbx_description 
1 1 sample 'Biological sequence' 1 150 ? ? ? ? ? ? ? ? ? 'Coxsackievirus A16' 31704 ? ? ? ? ? ? ? ? 'Escherichia coli' 562 ? ? ? ? 
? ? ? ? ? ? ? ? ? ? ? ? ? ? ? ? ? 
2 1 sample ?                     ? ?   ? ? ? ? ? ? ? ? ? 'Coxsackievirus A16' 31704 ? ? ? ? ? ? ? ? 'Escherichia coli' 562 ? ? ? ? 
? ? ? ? ? ? ? ? ? ? ? ? ? ? ? ? ? 
# 
loop_
_chem_comp.id 
_chem_comp.type 
_chem_comp.mon_nstd_flag 
_chem_comp.name 
_chem_comp.pdbx_synonyms 
_chem_comp.formula 
_chem_comp.formula_weight 
ALA 'L-peptide linking' y ALANINE              ? 'C3 H7 N O2'     89.093  
ARG 'L-peptide linking' y ARGININE             ? 'C6 H15 N4 O2 1' 175.209 
ASN 'L-peptide linking' y ASPARAGINE           ? 'C4 H8 N2 O3'    132.118 
ASP 'L-peptide linking' y 'ASPARTIC ACID'      ? 'C4 H7 N O4'     133.103 
CYS 'L-peptide linking' y CYSTEINE             ? 'C3 H7 N O2 S'   121.158 
DMS non-polymer         . 'DIMETHYL SULFOXIDE' ? 'C2 H6 O S'      78.133  
GLN 'L-peptide linking' y GLUTAMINE            ? 'C5 H10 N2 O3'   146.144 
GLU 'L-peptide linking' y 'GLUTAMIC ACID'      ? 'C5 H9 N O4'     147.129 
GLY 'peptide linking'   y GLYCINE              ? 'C2 H5 N O2'     75.067  
HIS 'L-peptide linking' y HISTIDINE            ? 'C6 H10 N3 O2 1' 156.162 
HOH non-polymer         . WATER                ? 'H2 O'           18.015  
ILE 'L-peptide linking' y ISOLEUCINE           ? 'C6 H13 N O2'    131.173 
LEU 'L-peptide linking' y LEUCINE              ? 'C6 H13 N O2'    131.173 
LGA non-polymer         . PYRIMIDIN-2-AMINE    ? 'C4 H5 N3'       95.103  
LYS 'L-peptide linking' y LYSINE               ? 'C6 H15 N2 O2 1' 147.195 
MET 'L-peptide linking' y METHIONINE           ? 'C5 H11 N O2 S'  149.211 
PHE 'L-peptide linking' y PHENYLALANINE        ? 'C9 H11 N O2'    165.189 
PRO 'L-peptide linking' y PROLINE              ? 'C5 H9 N O2'     115.130 
SER 'L-peptide linking' y SERINE               ? 'C3 H7 N O3'     105.093 
SO4 non-polymer         . 'SULFATE ION'        ? 'O4 S -2'        96.063  
THR 'L-peptide linking' y THREONINE            ? 'C4 H9 N O3'     119.119 
TRP 'L-peptide linking' y TRYPTOPHAN           ? 'C11 H12 N2 O2'  204.225 
TYR 'L-peptide linking' y TYROSINE             ? 'C9 H11 N O3'    181.189 
VAL 'L-peptide linking' y VALINE               ? 'C5 H11 N O2'    117.146 
ZN  non-polymer         . 'ZINC ION'           ? 'Zn 2'           65.409  
# 
loop_
_pdbx_poly_seq_scheme.asym_id 
_pdbx_poly_seq_scheme.entity_id 
_pdbx_poly_seq_scheme.seq_id 
_pdbx_poly_seq_scheme.mon_id 
_pdbx_poly_seq_scheme.ndb_seq_num 
_pdbx_poly_seq_scheme.pdb_seq_num 
_pdbx_poly_seq_scheme.auth_seq_num 
_pdbx_poly_seq_scheme.pdb_mon_id 
_pdbx_poly_seq_scheme.auth_mon_id 
_pdbx_poly_seq_scheme.pdb_strand_id 
_pdbx_poly_seq_scheme.pdb_ins_code 
_pdbx_poly_seq_scheme.hetero 
A 1 1   GLN 1   1   ?   ?   ?   A . n 
A 1 2   GLU 2   2   ?   ?   ?   A . n 
A 1 3   GLN 3   3   ?   ?   ?   A . n 
A 1 4   THR 4   4   ?   ?   ?   A . n 
A 1 5   GLY 5   5   ?   ?   ?   A . n 
A 1 6   GLY 6   6   ?   ?   ?   A . n 
A 1 7   SER 7   7   7   SER SER A . n 
A 1 8   GLY 8   8   8   GLY GLY A . n 
A 1 9   ALA 9   9   9   ALA ALA A . n 
A 1 10  ILE 10  10  10  ILE ILE A . n 
A 1 11  TYR 11  11  11  TYR TYR A . n 
A 1 12  VAL 12  12  12  VAL VAL A . n 
A 1 13  GLY 13  13  13  GLY GLY A . n 
A 1 14  ASN 14  14  14  ASN ASN A . n 
A 1 15  TYR 15  15  15  TYR TYR A . n 
A 1 16  ARG 16  16  16  ARG ARG A . n 
A 1 17  VAL 17  17  17  VAL VAL A . n 
A 1 18  VAL 18  18  18  VAL VAL A . n 
A 1 19  ASN 19  19  19  ASN ASN A . n 
A 1 20  ARG 20  20  20  ARG ARG A . n 
A 1 21  HIS 21  21  21  HIS HIS A . n 
A 1 22  LEU 22  22  22  LEU LEU A . n 
A 1 23  ALA 23  23  23  ALA ALA A . n 
A 1 24  THR 24  24  24  THR THR A . n 
A 1 25  HIS 25  25  25  HIS HIS A . n 
A 1 26  ASN 26  26  26  ASN ASN A . n 
A 1 27  ASP 27  27  27  ASP ASP A . n 
A 1 28  TRP 28  28  28  TRP TRP A . n 
A 1 29  ALA 29  29  29  ALA ALA A . n 
A 1 30  ASN 30  30  30  ASN ASN A . n 
A 1 31  LEU 31  31  31  LEU LEU A . n 
A 1 32  VAL 32  32  32  VAL VAL A . n 
A 1 33  TRP 33  33  33  TRP TRP A . n 
A 1 34  GLU 34  34  34  GLU GLU A . n 
A 1 35  ASP 35  35  35  ASP ASP A . n 
A 1 36  SER 36  36  36  SER SER A . n 
A 1 37  SER 37  37  37  SER SER A . n 
A 1 38  ARG 38  38  38  ARG ARG A . n 
A 1 39  ASP 39  39  39  ASP ASP A . n 
A 1 40  LEU 40  40  40  LEU LEU A . n 
A 1 41  LEU 41  41  41  LEU LEU A . n 
A 1 42  VAL 42  42  42  VAL VAL A . n 
A 1 43  SER 43  43  43  SER SER A . n 
A 1 44  SER 44  44  44  SER SER A . n 
A 1 45  THR 45  45  45  THR THR A . n 
A 1 46  THR 46  46  46  THR THR A . n 
A 1 47  ALA 47  47  47  ALA ALA A . n 
A 1 48  GLN 48  48  48  GLN GLN A . n 
A 1 49  GLY 49  49  49  GLY GLY A . n 
A 1 50  CYS 50  50  50  CYS CYS A . n 
A 1 51  ASP 51  51  51  ASP ASP A . n 
A 1 52  THR 52  52  52  THR THR A . n 
A 1 53  ILE 53  53  53  ILE ILE A . n 
A 1 54  ALA 54  54  54  ALA ALA A . n 
A 1 55  ARG 55  55  55  ARG ARG A . n 
A 1 56  CYS 56  56  56  CYS CYS A . n 
A 1 57  ASP 57  57  57  ASP ASP A . n 
A 1 58  CYS 58  58  58  CYS CYS A . n 
A 1 59  GLN 59  59  59  GLN GLN A . n 
A 1 60  THR 60  60  60  THR THR A . n 
A 1 61  GLY 61  61  61  GLY GLY A . n 
A 1 62  VAL 62  62  62  VAL VAL A . n 
A 1 63  TYR 63  63  63  TYR TYR A . n 
A 1 64  TYR 64  64  64  TYR TYR A . n 
A 1 65  CYS 65  65  65  CYS CYS A . n 
A 1 66  SER 66  66  66  SER SER A . n 
A 1 67  SER 67  67  67  SER SER A . n 
A 1 68  ARG 68  68  68  ARG ARG A . n 
A 1 69  ARG 69  69  69  ARG ARG A . n 
A 1 70  LYS 70  70  70  LYS LYS A . n 
A 1 71  HIS 71  71  71  HIS HIS A . n 
A 1 72  TYR 72  72  72  TYR TYR A . n 
A 1 73  PRO 73  73  73  PRO PRO A . n 
A 1 74  VAL 74  74  74  VAL VAL A . n 
A 1 75  SER 75  75  75  SER SER A . n 
A 1 76  PHE 76  76  76  PHE PHE A . n 
A 1 77  SER 77  77  77  SER SER A . n 
A 1 78  LYS 78  78  78  LYS LYS A . n 
A 1 79  PRO 79  79  79  PRO PRO A . n 
A 1 80  SER 80  80  80  SER SER A . n 
A 1 81  LEU 81  81  81  LEU LEU A . n 
A 1 82  ILE 82  82  82  ILE ILE A . n 
A 1 83  PHE 83  83  83  PHE PHE A . n 
A 1 84  VAL 84  84  84  VAL VAL A . n 
A 1 85  GLU 85  85  85  GLU GLU A . n 
A 1 86  ALA 86  86  86  ALA ALA A . n 
A 1 87  SER 87  87  87  SER SER A . n 
A 1 88  GLU 88  88  88  GLU GLU A . n 
A 1 89  TYR 89  89  89  TYR TYR A . n 
A 1 90  TYR 90  90  90  TYR TYR A . n 
A 1 91  PRO 91  91  91  PRO PRO A . n 
A 1 92  ALA 92  92  92  ALA ALA A . n 
A 1 93  ARG 93  93  93  ARG ARG A . n 
A 1 94  TYR 94  94  94  TYR TYR A . n 
A 1 95  GLN 95  95  95  GLN GLN A . n 
A 1 96  SER 96  96  96  SER SER A . n 
A 1 97  HIS 97  97  97  HIS HIS A . n 
A 1 98  LEU 98  98  98  LEU LEU A . n 
A 1 99  MET 99  99  99  MET MET A . n 
A 1 100 LEU 100 100 100 LEU LEU A . n 
A 1 101 ALA 101 101 101 ALA ALA A . n 
A 1 102 VAL 102 102 102 VAL VAL A . n 
A 1 103 GLY 103 103 103 GLY GLY A . n 
A 1 104 HIS 104 104 104 HIS HIS A . n 
A 1 105 SER 105 105 105 SER SER A . n 
A 1 106 GLU 106 106 106 GLU GLU A . n 
A 1 107 PRO 107 107 107 PRO PRO A . n 
A 1 108 GLY 108 108 108 GLY GLY A . n 
A 1 109 ASP 109 109 109 ASP ASP A . n 
A 1 110 CYS 110 110 110 CYS CYS A . n 
A 1 111 GLY 111 111 111 GLY GLY A . n 
A 1 112 GLY 112 112 112 GLY GLY A . n 
A 1 113 ILE 113 113 113 ILE ILE A . n 
A 1 114 LEU 114 114 114 LEU LEU A . n 
A 1 115 ARG 115 115 115 ARG ARG A . n 
A 1 116 CYS 116 116 116 CYS CYS A . n 
A 1 117 GLN 117 117 117 GLN GLN A . n 
A 1 118 HIS 118 118 118 HIS HIS A . n 
A 1 119 GLY 119 119 119 GLY GLY A . n 
A 1 120 VAL 120 120 120 VAL VAL A . n 
A 1 121 VAL 121 121 121 VAL VAL A . n 
A 1 122 GLY 122 122 122 GLY GLY A . n 
A 1 123 ILE 123 123 123 ILE ILE A . n 
A 1 124 VAL 124 124 124 VAL VAL A . n 
A 1 125 SER 125 125 125 SER SER A . n 
A 1 126 THR 126 126 126 THR THR A . n 
A 1 127 GLY 127 127 127 GLY GLY A . n 
A 1 128 GLY 128 128 128 GLY GLY A . n 
A 1 129 ASN 129 129 129 ASN ASN A . n 
A 1 130 GLY 130 130 130 GLY GLY A . n 
A 1 131 LEU 131 131 131 LEU LEU A . n 
A 1 132 VAL 132 132 132 VAL VAL A . n 
A 1 133 GLY 133 133 133 GLY GLY A . n 
A 1 134 PHE 134 134 134 PHE PHE A . n 
A 1 135 ALA 135 135 135 ALA ALA A . n 
A 1 136 ASP 136 136 136 ASP ASP A . n 
A 1 137 VAL 137 137 137 VAL VAL A . n 
A 1 138 ARG 138 138 138 ARG ARG A . n 
A 1 139 ASP 139 139 139 ASP ASP A . n 
A 1 140 LEU 140 140 140 LEU LEU A . n 
A 1 141 LEU 141 141 141 LEU LEU A . n 
A 1 142 TRP 142 142 142 TRP TRP A . n 
A 1 143 LEU 143 143 143 LEU LEU A . n 
A 1 144 ASP 144 144 144 ASP ASP A . n 
A 1 145 GLU 145 145 145 GLU GLU A . n 
A 1 146 GLU 146 146 146 GLU GLU A . n 
A 1 147 ALA 147 147 ?   ?   ?   A . n 
A 1 148 MET 148 148 ?   ?   ?   A . n 
A 1 149 GLU 149 149 ?   ?   ?   A . n 
A 1 150 GLN 150 150 ?   ?   ?   A . n 
# 
loop_
_pdbx_nonpoly_scheme.asym_id 
_pdbx_nonpoly_scheme.entity_id 
_pdbx_nonpoly_scheme.mon_id 
_pdbx_nonpoly_scheme.ndb_seq_num 
_pdbx_nonpoly_scheme.pdb_seq_num 
_pdbx_nonpoly_scheme.auth_seq_num 
_pdbx_nonpoly_scheme.pdb_mon_id 
_pdbx_nonpoly_scheme.auth_mon_id 
_pdbx_nonpoly_scheme.pdb_strand_id 
_pdbx_nonpoly_scheme.pdb_ins_code 
B 2 LGA 1   201 147 LGA LIG A . 
C 2 LGA 1   202 201 LGA LIG A . 
D 3 ZN  1   203 1   ZN  ZN  A . 
E 4 DMS 1   204 0   DMS DMS A . 
F 4 DMS 1   205 1   DMS DMS A . 
G 4 DMS 1   206 3   DMS DMS A . 
H 4 DMS 1   207 6   DMS DMS A . 
I 5 SO4 1   208 1   SO4 SO4 A . 
J 6 HOH 1   301 70  HOH HOH A . 
J 6 HOH 2   302 3   HOH HOH A . 
J 6 HOH 3   303 219 HOH HOH A . 
J 6 HOH 4   304 182 HOH HOH A . 
J 6 HOH 5   305 72  HOH HOH A . 
J 6 HOH 6   306 36  HOH HOH A . 
J 6 HOH 7   307 77  HOH HOH A . 
J 6 HOH 8   308 180 HOH HOH A . 
J 6 HOH 9   309 116 HOH HOH A . 
J 6 HOH 10  310 34  HOH HOH A . 
J 6 HOH 11  311 148 HOH HOH A . 
J 6 HOH 12  312 186 HOH HOH A . 
J 6 HOH 13  313 103 HOH HOH A . 
J 6 HOH 14  314 253 HOH HOH A . 
J 6 HOH 15  315 26  HOH HOH A . 
J 6 HOH 16  316 191 HOH HOH A . 
J 6 HOH 17  317 181 HOH HOH A . 
J 6 HOH 18  318 39  HOH HOH A . 
J 6 HOH 19  319 41  HOH HOH A . 
J 6 HOH 20  320 137 HOH HOH A . 
J 6 HOH 21  321 216 HOH HOH A . 
J 6 HOH 22  322 68  HOH HOH A . 
J 6 HOH 23  323 59  HOH HOH A . 
J 6 HOH 24  324 79  HOH HOH A . 
J 6 HOH 25  325 220 HOH HOH A . 
J 6 HOH 26  326 49  HOH HOH A . 
J 6 HOH 27  327 133 HOH HOH A . 
J 6 HOH 28  328 46  HOH HOH A . 
J 6 HOH 29  329 4   HOH HOH A . 
J 6 HOH 30  330 249 HOH HOH A . 
J 6 HOH 31  331 109 HOH HOH A . 
J 6 HOH 32  332 111 HOH HOH A . 
J 6 HOH 33  333 67  HOH HOH A . 
J 6 HOH 34  334 107 HOH HOH A . 
J 6 HOH 35  335 234 HOH HOH A . 
J 6 HOH 36  336 144 HOH HOH A . 
J 6 HOH 37  337 173 HOH HOH A . 
J 6 HOH 38  338 28  HOH HOH A . 
J 6 HOH 39  339 37  HOH HOH A . 
J 6 HOH 40  340 21  HOH HOH A . 
J 6 HOH 41  341 60  HOH HOH A . 
J 6 HOH 42  342 104 HOH HOH A . 
J 6 HOH 43  343 97  HOH HOH A . 
J 6 HOH 44  344 161 HOH HOH A . 
J 6 HOH 45  345 152 HOH HOH A . 
J 6 HOH 46  346 254 HOH HOH A . 
J 6 HOH 47  347 124 HOH HOH A . 
J 6 HOH 48  348 30  HOH HOH A . 
J 6 HOH 49  349 7   HOH HOH A . 
J 6 HOH 50  350 141 HOH HOH A . 
J 6 HOH 51  351 215 HOH HOH A . 
J 6 HOH 52  352 226 HOH HOH A . 
J 6 HOH 53  353 16  HOH HOH A . 
J 6 HOH 54  354 29  HOH HOH A . 
J 6 HOH 55  355 53  HOH HOH A . 
J 6 HOH 56  356 24  HOH HOH A . 
J 6 HOH 57  357 81  HOH HOH A . 
J 6 HOH 58  358 167 HOH HOH A . 
J 6 HOH 59  359 2   HOH HOH A . 
J 6 HOH 60  360 179 HOH HOH A . 
J 6 HOH 61  361 12  HOH HOH A . 
J 6 HOH 62  362 112 HOH HOH A . 
J 6 HOH 63  363 198 HOH HOH A . 
J 6 HOH 64  364 168 HOH HOH A . 
J 6 HOH 65  365 88  HOH HOH A . 
J 6 HOH 66  366 27  HOH HOH A . 
J 6 HOH 67  367 33  HOH HOH A . 
J 6 HOH 68  368 9   HOH HOH A . 
J 6 HOH 69  369 43  HOH HOH A . 
J 6 HOH 70  370 106 HOH HOH A . 
J 6 HOH 71  371 147 HOH HOH A . 
J 6 HOH 72  372 178 HOH HOH A . 
J 6 HOH 73  373 35  HOH HOH A . 
J 6 HOH 74  374 82  HOH HOH A . 
J 6 HOH 75  375 48  HOH HOH A . 
J 6 HOH 76  376 63  HOH HOH A . 
J 6 HOH 77  377 19  HOH HOH A . 
J 6 HOH 78  378 211 HOH HOH A . 
J 6 HOH 79  379 66  HOH HOH A . 
J 6 HOH 80  380 248 HOH HOH A . 
J 6 HOH 81  381 84  HOH HOH A . 
J 6 HOH 82  382 96  HOH HOH A . 
J 6 HOH 83  383 126 HOH HOH A . 
J 6 HOH 84  384 45  HOH HOH A . 
J 6 HOH 85  385 50  HOH HOH A . 
J 6 HOH 86  386 162 HOH HOH A . 
J 6 HOH 87  387 25  HOH HOH A . 
J 6 HOH 88  388 100 HOH HOH A . 
J 6 HOH 89  389 169 HOH HOH A . 
J 6 HOH 90  390 121 HOH HOH A . 
J 6 HOH 91  391 18  HOH HOH A . 
J 6 HOH 92  392 155 HOH HOH A . 
J 6 HOH 93  393 132 HOH HOH A . 
J 6 HOH 94  394 174 HOH HOH A . 
J 6 HOH 95  395 90  HOH HOH A . 
J 6 HOH 96  396 93  HOH HOH A . 
J 6 HOH 97  397 55  HOH HOH A . 
J 6 HOH 98  398 58  HOH HOH A . 
J 6 HOH 99  399 120 HOH HOH A . 
J 6 HOH 100 400 17  HOH HOH A . 
J 6 HOH 101 401 15  HOH HOH A . 
J 6 HOH 102 402 5   HOH HOH A . 
J 6 HOH 103 403 210 HOH HOH A . 
J 6 HOH 104 404 146 HOH HOH A . 
J 6 HOH 105 405 42  HOH HOH A . 
J 6 HOH 106 406 62  HOH HOH A . 
J 6 HOH 107 407 78  HOH HOH A . 
J 6 HOH 108 408 54  HOH HOH A . 
J 6 HOH 109 409 8   HOH HOH A . 
J 6 HOH 110 410 71  HOH HOH A . 
J 6 HOH 111 411 119 HOH HOH A . 
J 6 HOH 112 412 176 HOH HOH A . 
J 6 HOH 113 413 61  HOH HOH A . 
J 6 HOH 114 414 31  HOH HOH A . 
J 6 HOH 115 415 64  HOH HOH A . 
J 6 HOH 116 416 138 HOH HOH A . 
J 6 HOH 117 417 102 HOH HOH A . 
J 6 HOH 118 418 237 HOH HOH A . 
J 6 HOH 119 419 38  HOH HOH A . 
J 6 HOH 120 420 203 HOH HOH A . 
J 6 HOH 121 421 105 HOH HOH A . 
J 6 HOH 122 422 14  HOH HOH A . 
J 6 HOH 123 423 142 HOH HOH A . 
J 6 HOH 124 424 76  HOH HOH A . 
J 6 HOH 125 425 214 HOH HOH A . 
J 6 HOH 126 426 20  HOH HOH A . 
J 6 HOH 127 427 52  HOH HOH A . 
J 6 HOH 128 428 205 HOH HOH A . 
J 6 HOH 129 429 51  HOH HOH A . 
J 6 HOH 130 430 95  HOH HOH A . 
J 6 HOH 131 431 11  HOH HOH A . 
J 6 HOH 132 432 123 HOH HOH A . 
J 6 HOH 133 433 69  HOH HOH A . 
J 6 HOH 134 434 197 HOH HOH A . 
J 6 HOH 135 435 80  HOH HOH A . 
J 6 HOH 136 436 113 HOH HOH A . 
J 6 HOH 137 437 204 HOH HOH A . 
J 6 HOH 138 438 118 HOH HOH A . 
J 6 HOH 139 439 245 HOH HOH A . 
J 6 HOH 140 440 10  HOH HOH A . 
J 6 HOH 141 441 47  HOH HOH A . 
J 6 HOH 142 442 89  HOH HOH A . 
J 6 HOH 143 443 13  HOH HOH A . 
J 6 HOH 144 444 192 HOH HOH A . 
J 6 HOH 145 445 98  HOH HOH A . 
J 6 HOH 146 446 23  HOH HOH A . 
J 6 HOH 147 447 200 HOH HOH A . 
J 6 HOH 148 448 156 HOH HOH A . 
J 6 HOH 149 449 159 HOH HOH A . 
J 6 HOH 150 450 6   HOH HOH A . 
J 6 HOH 151 451 128 HOH HOH A . 
J 6 HOH 152 452 233 HOH HOH A . 
J 6 HOH 153 453 110 HOH HOH A . 
J 6 HOH 154 454 230 HOH HOH A . 
J 6 HOH 155 455 212 HOH HOH A . 
J 6 HOH 156 456 165 HOH HOH A . 
J 6 HOH 157 457 250 HOH HOH A . 
J 6 HOH 158 458 170 HOH HOH A . 
J 6 HOH 159 459 91  HOH HOH A . 
J 6 HOH 160 460 251 HOH HOH A . 
J 6 HOH 161 461 117 HOH HOH A . 
J 6 HOH 162 462 74  HOH HOH A . 
J 6 HOH 163 463 231 HOH HOH A . 
J 6 HOH 164 464 213 HOH HOH A . 
J 6 HOH 165 465 101 HOH HOH A . 
J 6 HOH 166 466 171 HOH HOH A . 
J 6 HOH 167 467 22  HOH HOH A . 
J 6 HOH 168 468 140 HOH HOH A . 
J 6 HOH 169 469 158 HOH HOH A . 
J 6 HOH 170 470 157 HOH HOH A . 
J 6 HOH 171 471 228 HOH HOH A . 
J 6 HOH 172 472 175 HOH HOH A . 
J 6 HOH 173 473 65  HOH HOH A . 
J 6 HOH 174 474 201 HOH HOH A . 
J 6 HOH 175 475 154 HOH HOH A . 
J 6 HOH 176 476 87  HOH HOH A . 
J 6 HOH 177 477 135 HOH HOH A . 
J 6 HOH 178 478 232 HOH HOH A . 
J 6 HOH 179 479 207 HOH HOH A . 
J 6 HOH 180 480 256 HOH HOH A . 
J 6 HOH 181 481 189 HOH HOH A . 
J 6 HOH 182 482 255 HOH HOH A . 
J 6 HOH 183 483 134 HOH HOH A . 
J 6 HOH 184 484 99  HOH HOH A . 
J 6 HOH 185 485 252 HOH HOH A . 
J 6 HOH 186 486 172 HOH HOH A . 
J 6 HOH 187 487 86  HOH HOH A . 
J 6 HOH 188 488 83  HOH HOH A . 
J 6 HOH 189 489 221 HOH HOH A . 
J 6 HOH 190 490 122 HOH HOH A . 
J 6 HOH 191 491 240 HOH HOH A . 
J 6 HOH 192 492 32  HOH HOH A . 
J 6 HOH 193 493 85  HOH HOH A . 
J 6 HOH 194 494 242 HOH HOH A . 
J 6 HOH 195 495 73  HOH HOH A . 
J 6 HOH 196 496 202 HOH HOH A . 
J 6 HOH 197 497 229 HOH HOH A . 
J 6 HOH 198 498 209 HOH HOH A . 
J 6 HOH 199 499 218 HOH HOH A . 
J 6 HOH 200 500 208 HOH HOH A . 
J 6 HOH 201 501 153 HOH HOH A . 
J 6 HOH 202 502 56  HOH HOH A . 
J 6 HOH 203 503 241 HOH HOH A . 
J 6 HOH 204 504 206 HOH HOH A . 
J 6 HOH 205 505 75  HOH HOH A . 
J 6 HOH 206 506 114 HOH HOH A . 
J 6 HOH 207 507 199 HOH HOH A . 
J 6 HOH 208 508 222 HOH HOH A . 
J 6 HOH 209 509 151 HOH HOH A . 
J 6 HOH 210 510 92  HOH HOH A . 
J 6 HOH 211 511 125 HOH HOH A . 
J 6 HOH 212 512 164 HOH HOH A . 
J 6 HOH 213 513 244 HOH HOH A . 
# 
loop_
_software.classification 
_software.name 
_software.version 
_software.citation_id 
_software.pdbx_ordinal 
refinement       REFMAC  5.8.0267 ? 1 
refinement       REFMAC5 .        ? 2 
'data scaling'   Aimless .        ? 3 
phasing          PHASER  .        ? 4 
'data reduction' XDS     .        ? 5 
# 
_cell.entry_id           7H4P 
_cell.length_a           85.752 
_cell.length_b           56.559 
_cell.length_c           32.365 
_cell.angle_alpha        90.00 
_cell.angle_beta         94.71 
_cell.angle_gamma        90.00 
_cell.Z_PDB              4 
_cell.pdbx_unique_axis   ? 
# 
_symmetry.entry_id                         7H4P 
_symmetry.space_group_name_H-M             'C 1 2 1' 
_symmetry.pdbx_full_space_group_name_H-M   ? 
_symmetry.cell_setting                     ? 
_symmetry.Int_Tables_number                5 
# 
_exptl.entry_id          7H4P 
_exptl.method            'X-RAY DIFFRACTION' 
_exptl.crystals_number   1 
# 
_exptl_crystal.id                    1 
_exptl_crystal.density_meas          ? 
_exptl_crystal.density_Matthews      2.37 
_exptl_crystal.density_percent_sol   48.13 
_exptl_crystal.description           ? 
# 
_exptl_crystal_grow.crystal_id      1 
_exptl_crystal_grow.method          'VAPOR DIFFUSION, SITTING DROP' 
_exptl_crystal_grow.pH              6.05 
_exptl_crystal_grow.temp            293.15 
_exptl_crystal_grow.pdbx_details    '0.1 M MES, pH 6.05, 16 % PEG 20,000' 
_exptl_crystal_grow.temp_details    ? 
_exptl_crystal_grow.pdbx_pH_range   ? 
# 
_diffrn.id                     1 
_diffrn.ambient_temp           100 
_diffrn.crystal_id             1 
_diffrn.ambient_temp_details   ? 
# 
_diffrn_detector.detector               PIXEL 
_diffrn_detector.type                   'DECTRIS EIGER2 XE 16M' 
_diffrn_detector.pdbx_collection_date   2023-12-03 
_diffrn_detector.diffrn_id              1 
_diffrn_detector.details                ? 
# 
_diffrn_radiation.diffrn_id                        1 
_diffrn_radiation.wavelength_id                    1 
_diffrn_radiation.pdbx_diffrn_protocol             'SINGLE WAVELENGTH' 
_diffrn_radiation.pdbx_monochromatic_or_laue_m_l   ? 
_diffrn_radiation.monochromator                    ? 
_diffrn_radiation.pdbx_scattering_type             x-ray 
# 
_diffrn_radiation_wavelength.id           1 
_diffrn_radiation_wavelength.wavelength   0.94054 
_diffrn_radiation_wavelength.wt           1.0 
# 
_diffrn_source.diffrn_id                   1 
_diffrn_source.source                      SYNCHROTRON 
_diffrn_source.type                        'DIAMOND BEAMLINE I03' 
_diffrn_source.pdbx_wavelength_list        0.94054 
_diffrn_source.pdbx_synchrotron_site       Diamond 
_diffrn_source.pdbx_synchrotron_beamline   I03 
_diffrn_source.pdbx_wavelength             ? 
# 
_reflns.entry_id                     7H4P 
_reflns.pdbx_diffrn_id               1 
_reflns.pdbx_ordinal                 1 
_reflns.d_resolution_low             47.16 
_reflns.d_resolution_high            1.11 
_reflns.number_obs                   58605 
_reflns.percent_possible_obs         96.5 
_reflns.pdbx_Rmerge_I_obs            0.079 
_reflns.pdbx_netI_over_sigmaI        12.0 
_reflns.pdbx_redundancy              6.6 
_reflns.pdbx_Rrim_I_all              0.085 
_reflns.pdbx_Rpim_I_all              0.032 
_reflns.pdbx_CC_half                 0.999 
_reflns.pdbx_number_measured_all     389603 
_reflns.pdbx_chi_squared             0.80 
_reflns.observed_criterion_sigma_I   ? 
_reflns.observed_criterion_sigma_F   ? 
_reflns.number_all                   ? 
_reflns.pdbx_Rsym_value              ? 
_reflns.B_iso_Wilson_estimate        ? 
# 
_reflns_shell.pdbx_diffrn_id              1 
_reflns_shell.pdbx_ordinal                1 
_reflns_shell.d_res_high                  1.11 
_reflns_shell.d_res_low                   1.13 
_reflns_shell.number_measured_all         9663 
_reflns_shell.number_unique_obs           2084 
_reflns_shell.Rmerge_I_obs                1.883 
_reflns_shell.pdbx_chi_squared            0.34 
_reflns_shell.pdbx_redundancy             4.6 
_reflns_shell.percent_possible_obs        70.1 
_reflns_shell.pdbx_netI_over_sigmaI_obs   0.5 
_reflns_shell.pdbx_Rrim_I_all             2.120 
_reflns_shell.pdbx_Rpim_I_all             0.954 
_reflns_shell.pdbx_CC_half                0.324 
_reflns_shell.percent_possible_all        ? 
_reflns_shell.pdbx_Rsym_value             ? 
_reflns_shell.meanI_over_sigI_obs         ? 
# 
_refine.pdbx_refine_id                           'X-RAY DIFFRACTION' 
_refine.entry_id                                 7H4P 
_refine.pdbx_diffrn_id                           1 
_refine.pdbx_TLS_residual_ADP_flag               ? 
_refine.ls_number_reflns_obs                     55630 
_refine.ls_number_reflns_all                     ? 
_refine.pdbx_ls_sigma_I                          ? 
_refine.pdbx_ls_sigma_F                          ? 
_refine.pdbx_data_cutoff_high_absF               ? 
_refine.pdbx_data_cutoff_low_absF                ? 
_refine.pdbx_data_cutoff_high_rms_absF           ? 
_refine.ls_d_res_low                             47.17 
_refine.ls_d_res_high                            1.11 
_refine.ls_percent_reflns_obs                    96.20 
_refine.ls_R_factor_obs                          0.19195 
_refine.ls_R_factor_all                          ? 
_refine.ls_R_factor_R_work                       0.19096 
_refine.ls_R_factor_R_free                       0.21026 
_refine.ls_R_factor_R_free_error                 ? 
_refine.ls_R_factor_R_free_error_details         ? 
_refine.ls_percent_reflns_R_free                 4.9 
_refine.ls_number_reflns_R_free                  2860 
_refine.ls_number_parameters                     ? 
_refine.ls_number_restraints                     ? 
_refine.occupancy_min                            ? 
_refine.occupancy_max                            ? 
_refine.correlation_coeff_Fo_to_Fc               0.973 
_refine.correlation_coeff_Fo_to_Fc_free          0.967 
_refine.B_iso_mean                               18.914 
_refine.aniso_B[1][1]                            -0.06 
_refine.aniso_B[2][2]                            0.56 
_refine.aniso_B[3][3]                            -0.43 
_refine.aniso_B[1][2]                            -0.00 
_refine.aniso_B[1][3]                            -0.36 
_refine.aniso_B[2][3]                            0.00 
_refine.solvent_model_details                    MASK 
_refine.solvent_model_param_ksol                 ? 
_refine.solvent_model_param_bsol                 ? 
_refine.pdbx_solvent_vdw_probe_radii             1.20 
_refine.pdbx_solvent_ion_probe_radii             0.80 
_refine.pdbx_solvent_shrinkage_radii             0.80 
_refine.pdbx_ls_cross_valid_method               THROUGHOUT 
_refine.details                                  'HYDROGENS HAVE BEEN ADDED IN THE RIDING POSITIONS' 
_refine.pdbx_starting_model                      ? 
_refine.pdbx_method_to_determine_struct          'MOLECULAR REPLACEMENT' 
_refine.pdbx_isotropic_thermal_model             ? 
_refine.pdbx_stereochemistry_target_values       'MAXIMUM LIKELIHOOD' 
_refine.pdbx_stereochem_target_val_spec_case     ? 
_refine.pdbx_R_Free_selection_details            RANDOM 
_refine.pdbx_overall_ESU_R                       0.039 
_refine.pdbx_overall_ESU_R_Free                  0.040 
_refine.overall_SU_ML                            0.044 
_refine.pdbx_overall_phase_error                 ? 
_refine.overall_SU_B                             1.007 
_refine.overall_SU_R_Cruickshank_DPI             ? 
_refine.pdbx_overall_SU_R_free_Cruickshank_DPI   ? 
_refine.pdbx_overall_SU_R_Blow_DPI               ? 
_refine.pdbx_overall_SU_R_free_Blow_DPI          ? 
# 
_refine_hist.pdbx_refine_id                   'X-RAY DIFFRACTION' 
_refine_hist.cycle_id                         1 
_refine_hist.pdbx_number_atoms_protein        1083 
_refine_hist.pdbx_number_atoms_nucleic_acid   0 
_refine_hist.pdbx_number_atoms_ligand         36 
_refine_hist.number_atoms_solvent             213 
_refine_hist.number_atoms_total               1332 
_refine_hist.d_res_high                       1.11 
_refine_hist.d_res_low                        47.17 
# 
loop_
_refine_ls_restr.type 
_refine_ls_restr.dev_ideal 
_refine_ls_restr.dev_ideal_target 
_refine_ls_restr.weight 
_refine_ls_restr.number 
_refine_ls_restr.pdbx_refine_id 
_refine_ls_restr.pdbx_restraint_function 
r_bond_refined_d             0.012  0.014  ? 1489 'X-RAY DIFFRACTION' ? 
r_bond_other_d               0.001  0.014  ? 1186 'X-RAY DIFFRACTION' ? 
r_angle_refined_deg          1.706  1.610  ? 1789 'X-RAY DIFFRACTION' ? 
r_angle_other_deg            1.434  1.598  ? 2712 'X-RAY DIFFRACTION' ? 
r_dihedral_angle_1_deg       6.863  5.000  ? 169  'X-RAY DIFFRACTION' ? 
r_dihedral_angle_2_deg       32.983 20.423 ? 71   'X-RAY DIFFRACTION' ? 
r_dihedral_angle_3_deg       11.658 15.000 ? 196  'X-RAY DIFFRACTION' ? 
r_dihedral_angle_4_deg       21.653 15.000 ? 12   'X-RAY DIFFRACTION' ? 
r_chiral_restr               0.085  0.200  ? 158  'X-RAY DIFFRACTION' ? 
r_gen_planes_refined         0.009  0.020  ? 1692 'X-RAY DIFFRACTION' ? 
r_gen_planes_other           0.002  0.020  ? 344  'X-RAY DIFFRACTION' ? 
r_nbd_refined                ?      ?      ? ?    'X-RAY DIFFRACTION' ? 
r_nbd_other                  ?      ?      ? ?    'X-RAY DIFFRACTION' ? 
r_nbtor_refined              ?      ?      ? ?    'X-RAY DIFFRACTION' ? 
r_nbtor_other                ?      ?      ? ?    'X-RAY DIFFRACTION' ? 
r_xyhbond_nbd_refined        ?      ?      ? ?    'X-RAY DIFFRACTION' ? 
r_xyhbond_nbd_other          ?      ?      ? ?    'X-RAY DIFFRACTION' ? 
r_metal_ion_refined          ?      ?      ? ?    'X-RAY DIFFRACTION' ? 
r_metal_ion_other            ?      ?      ? ?    'X-RAY DIFFRACTION' ? 
r_symmetry_vdw_refined       ?      ?      ? ?    'X-RAY DIFFRACTION' ? 
r_symmetry_vdw_other         ?      ?      ? ?    'X-RAY DIFFRACTION' ? 
r_symmetry_hbond_refined     ?      ?      ? ?    'X-RAY DIFFRACTION' ? 
r_symmetry_hbond_other       ?      ?      ? ?    'X-RAY DIFFRACTION' ? 
r_symmetry_metal_ion_refined ?      ?      ? ?    'X-RAY DIFFRACTION' ? 
r_symmetry_metal_ion_other   ?      ?      ? ?    'X-RAY DIFFRACTION' ? 
r_mcbond_it                  1.429  1.795  ? 751  'X-RAY DIFFRACTION' ? 
r_mcbond_other               1.469  1.637  ? 710  'X-RAY DIFFRACTION' ? 
r_mcangle_it                 2.301  2.429  ? 823  'X-RAY DIFFRACTION' ? 
r_mcangle_other              2.300  2.428  ? 824  'X-RAY DIFFRACTION' ? 
r_scbond_it                  1.874  1.956  ? 736  'X-RAY DIFFRACTION' ? 
r_scbond_other               1.861  1.932  ? 735  'X-RAY DIFFRACTION' ? 
r_scangle_it                 ?      ?      ? ?    'X-RAY DIFFRACTION' ? 
r_scangle_other              2.801  2.786  ? 961  'X-RAY DIFFRACTION' ? 
r_long_range_B_refined       8.541  24.059 ? 1601 'X-RAY DIFFRACTION' ? 
r_long_range_B_other         8.538  24.109 ? 1602 'X-RAY DIFFRACTION' ? 
r_rigid_bond_restr           ?      ?      ? ?    'X-RAY DIFFRACTION' ? 
r_sphericity_free            ?      ?      ? ?    'X-RAY DIFFRACTION' ? 
r_sphericity_bonded          ?      ?      ? ?    'X-RAY DIFFRACTION' ? 
# 
_refine_ls_shell.pdbx_refine_id                   'X-RAY DIFFRACTION' 
_refine_ls_shell.pdbx_total_number_of_bins_used   20 
_refine_ls_shell.d_res_high                       1.110 
_refine_ls_shell.d_res_low                        1.139 
_refine_ls_shell.number_reflns_R_work             2945 
_refine_ls_shell.R_factor_R_work                  0.366 
_refine_ls_shell.percent_reflns_obs               70.17 
_refine_ls_shell.R_factor_R_free                  0.362 
_refine_ls_shell.R_factor_R_free_error            ? 
_refine_ls_shell.percent_reflns_R_free            ? 
_refine_ls_shell.number_reflns_R_free             179 
_refine_ls_shell.number_reflns_all                ? 
_refine_ls_shell.R_factor_all                     ? 
# 
_struct.entry_id                  7H4P 
_struct.title                     
;Group deposition for crystallographic fragment screening of Coxsackievirus A16 (G-10) 2A protease -- Crystal structure of Coxsackievirus A16 (G-10) 2A protease in complex with Z1741968196 (A71EV2A-x1068)
;
_struct.pdbx_model_details        ? 
_struct.pdbx_CASP_flag            ? 
_struct.pdbx_model_type_details   ? 
# 
_struct_keywords.entry_id        7H4P 
_struct_keywords.pdbx_keywords   HYDROLASE 
_struct_keywords.text            
;Diamond Light Source, I03, ASAP, Coxsackievirus A16, crystallographic fragment screening, PanDDA, Pandda2, XChemExplorer, viral protein, HYDROLASE
;
# 
loop_
_struct_asym.id 
_struct_asym.pdbx_blank_PDB_chainid_flag 
_struct_asym.pdbx_modified 
_struct_asym.entity_id 
_struct_asym.details 
A N N 1 ? 
B N N 2 ? 
C N N 2 ? 
D N N 3 ? 
E N N 4 ? 
F N N 4 ? 
G N N 4 ? 
H N N 4 ? 
I N N 5 ? 
J N N 6 ? 
# 
_struct_ref.id                         1 
_struct_ref.db_name                    UNP 
_struct_ref.db_code                    POLG_CX16G 
_struct_ref.pdbx_db_accession          Q65900 
_struct_ref.pdbx_db_isoform            ? 
_struct_ref.entity_id                  1 
_struct_ref.pdbx_seq_one_letter_code   
;SGAIYVGNYRVVNRHLATHNDWANLVWEDSSRDLLVSSTTAQGCDTIARCDCQTGVYYCSSRRKHYPVSFSKPSLIFVEA
SEYYPARYQSHLMLAVGHSEPGDCGGILRCQHGVVGIVSTGGNGLVGFADVRDLLWLDEEAMEQ
;
_struct_ref.pdbx_align_begin           869 
# 
_struct_ref_seq.align_id                      1 
_struct_ref_seq.ref_id                        1 
_struct_ref_seq.pdbx_PDB_id_code              7H4P 
_struct_ref_seq.pdbx_strand_id                A 
_struct_ref_seq.seq_align_beg                 7 
_struct_ref_seq.pdbx_seq_align_beg_ins_code   ? 
_struct_ref_seq.seq_align_end                 150 
_struct_ref_seq.pdbx_seq_align_end_ins_code   ? 
_struct_ref_seq.pdbx_db_accession             Q65900 
_struct_ref_seq.db_align_beg                  869 
_struct_ref_seq.pdbx_db_align_beg_ins_code    ? 
_struct_ref_seq.db_align_end                  1012 
_struct_ref_seq.pdbx_db_align_end_ins_code    ? 
_struct_ref_seq.pdbx_auth_seq_align_beg       7 
_struct_ref_seq.pdbx_auth_seq_align_end       150 
# 
loop_
_struct_ref_seq_dif.align_id 
_struct_ref_seq_dif.pdbx_pdb_id_code 
_struct_ref_seq_dif.mon_id 
_struct_ref_seq_dif.pdbx_pdb_strand_id 
_struct_ref_seq_dif.seq_num 
_struct_ref_seq_dif.pdbx_pdb_ins_code 
_struct_ref_seq_dif.pdbx_seq_db_name 
_struct_ref_seq_dif.pdbx_seq_db_accession_code 
_struct_ref_seq_dif.db_mon_id 
_struct_ref_seq_dif.pdbx_seq_db_seq_num 
_struct_ref_seq_dif.details 
_struct_ref_seq_dif.pdbx_auth_seq_num 
_struct_ref_seq_dif.pdbx_ordinal 
1 7H4P GLN A 1 ? UNP Q65900 ? ? 'expression tag' 1 1 
1 7H4P GLU A 2 ? UNP Q65900 ? ? 'expression tag' 2 2 
1 7H4P GLN A 3 ? UNP Q65900 ? ? 'expression tag' 3 3 
1 7H4P THR A 4 ? UNP Q65900 ? ? 'expression tag' 4 4 
1 7H4P GLY A 5 ? UNP Q65900 ? ? 'expression tag' 5 5 
1 7H4P GLY A 6 ? UNP Q65900 ? ? 'expression tag' 6 6 
# 
_pdbx_struct_assembly.id                   1 
_pdbx_struct_assembly.details              author_and_software_defined_assembly 
_pdbx_struct_assembly.method_details       PISA 
_pdbx_struct_assembly.oligomeric_details   monomeric 
_pdbx_struct_assembly.oligomeric_count     1 
# 
loop_
_pdbx_struct_assembly_prop.biol_id 
_pdbx_struct_assembly_prop.type 
_pdbx_struct_assembly_prop.value 
_pdbx_struct_assembly_prop.details 
1 'ABSA (A^2)' 630  ? 
1 MORE         -7   ? 
1 'SSA (A^2)'  7520 ? 
# 
_pdbx_struct_assembly_gen.assembly_id       1 
_pdbx_struct_assembly_gen.oper_expression   1 
_pdbx_struct_assembly_gen.asym_id_list      A,B,C,D,E,F,G,H,I,J 
# 
_pdbx_struct_oper_list.id                   1 
_pdbx_struct_oper_list.type                 'identity operation' 
_pdbx_struct_oper_list.name                 1_555 
_pdbx_struct_oper_list.symmetry_operation   x,y,z 
_pdbx_struct_oper_list.matrix[1][1]         1.0000000000 
_pdbx_struct_oper_list.matrix[1][2]         0.0000000000 
_pdbx_struct_oper_list.matrix[1][3]         0.0000000000 
_pdbx_struct_oper_list.vector[1]            0.0000000000 
_pdbx_struct_oper_list.matrix[2][1]         0.0000000000 
_pdbx_struct_oper_list.matrix[2][2]         1.0000000000 
_pdbx_struct_oper_list.matrix[2][3]         0.0000000000 
_pdbx_struct_oper_list.vector[2]            0.0000000000 
_pdbx_struct_oper_list.matrix[3][1]         0.0000000000 
_pdbx_struct_oper_list.matrix[3][2]         0.0000000000 
_pdbx_struct_oper_list.matrix[3][3]         1.0000000000 
_pdbx_struct_oper_list.vector[3]            0.0000000000 
# 
loop_
_struct_conf.conf_type_id 
_struct_conf.id 
_struct_conf.pdbx_PDB_helix_id 
_struct_conf.beg_label_comp_id 
_struct_conf.beg_label_asym_id 
_struct_conf.beg_label_seq_id 
_struct_conf.pdbx_beg_PDB_ins_code 
_struct_conf.end_label_comp_id 
_struct_conf.end_label_asym_id 
_struct_conf.end_label_seq_id 
_struct_conf.pdbx_end_PDB_ins_code 
_struct_conf.beg_auth_comp_id 
_struct_conf.beg_auth_asym_id 
_struct_conf.beg_auth_seq_id 
_struct_conf.end_auth_comp_id 
_struct_conf.end_auth_asym_id 
_struct_conf.end_auth_seq_id 
_struct_conf.pdbx_PDB_helix_class 
_struct_conf.details 
_struct_conf.pdbx_PDB_helix_length 
HELX_P HELX_P1 AA1 HIS A 21  ? ALA A 23  ? HIS A 21  ALA A 23  5 ? 3 
HELX_P HELX_P2 AA2 THR A 24  ? ASN A 30  ? THR A 24  ASN A 30  1 ? 7 
HELX_P HELX_P3 AA3 SER A 36  ? ARG A 38  ? SER A 36  ARG A 38  5 ? 3 
HELX_P HELX_P4 AA4 SER A 66  ? ARG A 69  ? SER A 66  ARG A 69  5 ? 4 
HELX_P HELX_P5 AA5 GLU A 106 ? CYS A 110 ? GLU A 106 CYS A 110 5 ? 5 
HELX_P HELX_P6 AA6 LEU A 140 ? GLU A 145 ? LEU A 140 GLU A 145 5 ? 6 
# 
_struct_conf_type.id          HELX_P 
_struct_conf_type.criteria    ? 
_struct_conf_type.reference   ? 
# 
loop_
_struct_conn.id 
_struct_conn.conn_type_id 
_struct_conn.pdbx_leaving_atom_flag 
_struct_conn.pdbx_PDB_id 
_struct_conn.ptnr1_label_asym_id 
_struct_conn.ptnr1_label_comp_id 
_struct_conn.ptnr1_label_seq_id 
_struct_conn.ptnr1_label_atom_id 
_struct_conn.pdbx_ptnr1_label_alt_id 
_struct_conn.pdbx_ptnr1_PDB_ins_code 
_struct_conn.pdbx_ptnr1_standard_comp_id 
_struct_conn.ptnr1_symmetry 
_struct_conn.ptnr2_label_asym_id 
_struct_conn.ptnr2_label_comp_id 
_struct_conn.ptnr2_label_seq_id 
_struct_conn.ptnr2_label_atom_id 
_struct_conn.pdbx_ptnr2_label_alt_id 
_struct_conn.pdbx_ptnr2_PDB_ins_code 
_struct_conn.ptnr1_auth_asym_id 
_struct_conn.ptnr1_auth_comp_id 
_struct_conn.ptnr1_auth_seq_id 
_struct_conn.ptnr2_auth_asym_id 
_struct_conn.ptnr2_auth_comp_id 
_struct_conn.ptnr2_auth_seq_id 
_struct_conn.ptnr2_symmetry 
_struct_conn.pdbx_ptnr3_label_atom_id 
_struct_conn.pdbx_ptnr3_label_seq_id 
_struct_conn.pdbx_ptnr3_label_comp_id 
_struct_conn.pdbx_ptnr3_label_asym_id 
_struct_conn.pdbx_ptnr3_label_alt_id 
_struct_conn.pdbx_ptnr3_PDB_ins_code 
_struct_conn.details 
_struct_conn.pdbx_dist_value 
_struct_conn.pdbx_value_order 
_struct_conn.pdbx_role 
metalc1 metalc ? ? A CYS 56  SG  ? ? ? 1_555 D ZN . ZN ? ? A CYS 56  A ZN 203 1_555 ? ? ? ? ? ? ? 2.347 ? ? 
metalc2 metalc ? ? A CYS 58  SG  ? ? ? 1_555 D ZN . ZN ? ? A CYS 58  A ZN 203 1_555 ? ? ? ? ? ? ? 2.315 ? ? 
metalc3 metalc ? ? A CYS 116 SG  ? ? ? 1_555 D ZN . ZN ? ? A CYS 116 A ZN 203 1_555 ? ? ? ? ? ? ? 2.277 ? ? 
metalc4 metalc ? ? A HIS 118 ND1 ? ? ? 1_555 D ZN . ZN ? ? A HIS 118 A ZN 203 1_555 ? ? ? ? ? ? ? 2.080 ? ? 
# 
_struct_conn_type.id          metalc 
_struct_conn_type.criteria    ? 
_struct_conn_type.reference   ? 
# 
loop_
_pdbx_struct_conn_angle.id 
_pdbx_struct_conn_angle.ptnr1_label_atom_id 
_pdbx_struct_conn_angle.ptnr1_label_alt_id 
_pdbx_struct_conn_angle.ptnr1_label_asym_id 
_pdbx_struct_conn_angle.ptnr1_label_comp_id 
_pdbx_struct_conn_angle.ptnr1_label_seq_id 
_pdbx_struct_conn_angle.ptnr1_auth_atom_id 
_pdbx_struct_conn_angle.ptnr1_auth_asym_id 
_pdbx_struct_conn_angle.ptnr1_auth_comp_id 
_pdbx_struct_conn_angle.ptnr1_auth_seq_id 
_pdbx_struct_conn_angle.ptnr1_PDB_ins_code 
_pdbx_struct_conn_angle.ptnr1_symmetry 
_pdbx_struct_conn_angle.ptnr2_label_atom_id 
_pdbx_struct_conn_angle.ptnr2_label_alt_id 
_pdbx_struct_conn_angle.ptnr2_label_asym_id 
_pdbx_struct_conn_angle.ptnr2_label_comp_id 
_pdbx_struct_conn_angle.ptnr2_label_seq_id 
_pdbx_struct_conn_angle.ptnr2_auth_atom_id 
_pdbx_struct_conn_angle.ptnr2_auth_asym_id 
_pdbx_struct_conn_angle.ptnr2_auth_comp_id 
_pdbx_struct_conn_angle.ptnr2_auth_seq_id 
_pdbx_struct_conn_angle.ptnr2_PDB_ins_code 
_pdbx_struct_conn_angle.ptnr2_symmetry 
_pdbx_struct_conn_angle.ptnr3_label_atom_id 
_pdbx_struct_conn_angle.ptnr3_label_alt_id 
_pdbx_struct_conn_angle.ptnr3_label_asym_id 
_pdbx_struct_conn_angle.ptnr3_label_comp_id 
_pdbx_struct_conn_angle.ptnr3_label_seq_id 
_pdbx_struct_conn_angle.ptnr3_auth_atom_id 
_pdbx_struct_conn_angle.ptnr3_auth_asym_id 
_pdbx_struct_conn_angle.ptnr3_auth_comp_id 
_pdbx_struct_conn_angle.ptnr3_auth_seq_id 
_pdbx_struct_conn_angle.ptnr3_PDB_ins_code 
_pdbx_struct_conn_angle.ptnr3_symmetry 
_pdbx_struct_conn_angle.value 
_pdbx_struct_conn_angle.value_esd 
1 SG ? A CYS 56  ? A CYS 56  ? 1_555 ZN ? D ZN . ? A ZN 203 ? 1_555 SG  ? A CYS 58  ? A CYS 58  ? 1_555 109.7 ? 
2 SG ? A CYS 56  ? A CYS 56  ? 1_555 ZN ? D ZN . ? A ZN 203 ? 1_555 SG  ? A CYS 116 ? A CYS 116 ? 1_555 105.9 ? 
3 SG ? A CYS 58  ? A CYS 58  ? 1_555 ZN ? D ZN . ? A ZN 203 ? 1_555 SG  ? A CYS 116 ? A CYS 116 ? 1_555 116.8 ? 
4 SG ? A CYS 56  ? A CYS 56  ? 1_555 ZN ? D ZN . ? A ZN 203 ? 1_555 ND1 ? A HIS 118 ? A HIS 118 ? 1_555 106.2 ? 
5 SG ? A CYS 58  ? A CYS 58  ? 1_555 ZN ? D ZN . ? A ZN 203 ? 1_555 ND1 ? A HIS 118 ? A HIS 118 ? 1_555 101.6 ? 
6 SG ? A CYS 116 ? A CYS 116 ? 1_555 ZN ? D ZN . ? A ZN 203 ? 1_555 ND1 ? A HIS 118 ? A HIS 118 ? 1_555 116.2 ? 
# 
loop_
_struct_sheet.id 
_struct_sheet.type 
_struct_sheet.number_strands 
_struct_sheet.details 
AA1 ? 4 ? 
AA2 ? 7 ? 
# 
loop_
_struct_sheet_order.sheet_id 
_struct_sheet_order.range_id_1 
_struct_sheet_order.range_id_2 
_struct_sheet_order.offset 
_struct_sheet_order.sense 
AA1 1 2 ? anti-parallel 
AA1 2 3 ? anti-parallel 
AA1 3 4 ? anti-parallel 
AA2 1 2 ? anti-parallel 
AA2 2 3 ? anti-parallel 
AA2 3 4 ? anti-parallel 
AA2 4 5 ? anti-parallel 
AA2 5 6 ? anti-parallel 
AA2 6 7 ? anti-parallel 
# 
loop_
_struct_sheet_range.sheet_id 
_struct_sheet_range.id 
_struct_sheet_range.beg_label_comp_id 
_struct_sheet_range.beg_label_asym_id 
_struct_sheet_range.beg_label_seq_id 
_struct_sheet_range.pdbx_beg_PDB_ins_code 
_struct_sheet_range.end_label_comp_id 
_struct_sheet_range.end_label_asym_id 
_struct_sheet_range.end_label_seq_id 
_struct_sheet_range.pdbx_end_PDB_ins_code 
_struct_sheet_range.beg_auth_comp_id 
_struct_sheet_range.beg_auth_asym_id 
_struct_sheet_range.beg_auth_seq_id 
_struct_sheet_range.end_auth_comp_id 
_struct_sheet_range.end_auth_asym_id 
_struct_sheet_range.end_auth_seq_id 
AA1 1 ILE A 10  ? VAL A 12  ? ILE A 10  VAL A 12  
AA1 2 TYR A 15  ? ASN A 19  ? TYR A 15  ASN A 19  
AA1 3 LEU A 40  ? SER A 44  ? LEU A 40  SER A 44  
AA1 4 LEU A 31  ? ASP A 35  ? LEU A 31  ASP A 35  
AA2 1 LYS A 70  ? SER A 75  ? LYS A 70  SER A 75  
AA2 2 THR A 60  ? CYS A 65  ? THR A 60  CYS A 65  
AA2 3 ILE A 113 ? CYS A 116 ? ILE A 113 CYS A 116 
AA2 4 GLY A 119 ? GLY A 128 ? GLY A 119 GLY A 128 
AA2 5 LEU A 131 ? ASP A 136 ? LEU A 131 ASP A 136 
AA2 6 ARG A 93  ? VAL A 102 ? ARG A 93  VAL A 102 
AA2 7 SER A 80  ? VAL A 84  ? SER A 80  VAL A 84  
# 
loop_
_pdbx_struct_sheet_hbond.sheet_id 
_pdbx_struct_sheet_hbond.range_id_1 
_pdbx_struct_sheet_hbond.range_id_2 
_pdbx_struct_sheet_hbond.range_1_label_atom_id 
_pdbx_struct_sheet_hbond.range_1_label_comp_id 
_pdbx_struct_sheet_hbond.range_1_label_asym_id 
_pdbx_struct_sheet_hbond.range_1_label_seq_id 
_pdbx_struct_sheet_hbond.range_1_PDB_ins_code 
_pdbx_struct_sheet_hbond.range_1_auth_atom_id 
_pdbx_struct_sheet_hbond.range_1_auth_comp_id 
_pdbx_struct_sheet_hbond.range_1_auth_asym_id 
_pdbx_struct_sheet_hbond.range_1_auth_seq_id 
_pdbx_struct_sheet_hbond.range_2_label_atom_id 
_pdbx_struct_sheet_hbond.range_2_label_comp_id 
_pdbx_struct_sheet_hbond.range_2_label_asym_id 
_pdbx_struct_sheet_hbond.range_2_label_seq_id 
_pdbx_struct_sheet_hbond.range_2_PDB_ins_code 
_pdbx_struct_sheet_hbond.range_2_auth_atom_id 
_pdbx_struct_sheet_hbond.range_2_auth_comp_id 
_pdbx_struct_sheet_hbond.range_2_auth_asym_id 
_pdbx_struct_sheet_hbond.range_2_auth_seq_id 
AA1 1 2 N ILE A 10  ? N ILE A 10  O VAL A 17  ? O VAL A 17  
AA1 2 3 N VAL A 18  ? N VAL A 18  O LEU A 41  ? O LEU A 41  
AA1 3 4 O VAL A 42  ? O VAL A 42  N TRP A 33  ? N TRP A 33  
AA2 1 2 O LYS A 70  ? O LYS A 70  N CYS A 65  ? N CYS A 65  
AA2 2 3 N VAL A 62  ? N VAL A 62  O ARG A 115 ? O ARG A 115 
AA2 3 4 N LEU A 114 ? N LEU A 114 O VAL A 121 ? O VAL A 121 
AA2 4 5 N SER A 125 ? N SER A 125 O GLY A 133 ? O GLY A 133 
AA2 5 6 O VAL A 132 ? O VAL A 132 N ALA A 101 ? N ALA A 101 
AA2 6 7 O ARG A 93  ? O ARG A 93  N VAL A 84  ? N VAL A 84  
# 
_pdbx_entry_details.entry_id                   7H4P 
_pdbx_entry_details.compound_details           ? 
_pdbx_entry_details.source_details             ? 
_pdbx_entry_details.nonpolymer_details         ? 
_pdbx_entry_details.sequence_details           ? 
_pdbx_entry_details.has_ligand_of_interest     ? 
_pdbx_entry_details.has_protein_modification   N 
# 
loop_
_pdbx_validate_close_contact.id 
_pdbx_validate_close_contact.PDB_model_num 
_pdbx_validate_close_contact.auth_atom_id_1 
_pdbx_validate_close_contact.auth_asym_id_1 
_pdbx_validate_close_contact.auth_comp_id_1 
_pdbx_validate_close_contact.auth_seq_id_1 
_pdbx_validate_close_contact.PDB_ins_code_1 
_pdbx_validate_close_contact.label_alt_id_1 
_pdbx_validate_close_contact.auth_atom_id_2 
_pdbx_validate_close_contact.auth_asym_id_2 
_pdbx_validate_close_contact.auth_comp_id_2 
_pdbx_validate_close_contact.auth_seq_id_2 
_pdbx_validate_close_contact.PDB_ins_code_2 
_pdbx_validate_close_contact.label_alt_id_2 
_pdbx_validate_close_contact.dist 
1 1 O A HOH 328 ? ? O A HOH 482 ? ? 2.10 
2 1 O A HOH 316 ? ? O A HOH 330 ? ? 2.13 
3 1 O A HOH 418 ? ? O A HOH 476 ? ? 2.15 
4 1 O A HOH 380 ? ? O A HOH 448 ? ? 2.19 
# 
_pdbx_validate_symm_contact.id                1 
_pdbx_validate_symm_contact.PDB_model_num     1 
_pdbx_validate_symm_contact.auth_atom_id_1    O 
_pdbx_validate_symm_contact.auth_asym_id_1    A 
_pdbx_validate_symm_contact.auth_comp_id_1    HOH 
_pdbx_validate_symm_contact.auth_seq_id_1     443 
_pdbx_validate_symm_contact.PDB_ins_code_1    ? 
_pdbx_validate_symm_contact.label_alt_id_1    ? 
_pdbx_validate_symm_contact.site_symmetry_1   1_555 
_pdbx_validate_symm_contact.auth_atom_id_2    O 
_pdbx_validate_symm_contact.auth_asym_id_2    A 
_pdbx_validate_symm_contact.auth_comp_id_2    HOH 
_pdbx_validate_symm_contact.auth_seq_id_2     443 
_pdbx_validate_symm_contact.PDB_ins_code_2    ? 
_pdbx_validate_symm_contact.label_alt_id_2    ? 
_pdbx_validate_symm_contact.site_symmetry_2   2_556 
_pdbx_validate_symm_contact.dist              2.16 
# 
_pdbx_validate_rmsd_bond.id                        1 
_pdbx_validate_rmsd_bond.PDB_model_num             1 
_pdbx_validate_rmsd_bond.auth_atom_id_1            CD 
_pdbx_validate_rmsd_bond.auth_asym_id_1            A 
_pdbx_validate_rmsd_bond.auth_comp_id_1            GLU 
_pdbx_validate_rmsd_bond.auth_seq_id_1             106 
_pdbx_validate_rmsd_bond.PDB_ins_code_1            ? 
_pdbx_validate_rmsd_bond.label_alt_id_1            ? 
_pdbx_validate_rmsd_bond.auth_atom_id_2            OE2 
_pdbx_validate_rmsd_bond.auth_asym_id_2            A 
_pdbx_validate_rmsd_bond.auth_comp_id_2            GLU 
_pdbx_validate_rmsd_bond.auth_seq_id_2             106 
_pdbx_validate_rmsd_bond.PDB_ins_code_2            ? 
_pdbx_validate_rmsd_bond.label_alt_id_2            ? 
_pdbx_validate_rmsd_bond.bond_value                1.183 
_pdbx_validate_rmsd_bond.bond_target_value         1.252 
_pdbx_validate_rmsd_bond.bond_deviation            -0.069 
_pdbx_validate_rmsd_bond.bond_standard_deviation   0.011 
_pdbx_validate_rmsd_bond.linker_flag               N 
# 
_pdbx_validate_torsion.id              1 
_pdbx_validate_torsion.PDB_model_num   1 
_pdbx_validate_torsion.auth_comp_id    ARG 
_pdbx_validate_torsion.auth_asym_id    A 
_pdbx_validate_torsion.auth_seq_id     69 
_pdbx_validate_torsion.PDB_ins_code    ? 
_pdbx_validate_torsion.label_alt_id    ? 
_pdbx_validate_torsion.phi             39.91 
_pdbx_validate_torsion.psi             57.38 
# 
_pdbx_distant_solvent_atoms.id                                1 
_pdbx_distant_solvent_atoms.PDB_model_num                     1 
_pdbx_distant_solvent_atoms.auth_atom_id                      O 
_pdbx_distant_solvent_atoms.label_alt_id                      ? 
_pdbx_distant_solvent_atoms.auth_asym_id                      A 
_pdbx_distant_solvent_atoms.auth_comp_id                      HOH 
_pdbx_distant_solvent_atoms.auth_seq_id                       513 
_pdbx_distant_solvent_atoms.PDB_ins_code                      ? 
_pdbx_distant_solvent_atoms.neighbor_macromolecule_distance   8.06 
_pdbx_distant_solvent_atoms.neighbor_ligand_distance          . 
# 
loop_
_pdbx_unobs_or_zero_occ_residues.id 
_pdbx_unobs_or_zero_occ_residues.PDB_model_num 
_pdbx_unobs_or_zero_occ_residues.polymer_flag 
_pdbx_unobs_or_zero_occ_residues.occupancy_flag 
_pdbx_unobs_or_zero_occ_residues.auth_asym_id 
_pdbx_unobs_or_zero_occ_residues.auth_comp_id 
_pdbx_unobs_or_zero_occ_residues.auth_seq_id 
_pdbx_unobs_or_zero_occ_residues.PDB_ins_code 
_pdbx_unobs_or_zero_occ_residues.label_asym_id 
_pdbx_unobs_or_zero_occ_residues.label_comp_id 
_pdbx_unobs_or_zero_occ_residues.label_seq_id 
1  1 Y 1 A GLN 1   ? A GLN 1   
2  1 Y 1 A GLU 2   ? A GLU 2   
3  1 Y 1 A GLN 3   ? A GLN 3   
4  1 Y 1 A THR 4   ? A THR 4   
5  1 Y 1 A GLY 5   ? A GLY 5   
6  1 Y 1 A GLY 6   ? A GLY 6   
7  1 Y 1 A ALA 147 ? A ALA 147 
8  1 Y 1 A MET 148 ? A MET 148 
9  1 Y 1 A GLU 149 ? A GLU 149 
10 1 Y 1 A GLN 150 ? A GLN 150 
# 
loop_
_chem_comp_atom.comp_id 
_chem_comp_atom.atom_id 
_chem_comp_atom.type_symbol 
_chem_comp_atom.pdbx_aromatic_flag 
_chem_comp_atom.pdbx_stereo_config 
_chem_comp_atom.pdbx_ordinal 
ALA N    N  N N 1   
ALA CA   C  N S 2   
ALA C    C  N N 3   
ALA O    O  N N 4   
ALA CB   C  N N 5   
ALA OXT  O  N N 6   
ALA H    H  N N 7   
ALA H2   H  N N 8   
ALA HA   H  N N 9   
ALA HB1  H  N N 10  
ALA HB2  H  N N 11  
ALA HB3  H  N N 12  
ALA HXT  H  N N 13  
ARG N    N  N N 14  
ARG CA   C  N S 15  
ARG C    C  N N 16  
ARG O    O  N N 17  
ARG CB   C  N N 18  
ARG CG   C  N N 19  
ARG CD   C  N N 20  
ARG NE   N  N N 21  
ARG CZ   C  N N 22  
ARG NH1  N  N N 23  
ARG NH2  N  N N 24  
ARG OXT  O  N N 25  
ARG H    H  N N 26  
ARG H2   H  N N 27  
ARG HA   H  N N 28  
ARG HB2  H  N N 29  
ARG HB3  H  N N 30  
ARG HG2  H  N N 31  
ARG HG3  H  N N 32  
ARG HD2  H  N N 33  
ARG HD3  H  N N 34  
ARG HE   H  N N 35  
ARG HH11 H  N N 36  
ARG HH12 H  N N 37  
ARG HH21 H  N N 38  
ARG HH22 H  N N 39  
ARG HXT  H  N N 40  
ASN N    N  N N 41  
ASN CA   C  N S 42  
ASN C    C  N N 43  
ASN O    O  N N 44  
ASN CB   C  N N 45  
ASN CG   C  N N 46  
ASN OD1  O  N N 47  
ASN ND2  N  N N 48  
ASN OXT  O  N N 49  
ASN H    H  N N 50  
ASN H2   H  N N 51  
ASN HA   H  N N 52  
ASN HB2  H  N N 53  
ASN HB3  H  N N 54  
ASN HD21 H  N N 55  
ASN HD22 H  N N 56  
ASN HXT  H  N N 57  
ASP N    N  N N 58  
ASP CA   C  N S 59  
ASP C    C  N N 60  
ASP O    O  N N 61  
ASP CB   C  N N 62  
ASP CG   C  N N 63  
ASP OD1  O  N N 64  
ASP OD2  O  N N 65  
ASP OXT  O  N N 66  
ASP H    H  N N 67  
ASP H2   H  N N 68  
ASP HA   H  N N 69  
ASP HB2  H  N N 70  
ASP HB3  H  N N 71  
ASP HD2  H  N N 72  
ASP HXT  H  N N 73  
CYS N    N  N N 74  
CYS CA   C  N R 75  
CYS C    C  N N 76  
CYS O    O  N N 77  
CYS CB   C  N N 78  
CYS SG   S  N N 79  
CYS OXT  O  N N 80  
CYS H    H  N N 81  
CYS H2   H  N N 82  
CYS HA   H  N N 83  
CYS HB2  H  N N 84  
CYS HB3  H  N N 85  
CYS HG   H  N N 86  
CYS HXT  H  N N 87  
DMS S    S  N N 88  
DMS O    O  N N 89  
DMS C1   C  N N 90  
DMS C2   C  N N 91  
DMS H11  H  N N 92  
DMS H12  H  N N 93  
DMS H13  H  N N 94  
DMS H21  H  N N 95  
DMS H22  H  N N 96  
DMS H23  H  N N 97  
GLN N    N  N N 98  
GLN CA   C  N S 99  
GLN C    C  N N 100 
GLN O    O  N N 101 
GLN CB   C  N N 102 
GLN CG   C  N N 103 
GLN CD   C  N N 104 
GLN OE1  O  N N 105 
GLN NE2  N  N N 106 
GLN OXT  O  N N 107 
GLN H    H  N N 108 
GLN H2   H  N N 109 
GLN HA   H  N N 110 
GLN HB2  H  N N 111 
GLN HB3  H  N N 112 
GLN HG2  H  N N 113 
GLN HG3  H  N N 114 
GLN HE21 H  N N 115 
GLN HE22 H  N N 116 
GLN HXT  H  N N 117 
GLU N    N  N N 118 
GLU CA   C  N S 119 
GLU C    C  N N 120 
GLU O    O  N N 121 
GLU CB   C  N N 122 
GLU CG   C  N N 123 
GLU CD   C  N N 124 
GLU OE1  O  N N 125 
GLU OE2  O  N N 126 
GLU OXT  O  N N 127 
GLU H    H  N N 128 
GLU H2   H  N N 129 
GLU HA   H  N N 130 
GLU HB2  H  N N 131 
GLU HB3  H  N N 132 
GLU HG2  H  N N 133 
GLU HG3  H  N N 134 
GLU HE2  H  N N 135 
GLU HXT  H  N N 136 
GLY N    N  N N 137 
GLY CA   C  N N 138 
GLY C    C  N N 139 
GLY O    O  N N 140 
GLY OXT  O  N N 141 
GLY H    H  N N 142 
GLY H2   H  N N 143 
GLY HA2  H  N N 144 
GLY HA3  H  N N 145 
GLY HXT  H  N N 146 
HIS N    N  N N 147 
HIS CA   C  N S 148 
HIS C    C  N N 149 
HIS O    O  N N 150 
HIS CB   C  N N 151 
HIS CG   C  Y N 152 
HIS ND1  N  Y N 153 
HIS CD2  C  Y N 154 
HIS CE1  C  Y N 155 
HIS NE2  N  Y N 156 
HIS OXT  O  N N 157 
HIS H    H  N N 158 
HIS H2   H  N N 159 
HIS HA   H  N N 160 
HIS HB2  H  N N 161 
HIS HB3  H  N N 162 
HIS HD1  H  N N 163 
HIS HD2  H  N N 164 
HIS HE1  H  N N 165 
HIS HE2  H  N N 166 
HIS HXT  H  N N 167 
HOH O    O  N N 168 
HOH H1   H  N N 169 
HOH H2   H  N N 170 
ILE N    N  N N 171 
ILE CA   C  N S 172 
ILE C    C  N N 173 
ILE O    O  N N 174 
ILE CB   C  N S 175 
ILE CG1  C  N N 176 
ILE CG2  C  N N 177 
ILE CD1  C  N N 178 
ILE OXT  O  N N 179 
ILE H    H  N N 180 
ILE H2   H  N N 181 
ILE HA   H  N N 182 
ILE HB   H  N N 183 
ILE HG12 H  N N 184 
ILE HG13 H  N N 185 
ILE HG21 H  N N 186 
ILE HG22 H  N N 187 
ILE HG23 H  N N 188 
ILE HD11 H  N N 189 
ILE HD12 H  N N 190 
ILE HD13 H  N N 191 
ILE HXT  H  N N 192 
LEU N    N  N N 193 
LEU CA   C  N S 194 
LEU C    C  N N 195 
LEU O    O  N N 196 
LEU CB   C  N N 197 
LEU CG   C  N N 198 
LEU CD1  C  N N 199 
LEU CD2  C  N N 200 
LEU OXT  O  N N 201 
LEU H    H  N N 202 
LEU H2   H  N N 203 
LEU HA   H  N N 204 
LEU HB2  H  N N 205 
LEU HB3  H  N N 206 
LEU HG   H  N N 207 
LEU HD11 H  N N 208 
LEU HD12 H  N N 209 
LEU HD13 H  N N 210 
LEU HD21 H  N N 211 
LEU HD22 H  N N 212 
LEU HD23 H  N N 213 
LEU HXT  H  N N 214 
LGA N2   N  N N 215 
LGA C1   C  Y N 216 
LGA N1   N  Y N 217 
LGA C4   C  Y N 218 
LGA C5   C  Y N 219 
LGA C3   C  Y N 220 
LGA N7   N  Y N 221 
LGA H2N1 H  N N 222 
LGA H2N2 H  N N 223 
LGA H4   H  N N 224 
LGA H5   H  N N 225 
LGA H3   H  N N 226 
LYS N    N  N N 227 
LYS CA   C  N S 228 
LYS C    C  N N 229 
LYS O    O  N N 230 
LYS CB   C  N N 231 
LYS CG   C  N N 232 
LYS CD   C  N N 233 
LYS CE   C  N N 234 
LYS NZ   N  N N 235 
LYS OXT  O  N N 236 
LYS H    H  N N 237 
LYS H2   H  N N 238 
LYS HA   H  N N 239 
LYS HB2  H  N N 240 
LYS HB3  H  N N 241 
LYS HG2  H  N N 242 
LYS HG3  H  N N 243 
LYS HD2  H  N N 244 
LYS HD3  H  N N 245 
LYS HE2  H  N N 246 
LYS HE3  H  N N 247 
LYS HZ1  H  N N 248 
LYS HZ2  H  N N 249 
LYS HZ3  H  N N 250 
LYS HXT  H  N N 251 
MET N    N  N N 252 
MET CA   C  N S 253 
MET C    C  N N 254 
MET O    O  N N 255 
MET CB   C  N N 256 
MET CG   C  N N 257 
MET SD   S  N N 258 
MET CE   C  N N 259 
MET OXT  O  N N 260 
MET H    H  N N 261 
MET H2   H  N N 262 
MET HA   H  N N 263 
MET HB2  H  N N 264 
MET HB3  H  N N 265 
MET HG2  H  N N 266 
MET HG3  H  N N 267 
MET HE1  H  N N 268 
MET HE2  H  N N 269 
MET HE3  H  N N 270 
MET HXT  H  N N 271 
PHE N    N  N N 272 
PHE CA   C  N S 273 
PHE C    C  N N 274 
PHE O    O  N N 275 
PHE CB   C  N N 276 
PHE CG   C  Y N 277 
PHE CD1  C  Y N 278 
PHE CD2  C  Y N 279 
PHE CE1  C  Y N 280 
PHE CE2  C  Y N 281 
PHE CZ   C  Y N 282 
PHE OXT  O  N N 283 
PHE H    H  N N 284 
PHE H2   H  N N 285 
PHE HA   H  N N 286 
PHE HB2  H  N N 287 
PHE HB3  H  N N 288 
PHE HD1  H  N N 289 
PHE HD2  H  N N 290 
PHE HE1  H  N N 291 
PHE HE2  H  N N 292 
PHE HZ   H  N N 293 
PHE HXT  H  N N 294 
PRO N    N  N N 295 
PRO CA   C  N S 296 
PRO C    C  N N 297 
PRO O    O  N N 298 
PRO CB   C  N N 299 
PRO CG   C  N N 300 
PRO CD   C  N N 301 
PRO OXT  O  N N 302 
PRO H    H  N N 303 
PRO HA   H  N N 304 
PRO HB2  H  N N 305 
PRO HB3  H  N N 306 
PRO HG2  H  N N 307 
PRO HG3  H  N N 308 
PRO HD2  H  N N 309 
PRO HD3  H  N N 310 
PRO HXT  H  N N 311 
SER N    N  N N 312 
SER CA   C  N S 313 
SER C    C  N N 314 
SER O    O  N N 315 
SER CB   C  N N 316 
SER OG   O  N N 317 
SER OXT  O  N N 318 
SER H    H  N N 319 
SER H2   H  N N 320 
SER HA   H  N N 321 
SER HB2  H  N N 322 
SER HB3  H  N N 323 
SER HG   H  N N 324 
SER HXT  H  N N 325 
SO4 S    S  N N 326 
SO4 O1   O  N N 327 
SO4 O2   O  N N 328 
SO4 O3   O  N N 329 
SO4 O4   O  N N 330 
THR N    N  N N 331 
THR CA   C  N S 332 
THR C    C  N N 333 
THR O    O  N N 334 
THR CB   C  N R 335 
THR OG1  O  N N 336 
THR CG2  C  N N 337 
THR OXT  O  N N 338 
THR H    H  N N 339 
THR H2   H  N N 340 
THR HA   H  N N 341 
THR HB   H  N N 342 
THR HG1  H  N N 343 
THR HG21 H  N N 344 
THR HG22 H  N N 345 
THR HG23 H  N N 346 
THR HXT  H  N N 347 
TRP N    N  N N 348 
TRP CA   C  N S 349 
TRP C    C  N N 350 
TRP O    O  N N 351 
TRP CB   C  N N 352 
TRP CG   C  Y N 353 
TRP CD1  C  Y N 354 
TRP CD2  C  Y N 355 
TRP NE1  N  Y N 356 
TRP CE2  C  Y N 357 
TRP CE3  C  Y N 358 
TRP CZ2  C  Y N 359 
TRP CZ3  C  Y N 360 
TRP CH2  C  Y N 361 
TRP OXT  O  N N 362 
TRP H    H  N N 363 
TRP H2   H  N N 364 
TRP HA   H  N N 365 
TRP HB2  H  N N 366 
TRP HB3  H  N N 367 
TRP HD1  H  N N 368 
TRP HE1  H  N N 369 
TRP HE3  H  N N 370 
TRP HZ2  H  N N 371 
TRP HZ3  H  N N 372 
TRP HH2  H  N N 373 
TRP HXT  H  N N 374 
TYR N    N  N N 375 
TYR CA   C  N S 376 
TYR C    C  N N 377 
TYR O    O  N N 378 
TYR CB   C  N N 379 
TYR CG   C  Y N 380 
TYR CD1  C  Y N 381 
TYR CD2  C  Y N 382 
TYR CE1  C  Y N 383 
TYR CE2  C  Y N 384 
TYR CZ   C  Y N 385 
TYR OH   O  N N 386 
TYR OXT  O  N N 387 
TYR H    H  N N 388 
TYR H2   H  N N 389 
TYR HA   H  N N 390 
TYR HB2  H  N N 391 
TYR HB3  H  N N 392 
TYR HD1  H  N N 393 
TYR HD2  H  N N 394 
TYR HE1  H  N N 395 
TYR HE2  H  N N 396 
TYR HH   H  N N 397 
TYR HXT  H  N N 398 
VAL N    N  N N 399 
VAL CA   C  N S 400 
VAL C    C  N N 401 
VAL O    O  N N 402 
VAL CB   C  N N 403 
VAL CG1  C  N N 404 
VAL CG2  C  N N 405 
VAL OXT  O  N N 406 
VAL H    H  N N 407 
VAL H2   H  N N 408 
VAL HA   H  N N 409 
VAL HB   H  N N 410 
VAL HG11 H  N N 411 
VAL HG12 H  N N 412 
VAL HG13 H  N N 413 
VAL HG21 H  N N 414 
VAL HG22 H  N N 415 
VAL HG23 H  N N 416 
VAL HXT  H  N N 417 
ZN  ZN   ZN N N 418 
# 
loop_
_chem_comp_bond.comp_id 
_chem_comp_bond.atom_id_1 
_chem_comp_bond.atom_id_2 
_chem_comp_bond.value_order 
_chem_comp_bond.pdbx_aromatic_flag 
_chem_comp_bond.pdbx_stereo_config 
_chem_comp_bond.pdbx_ordinal 
ALA N   CA   sing N N 1   
ALA N   H    sing N N 2   
ALA N   H2   sing N N 3   
ALA CA  C    sing N N 4   
ALA CA  CB   sing N N 5   
ALA CA  HA   sing N N 6   
ALA C   O    doub N N 7   
ALA C   OXT  sing N N 8   
ALA CB  HB1  sing N N 9   
ALA CB  HB2  sing N N 10  
ALA CB  HB3  sing N N 11  
ALA OXT HXT  sing N N 12  
ARG N   CA   sing N N 13  
ARG N   H    sing N N 14  
ARG N   H2   sing N N 15  
ARG CA  C    sing N N 16  
ARG CA  CB   sing N N 17  
ARG CA  HA   sing N N 18  
ARG C   O    doub N N 19  
ARG C   OXT  sing N N 20  
ARG CB  CG   sing N N 21  
ARG CB  HB2  sing N N 22  
ARG CB  HB3  sing N N 23  
ARG CG  CD   sing N N 24  
ARG CG  HG2  sing N N 25  
ARG CG  HG3  sing N N 26  
ARG CD  NE   sing N N 27  
ARG CD  HD2  sing N N 28  
ARG CD  HD3  sing N N 29  
ARG NE  CZ   sing N N 30  
ARG NE  HE   sing N N 31  
ARG CZ  NH1  sing N N 32  
ARG CZ  NH2  doub N N 33  
ARG NH1 HH11 sing N N 34  
ARG NH1 HH12 sing N N 35  
ARG NH2 HH21 sing N N 36  
ARG NH2 HH22 sing N N 37  
ARG OXT HXT  sing N N 38  
ASN N   CA   sing N N 39  
ASN N   H    sing N N 40  
ASN N   H2   sing N N 41  
ASN CA  C    sing N N 42  
ASN CA  CB   sing N N 43  
ASN CA  HA   sing N N 44  
ASN C   O    doub N N 45  
ASN C   OXT  sing N N 46  
ASN CB  CG   sing N N 47  
ASN CB  HB2  sing N N 48  
ASN CB  HB3  sing N N 49  
ASN CG  OD1  doub N N 50  
ASN CG  ND2  sing N N 51  
ASN ND2 HD21 sing N N 52  
ASN ND2 HD22 sing N N 53  
ASN OXT HXT  sing N N 54  
ASP N   CA   sing N N 55  
ASP N   H    sing N N 56  
ASP N   H2   sing N N 57  
ASP CA  C    sing N N 58  
ASP CA  CB   sing N N 59  
ASP CA  HA   sing N N 60  
ASP C   O    doub N N 61  
ASP C   OXT  sing N N 62  
ASP CB  CG   sing N N 63  
ASP CB  HB2  sing N N 64  
ASP CB  HB3  sing N N 65  
ASP CG  OD1  doub N N 66  
ASP CG  OD2  sing N N 67  
ASP OD2 HD2  sing N N 68  
ASP OXT HXT  sing N N 69  
CYS N   CA   sing N N 70  
CYS N   H    sing N N 71  
CYS N   H2   sing N N 72  
CYS CA  C    sing N N 73  
CYS CA  CB   sing N N 74  
CYS CA  HA   sing N N 75  
CYS C   O    doub N N 76  
CYS C   OXT  sing N N 77  
CYS CB  SG   sing N N 78  
CYS CB  HB2  sing N N 79  
CYS CB  HB3  sing N N 80  
CYS SG  HG   sing N N 81  
CYS OXT HXT  sing N N 82  
DMS S   O    doub N N 83  
DMS S   C1   sing N N 84  
DMS S   C2   sing N N 85  
DMS C1  H11  sing N N 86  
DMS C1  H12  sing N N 87  
DMS C1  H13  sing N N 88  
DMS C2  H21  sing N N 89  
DMS C2  H22  sing N N 90  
DMS C2  H23  sing N N 91  
GLN N   CA   sing N N 92  
GLN N   H    sing N N 93  
GLN N   H2   sing N N 94  
GLN CA  C    sing N N 95  
GLN CA  CB   sing N N 96  
GLN CA  HA   sing N N 97  
GLN C   O    doub N N 98  
GLN C   OXT  sing N N 99  
GLN CB  CG   sing N N 100 
GLN CB  HB2  sing N N 101 
GLN CB  HB3  sing N N 102 
GLN CG  CD   sing N N 103 
GLN CG  HG2  sing N N 104 
GLN CG  HG3  sing N N 105 
GLN CD  OE1  doub N N 106 
GLN CD  NE2  sing N N 107 
GLN NE2 HE21 sing N N 108 
GLN NE2 HE22 sing N N 109 
GLN OXT HXT  sing N N 110 
GLU N   CA   sing N N 111 
GLU N   H    sing N N 112 
GLU N   H2   sing N N 113 
GLU CA  C    sing N N 114 
GLU CA  CB   sing N N 115 
GLU CA  HA   sing N N 116 
GLU C   O    doub N N 117 
GLU C   OXT  sing N N 118 
GLU CB  CG   sing N N 119 
GLU CB  HB2  sing N N 120 
GLU CB  HB3  sing N N 121 
GLU CG  CD   sing N N 122 
GLU CG  HG2  sing N N 123 
GLU CG  HG3  sing N N 124 
GLU CD  OE1  doub N N 125 
GLU CD  OE2  sing N N 126 
GLU OE2 HE2  sing N N 127 
GLU OXT HXT  sing N N 128 
GLY N   CA   sing N N 129 
GLY N   H    sing N N 130 
GLY N   H2   sing N N 131 
GLY CA  C    sing N N 132 
GLY CA  HA2  sing N N 133 
GLY CA  HA3  sing N N 134 
GLY C   O    doub N N 135 
GLY C   OXT  sing N N 136 
GLY OXT HXT  sing N N 137 
HIS N   CA   sing N N 138 
HIS N   H    sing N N 139 
HIS N   H2   sing N N 140 
HIS CA  C    sing N N 141 
HIS CA  CB   sing N N 142 
HIS CA  HA   sing N N 143 
HIS C   O    doub N N 144 
HIS C   OXT  sing N N 145 
HIS CB  CG   sing N N 146 
HIS CB  HB2  sing N N 147 
HIS CB  HB3  sing N N 148 
HIS CG  ND1  sing Y N 149 
HIS CG  CD2  doub Y N 150 
HIS ND1 CE1  doub Y N 151 
HIS ND1 HD1  sing N N 152 
HIS CD2 NE2  sing Y N 153 
HIS CD2 HD2  sing N N 154 
HIS CE1 NE2  sing Y N 155 
HIS CE1 HE1  sing N N 156 
HIS NE2 HE2  sing N N 157 
HIS OXT HXT  sing N N 158 
HOH O   H1   sing N N 159 
HOH O   H2   sing N N 160 
ILE N   CA   sing N N 161 
ILE N   H    sing N N 162 
ILE N   H2   sing N N 163 
ILE CA  C    sing N N 164 
ILE CA  CB   sing N N 165 
ILE CA  HA   sing N N 166 
ILE C   O    doub N N 167 
ILE C   OXT  sing N N 168 
ILE CB  CG1  sing N N 169 
ILE CB  CG2  sing N N 170 
ILE CB  HB   sing N N 171 
ILE CG1 CD1  sing N N 172 
ILE CG1 HG12 sing N N 173 
ILE CG1 HG13 sing N N 174 
ILE CG2 HG21 sing N N 175 
ILE CG2 HG22 sing N N 176 
ILE CG2 HG23 sing N N 177 
ILE CD1 HD11 sing N N 178 
ILE CD1 HD12 sing N N 179 
ILE CD1 HD13 sing N N 180 
ILE OXT HXT  sing N N 181 
LEU N   CA   sing N N 182 
LEU N   H    sing N N 183 
LEU N   H2   sing N N 184 
LEU CA  C    sing N N 185 
LEU CA  CB   sing N N 186 
LEU CA  HA   sing N N 187 
LEU C   O    doub N N 188 
LEU C   OXT  sing N N 189 
LEU CB  CG   sing N N 190 
LEU CB  HB2  sing N N 191 
LEU CB  HB3  sing N N 192 
LEU CG  CD1  sing N N 193 
LEU CG  CD2  sing N N 194 
LEU CG  HG   sing N N 195 
LEU CD1 HD11 sing N N 196 
LEU CD1 HD12 sing N N 197 
LEU CD1 HD13 sing N N 198 
LEU CD2 HD21 sing N N 199 
LEU CD2 HD22 sing N N 200 
LEU CD2 HD23 sing N N 201 
LEU OXT HXT  sing N N 202 
LGA N2  C1   sing N N 203 
LGA C1  N1   sing Y N 204 
LGA C1  N7   doub Y N 205 
LGA N1  C4   doub Y N 206 
LGA C4  C5   sing Y N 207 
LGA C5  C3   doub Y N 208 
LGA C3  N7   sing Y N 209 
LGA N2  H2N1 sing N N 210 
LGA N2  H2N2 sing N N 211 
LGA C4  H4   sing N N 212 
LGA C5  H5   sing N N 213 
LGA C3  H3   sing N N 214 
LYS N   CA   sing N N 215 
LYS N   H    sing N N 216 
LYS N   H2   sing N N 217 
LYS CA  C    sing N N 218 
LYS CA  CB   sing N N 219 
LYS CA  HA   sing N N 220 
LYS C   O    doub N N 221 
LYS C   OXT  sing N N 222 
LYS CB  CG   sing N N 223 
LYS CB  HB2  sing N N 224 
LYS CB  HB3  sing N N 225 
LYS CG  CD   sing N N 226 
LYS CG  HG2  sing N N 227 
LYS CG  HG3  sing N N 228 
LYS CD  CE   sing N N 229 
LYS CD  HD2  sing N N 230 
LYS CD  HD3  sing N N 231 
LYS CE  NZ   sing N N 232 
LYS CE  HE2  sing N N 233 
LYS CE  HE3  sing N N 234 
LYS NZ  HZ1  sing N N 235 
LYS NZ  HZ2  sing N N 236 
LYS NZ  HZ3  sing N N 237 
LYS OXT HXT  sing N N 238 
MET N   CA   sing N N 239 
MET N   H    sing N N 240 
MET N   H2   sing N N 241 
MET CA  C    sing N N 242 
MET CA  CB   sing N N 243 
MET CA  HA   sing N N 244 
MET C   O    doub N N 245 
MET C   OXT  sing N N 246 
MET CB  CG   sing N N 247 
MET CB  HB2  sing N N 248 
MET CB  HB3  sing N N 249 
MET CG  SD   sing N N 250 
MET CG  HG2  sing N N 251 
MET CG  HG3  sing N N 252 
MET SD  CE   sing N N 253 
MET CE  HE1  sing N N 254 
MET CE  HE2  sing N N 255 
MET CE  HE3  sing N N 256 
MET OXT HXT  sing N N 257 
PHE N   CA   sing N N 258 
PHE N   H    sing N N 259 
PHE N   H2   sing N N 260 
PHE CA  C    sing N N 261 
PHE CA  CB   sing N N 262 
PHE CA  HA   sing N N 263 
PHE C   O    doub N N 264 
PHE C   OXT  sing N N 265 
PHE CB  CG   sing N N 266 
PHE CB  HB2  sing N N 267 
PHE CB  HB3  sing N N 268 
PHE CG  CD1  doub Y N 269 
PHE CG  CD2  sing Y N 270 
PHE CD1 CE1  sing Y N 271 
PHE CD1 HD1  sing N N 272 
PHE CD2 CE2  doub Y N 273 
PHE CD2 HD2  sing N N 274 
PHE CE1 CZ   doub Y N 275 
PHE CE1 HE1  sing N N 276 
PHE CE2 CZ   sing Y N 277 
PHE CE2 HE2  sing N N 278 
PHE CZ  HZ   sing N N 279 
PHE OXT HXT  sing N N 280 
PRO N   CA   sing N N 281 
PRO N   CD   sing N N 282 
PRO N   H    sing N N 283 
PRO CA  C    sing N N 284 
PRO CA  CB   sing N N 285 
PRO CA  HA   sing N N 286 
PRO C   O    doub N N 287 
PRO C   OXT  sing N N 288 
PRO CB  CG   sing N N 289 
PRO CB  HB2  sing N N 290 
PRO CB  HB3  sing N N 291 
PRO CG  CD   sing N N 292 
PRO CG  HG2  sing N N 293 
PRO CG  HG3  sing N N 294 
PRO CD  HD2  sing N N 295 
PRO CD  HD3  sing N N 296 
PRO OXT HXT  sing N N 297 
SER N   CA   sing N N 298 
SER N   H    sing N N 299 
SER N   H2   sing N N 300 
SER CA  C    sing N N 301 
SER CA  CB   sing N N 302 
SER CA  HA   sing N N 303 
SER C   O    doub N N 304 
SER C   OXT  sing N N 305 
SER CB  OG   sing N N 306 
SER CB  HB2  sing N N 307 
SER CB  HB3  sing N N 308 
SER OG  HG   sing N N 309 
SER OXT HXT  sing N N 310 
SO4 S   O1   doub N N 311 
SO4 S   O2   doub N N 312 
SO4 S   O3   sing N N 313 
SO4 S   O4   sing N N 314 
THR N   CA   sing N N 315 
THR N   H    sing N N 316 
THR N   H2   sing N N 317 
THR CA  C    sing N N 318 
THR CA  CB   sing N N 319 
THR CA  HA   sing N N 320 
THR C   O    doub N N 321 
THR C   OXT  sing N N 322 
THR CB  OG1  sing N N 323 
THR CB  CG2  sing N N 324 
THR CB  HB   sing N N 325 
THR OG1 HG1  sing N N 326 
THR CG2 HG21 sing N N 327 
THR CG2 HG22 sing N N 328 
THR CG2 HG23 sing N N 329 
THR OXT HXT  sing N N 330 
TRP N   CA   sing N N 331 
TRP N   H    sing N N 332 
TRP N   H2   sing N N 333 
TRP CA  C    sing N N 334 
TRP CA  CB   sing N N 335 
TRP CA  HA   sing N N 336 
TRP C   O    doub N N 337 
TRP C   OXT  sing N N 338 
TRP CB  CG   sing N N 339 
TRP CB  HB2  sing N N 340 
TRP CB  HB3  sing N N 341 
TRP CG  CD1  doub Y N 342 
TRP CG  CD2  sing Y N 343 
TRP CD1 NE1  sing Y N 344 
TRP CD1 HD1  sing N N 345 
TRP CD2 CE2  doub Y N 346 
TRP CD2 CE3  sing Y N 347 
TRP NE1 CE2  sing Y N 348 
TRP NE1 HE1  sing N N 349 
TRP CE2 CZ2  sing Y N 350 
TRP CE3 CZ3  doub Y N 351 
TRP CE3 HE3  sing N N 352 
TRP CZ2 CH2  doub Y N 353 
TRP CZ2 HZ2  sing N N 354 
TRP CZ3 CH2  sing Y N 355 
TRP CZ3 HZ3  sing N N 356 
TRP CH2 HH2  sing N N 357 
TRP OXT HXT  sing N N 358 
TYR N   CA   sing N N 359 
TYR N   H    sing N N 360 
TYR N   H2   sing N N 361 
TYR CA  C    sing N N 362 
TYR CA  CB   sing N N 363 
TYR CA  HA   sing N N 364 
TYR C   O    doub N N 365 
TYR C   OXT  sing N N 366 
TYR CB  CG   sing N N 367 
TYR CB  HB2  sing N N 368 
TYR CB  HB3  sing N N 369 
TYR CG  CD1  doub Y N 370 
TYR CG  CD2  sing Y N 371 
TYR CD1 CE1  sing Y N 372 
TYR CD1 HD1  sing N N 373 
TYR CD2 CE2  doub Y N 374 
TYR CD2 HD2  sing N N 375 
TYR CE1 CZ   doub Y N 376 
TYR CE1 HE1  sing N N 377 
TYR CE2 CZ   sing Y N 378 
TYR CE2 HE2  sing N N 379 
TYR CZ  OH   sing N N 380 
TYR OH  HH   sing N N 381 
TYR OXT HXT  sing N N 382 
VAL N   CA   sing N N 383 
VAL N   H    sing N N 384 
VAL N   H2   sing N N 385 
VAL CA  C    sing N N 386 
VAL CA  CB   sing N N 387 
VAL CA  HA   sing N N 388 
VAL C   O    doub N N 389 
VAL C   OXT  sing N N 390 
VAL CB  CG1  sing N N 391 
VAL CB  CG2  sing N N 392 
VAL CB  HB   sing N N 393 
VAL CG1 HG11 sing N N 394 
VAL CG1 HG12 sing N N 395 
VAL CG1 HG13 sing N N 396 
VAL CG2 HG21 sing N N 397 
VAL CG2 HG22 sing N N 398 
VAL CG2 HG23 sing N N 399 
VAL OXT HXT  sing N N 400 
# 
_pdbx_audit_support.funding_organization   
'National Institutes of Health/National Institute Of Allergy and Infectious Diseases (NIH/NIAID)' 
_pdbx_audit_support.country                'United States' 
_pdbx_audit_support.grant_number           U19AI171399 
_pdbx_audit_support.ordinal                1 
# 
_pdbx_deposit_group.group_id            G_1002288 
_pdbx_deposit_group.group_description   'Crystallographic fragment screening of Coxsackievirus A16 (G-10) 2A protease' 
_pdbx_deposit_group.group_title         
'Group deposition for crystallographic fragment screening of Coxsackievirus A16 (G-10) 2A protease' 
_pdbx_deposit_group.group_type          'changed state' 
# 
_atom_sites.entry_id                    7H4P 
_atom_sites.fract_transf_matrix[1][1]   -0.00204725 
_atom_sites.fract_transf_matrix[1][2]   -0.01095315 
_atom_sites.fract_transf_matrix[1][3]   0.00357253 
_atom_sites.fract_transf_matrix[2][1]   -0.01684086 
_atom_sites.fract_transf_matrix[2][2]   0.00423347 
_atom_sites.fract_transf_matrix[2][3]   0.00332882 
_atom_sites.fract_transf_matrix[3][1]   -0.00814909 
_atom_sites.fract_transf_matrix[3][2]   -0.01035035 
_atom_sites.fract_transf_matrix[3][3]   -0.02806397 
_atom_sites.fract_transf_vector[1]      0.186723 
_atom_sites.fract_transf_vector[2]      0.124694 
_atom_sites.fract_transf_vector[3]      0.446630 
# 
loop_
_atom_type.symbol 
C  
N  
O  
S  
ZN 
# 
loop_
_atom_site.group_PDB 
_atom_site.id 
_atom_site.type_symbol 
_atom_site.label_atom_id 
_atom_site.label_alt_id 
_atom_site.label_comp_id 
_atom_site.label_asym_id 
_atom_site.label_entity_id 
_atom_site.label_seq_id 
_atom_site.pdbx_PDB_ins_code 
_atom_site.Cartn_x 
_atom_site.Cartn_y 
_atom_site.Cartn_z 
_atom_site.occupancy 
_atom_site.B_iso_or_equiv 
_atom_site.pdbx_formal_charge 
_atom_site.auth_seq_id 
_atom_site.auth_comp_id 
_atom_site.auth_asym_id 
_atom_site.auth_atom_id 
_atom_site.pdbx_PDB_model_num 
ATOM   1    N  N   . SER A 1 7   ? -2.875  -6.570  -7.986  1.00 15.76  ? 7   SER A N   1 
ATOM   2    C  CA  . SER A 1 7   ? -2.922  -7.406  -6.799  1.00 16.36  ? 7   SER A CA  1 
ATOM   3    C  C   . SER A 1 7   ? -1.566  -7.372  -6.086  1.00 15.44  ? 7   SER A C   1 
ATOM   4    O  O   . SER A 1 7   ? -0.535  -7.014  -6.711  1.00 16.49  ? 7   SER A O   1 
ATOM   5    C  CB  . SER A 1 7   ? -3.316  -8.814  -7.162  1.00 19.47  ? 7   SER A CB  1 
ATOM   6    O  OG  . SER A 1 7   ? -2.319  -9.355  -7.990  1.00 22.24  ? 7   SER A OG  1 
ATOM   7    N  N   . GLY A 1 8   ? -1.550  -7.790  -4.837  1.00 14.34  ? 8   GLY A N   1 
ATOM   8    C  CA  . GLY A 1 8   ? -0.321  -7.909  -4.065  1.00 15.17  ? 8   GLY A CA  1 
ATOM   9    C  C   . GLY A 1 8   ? -0.566  -7.662  -2.604  1.00 14.20  ? 8   GLY A C   1 
ATOM   10   O  O   . GLY A 1 8   ? -1.512  -6.979  -2.244  1.00 14.69  ? 8   GLY A O   1 
ATOM   11   N  N   . ALA A 1 9   ? 0.324   -8.152  -1.762  1.00 12.88  ? 9   ALA A N   1 
ATOM   12   C  CA  . ALA A 1 9   ? 0.219   -7.982  -0.311  1.00 12.85  ? 9   ALA A CA  1 
ATOM   13   C  C   . ALA A 1 9   ? 1.586   -7.838  0.341   1.00 12.79  ? 9   ALA A C   1 
ATOM   14   O  O   . ALA A 1 9   ? 2.596   -8.193  -0.303  1.00 14.09  ? 9   ALA A O   1 
ATOM   15   C  CB  . ALA A 1 9   ? -0.503  -9.158  0.273   1.00 14.60  ? 9   ALA A CB  1 
ATOM   16   N  N   . ILE A 1 10  ? 1.584   -7.377  1.574   1.00 13.05  ? 10  ILE A N   1 
ATOM   17   C  CA  . ILE A 1 10  ? 2.770   -7.396  2.460   1.00 13.98  ? 10  ILE A CA  1 
ATOM   18   C  C   . ILE A 1 10  ? 2.549   -8.492  3.481   1.00 15.60  ? 10  ILE A C   1 
ATOM   19   O  O   . ILE A 1 10  ? 1.457   -8.580  4.044   1.00 16.00  ? 10  ILE A O   1 
ATOM   20   C  CB  . ILE A 1 10  ? 2.990   -6.044  3.173   1.00 13.34  ? 10  ILE A CB  1 
ATOM   21   C  CG1 . ILE A 1 10  ? 2.982   -4.867  2.209   1.00 13.47  ? 10  ILE A CG1 1 
ATOM   22   C  CG2 . ILE A 1 10  ? 4.287   -6.066  3.964   1.00 14.26  ? 10  ILE A CG2 1 
ATOM   23   C  CD1 . ILE A 1 10  ? 2.824   -3.528  2.893   1.00 13.51  ? 10  ILE A CD1 1 
ATOM   24   N  N   . TYR A 1 11  ? 3.586   -9.273  3.729   1.00 17.23  ? 11  TYR A N   1 
ATOM   25   C  CA  . TYR A 1 11  ? 3.515   -10.354 4.742   1.00 18.32  ? 11  TYR A CA  1 
ATOM   26   C  C   . TYR A 1 11  ? 4.541   -10.052 5.825   1.00 18.02  ? 11  TYR A C   1 
ATOM   27   O  O   . TYR A 1 11  ? 5.751   -10.255 5.510   1.00 22.39  ? 11  TYR A O   1 
ATOM   28   C  CB  . TYR A 1 11  ? 3.711   -11.726 4.106   1.00 19.98  ? 11  TYR A CB  1 
ATOM   29   C  CG  . TYR A 1 11  ? 2.610   -12.061 3.134   1.00 18.79  ? 11  TYR A CG  1 
ATOM   30   C  CD1 . TYR A 1 11  ? 1.409   -12.591 3.569   1.00 20.21  ? 11  TYR A CD1 1 
ATOM   31   C  CD2 . TYR A 1 11  ? 2.747   -11.833 1.786   1.00 18.77  ? 11  TYR A CD2 1 
ATOM   32   C  CE1 . TYR A 1 11  ? 0.374   -12.861 2.686   1.00 18.64  ? 11  TYR A CE1 1 
ATOM   33   C  CE2 . TYR A 1 11  ? 1.728   -12.116 0.878   1.00 19.83  ? 11  TYR A CE2 1 
ATOM   34   C  CZ  . TYR A 1 11  ? 0.519   -12.635 1.336   1.00 19.38  ? 11  TYR A CZ  1 
ATOM   35   O  OH  . TYR A 1 11  ? -0.491  -12.909 0.438   1.00 20.00  ? 11  TYR A OH  1 
ATOM   36   N  N   . VAL A 1 12  ? 4.090   -9.574  6.961   1.00 18.64  ? 12  VAL A N   1 
ATOM   37   C  CA  . VAL A 1 12  ? 4.973   -9.214  8.103   1.00 20.47  ? 12  VAL A CA  1 
ATOM   38   C  C   . VAL A 1 12  ? 4.466   -9.957  9.343   1.00 21.94  ? 12  VAL A C   1 
ATOM   39   O  O   . VAL A 1 12  ? 3.298   -9.794  9.773   1.00 21.33  ? 12  VAL A O   1 
ATOM   40   C  CB  . VAL A 1 12  ? 5.101   -7.680  8.247   1.00 20.63  ? 12  VAL A CB  1 
ATOM   41   C  CG1 . VAL A 1 12  ? 3.784   -6.955  8.367   1.00 20.85  ? 12  VAL A CG1 1 
ATOM   42   C  CG2 . VAL A 1 12  ? 6.017   -7.318  9.402   1.00 22.10  ? 12  VAL A CG2 1 
ATOM   43   N  N   . GLY A 1 13  ? 5.367   -10.715 9.972   1.00 24.10  ? 13  GLY A N   1 
ATOM   44   C  CA  . GLY A 1 13  ? 4.989   -11.671 11.019  1.00 24.70  ? 13  GLY A CA  1 
ATOM   45   C  C   . GLY A 1 13  ? 3.814   -12.545 10.565  1.00 19.39  ? 13  GLY A C   1 
ATOM   46   O  O   . GLY A 1 13  ? 3.943   -13.166 9.482   1.00 24.15  ? 13  GLY A O   1 
ATOM   47   N  N   . ASN A 1 14  ? 2.764   -12.486 11.373  1.00 24.94  ? 14  ASN A N   1 
ATOM   48   C  CA  . ASN A 1 14  ? 1.491   -13.216 11.165  1.00 25.74  ? 14  ASN A CA  1 
ATOM   49   C  C   . ASN A 1 14  ? 0.414   -12.212 10.731  1.00 26.16  ? 14  ASN A C   1 
ATOM   50   O  O   . ASN A 1 14  ? -0.766  -12.318 11.131  1.00 24.41  ? 14  ASN A O   1 
ATOM   51   C  CB  . ASN A 1 14  ? 1.189   -14.099 12.381  1.00 28.91  ? 14  ASN A CB  1 
ATOM   52   C  CG  . ASN A 1 14  ? 2.135   -15.292 12.455  1.00 31.39  ? 14  ASN A CG  1 
ATOM   53   O  OD1 . ASN A 1 14  ? 1.883   -16.349 11.884  1.00 34.51  ? 14  ASN A OD1 1 
ATOM   54   N  ND2 . ASN A 1 14  ? 3.285   -15.118 13.081  1.00 31.27  ? 14  ASN A ND2 1 
ATOM   55   N  N   . TYR A 1 15  ? 0.814   -11.239 9.906   1.00 23.39  ? 15  TYR A N   1 
ATOM   56   C  CA  . TYR A 1 15  ? -0.113  -10.259 9.288   1.00 19.64  ? 15  TYR A CA  1 
ATOM   57   C  C   . TYR A 1 15  ? 0.040   -10.295 7.781   1.00 17.76  ? 15  TYR A C   1 
ATOM   58   O  O   . TYR A 1 15  ? 1.099   -10.489 7.183   1.00 18.39  ? 15  TYR A O   1 
ATOM   59   C  CB  . TYR A 1 15  ? 0.150   -8.847  9.813   1.00 21.46  ? 15  TYR A CB  1 
ATOM   60   C  CG  . TYR A 1 15  ? -0.010  -8.683  11.294  1.00 22.27  ? 15  TYR A CG  1 
ATOM   61   C  CD1 . TYR A 1 15  ? -1.214  -8.966  11.920  1.00 24.23  ? 15  TYR A CD1 1 
ATOM   62   C  CD2 . TYR A 1 15  ? 1.029   -8.194  12.081  1.00 25.00  ? 15  TYR A CD2 1 
ATOM   63   C  CE1 . TYR A 1 15  ? -1.382  -8.809  13.279  1.00 24.95  ? 15  TYR A CE1 1 
ATOM   64   C  CE2 . TYR A 1 15  ? 0.868   -8.026  13.445  1.00 24.56  ? 15  TYR A CE2 1 
ATOM   65   C  CZ  . TYR A 1 15  ? -0.342  -8.321  14.054  1.00 27.28  ? 15  TYR A CZ  1 
ATOM   66   O  OH  . TYR A 1 15  ? -0.500  -8.159  15.402  1.00 31.80  ? 15  TYR A OH  1 
ATOM   67   N  N   . ARG A 1 16  ? -1.105  -10.097 7.136   1.00 16.46  ? 16  ARG A N   1 
ATOM   68   C  CA  . ARG A 1 16  ? -1.205  -9.922  5.679   1.00 15.84  ? 16  ARG A CA  1 
ATOM   69   C  C   . ARG A 1 16  ? -1.811  -8.553  5.469   1.00 14.74  ? 16  ARG A C   1 
ATOM   70   O  O   . ARG A 1 16  ? -2.922  -8.294  5.981   1.00 15.12  ? 16  ARG A O   1 
ATOM   71   C  CB  . ARG A 1 16  ? -2.073  -11.016 5.064   1.00 15.94  ? 16  ARG A CB  1 
ATOM   72   C  CG  . ARG A 1 16  ? -2.551  -10.728 3.652   1.00 15.68  ? 16  ARG A CG  1 
ATOM   73   C  CD  . ARG A 1 16  ? -3.225  -11.949 3.049   1.00 15.92  ? 16  ARG A CD  1 
ATOM   74   N  NE  . ARG A 1 16  ? -4.365  -11.653 2.204   1.00 15.39  ? 16  ARG A NE  1 
ATOM   75   C  CZ  . ARG A 1 16  ? -4.343  -11.488 0.905   1.00 14.71  ? 16  ARG A CZ  1 
ATOM   76   N  NH1 . ARG A 1 16  ? -3.218  -11.592 0.215   1.00 18.06  ? 16  ARG A NH1 1 
ATOM   77   N  NH2 . ARG A 1 16  ? -5.459  -11.207 0.269   1.00 15.78  ? 16  ARG A NH2 1 
ATOM   78   N  N   . VAL A 1 17  ? -1.095  -7.671  4.751   1.00 12.48  ? 17  VAL A N   1 
ATOM   79   C  CA  . VAL A 1 17  ? -1.557  -6.277  4.513   1.00 12.39  ? 17  VAL A CA  1 
ATOM   80   C  C   . VAL A 1 17  ? -1.945  -6.161  3.055   1.00 12.01  ? 17  VAL A C   1 
ATOM   81   O  O   . VAL A 1 17  ? -1.116  -6.412  2.169   1.00 12.38  ? 17  VAL A O   1 
ATOM   82   C  CB  . VAL A 1 17  ? -0.481  -5.225  4.807   1.00 12.41  ? 17  VAL A CB  1 
ATOM   83   C  CG1 . VAL A 1 17  ? -1.100  -3.853  4.661   1.00 13.50  ? 17  VAL A CG1 1 
ATOM   84   C  CG2 . VAL A 1 17  ? 0.130   -5.487  6.165   1.00 13.79  ? 17  VAL A CG2 1 
ATOM   85   N  N   . VAL A 1 18  ? -3.203  -5.856  2.803   1.00 11.42  ? 18  VAL A N   1 
ATOM   86   C  CA  . VAL A 1 18  ? -3.745  -5.779  1.432   1.00 11.94  ? 18  VAL A CA  1 
ATOM   87   C  C   . VAL A 1 18  ? -4.490  -4.476  1.237   1.00 10.93  ? 18  VAL A C   1 
ATOM   88   O  O   . VAL A 1 18  ? -4.883  -3.834  2.213   1.00 11.92  ? 18  VAL A O   1 
ATOM   89   C  CB  . VAL A 1 18  ? -4.682  -6.955  1.097   1.00 12.32  ? 18  VAL A CB  1 
ATOM   90   C  CG1 . VAL A 1 18  ? -3.857  -8.200  0.881   1.00 16.01  ? 18  VAL A CG1 1 
ATOM   91   C  CG2 . VAL A 1 18  ? -5.852  -7.103  2.079   1.00 12.87  ? 18  VAL A CG2 1 
ATOM   92   N  N   . ASN A 1 19  ? -4.712  -4.089  -0.001  1.00 10.69  ? 19  ASN A N   1 
ATOM   93   C  CA  . ASN A 1 19  ? -5.687  -3.027  -0.273  1.00 10.86  ? 19  ASN A CA  1 
ATOM   94   C  C   . ASN A 1 19  ? -7.055  -3.452  0.261   1.00 11.41  ? 19  ASN A C   1 
ATOM   95   O  O   . ASN A 1 19  ? -7.537  -4.568  -0.062  1.00 12.13  ? 19  ASN A O   1 
ATOM   96   C  CB  . ASN A 1 19  ? -5.815  -2.741  -1.760  1.00 10.95  ? 19  ASN A CB  1 
ATOM   97   C  CG  . ASN A 1 19  ? -4.514  -2.293  -2.399  1.00 10.52  ? 19  ASN A CG  1 
ATOM   98   O  OD1 . ASN A 1 19  ? -3.733  -3.094  -2.889  1.00 11.74  ? 19  ASN A OD1 1 
ATOM   99   N  ND2 . ASN A 1 19  ? -4.257  -0.998  -2.332  1.00 11.62  ? 19  ASN A ND2 1 
ATOM   100  N  N   . ARG A 1 20  ? -7.714  -2.583  1.002   1.00 11.72  ? 20  ARG A N   1 
ATOM   101  C  CA  . ARG A 1 20  ? -9.053  -2.925  1.558   1.00 12.32  ? 20  ARG A CA  1 
ATOM   102  C  C   . ARG A 1 20  ? -10.002 -3.352  0.432   1.00 12.22  ? 20  ARG A C   1 
ATOM   103  O  O   . ARG A 1 20  ? -10.787 -4.326  0.586   1.00 12.65  ? 20  ARG A O   1 
ATOM   104  C  CB  . ARG A 1 20  ? -9.606  -1.765  2.369   1.00 12.31  ? 20  ARG A CB  1 
ATOM   105  C  CG  . ARG A 1 20  ? -10.871 -2.102  3.155   1.00 13.42  ? 20  ARG A CG  1 
ATOM   106  C  CD  . ARG A 1 20  ? -11.350 -0.857  3.836   1.00 14.64  ? 20  ARG A CD  1 
ATOM   107  N  NE  . ARG A 1 20  ? -12.522 -1.033  4.719   1.00 16.07  ? 20  ARG A NE  1 
ATOM   108  C  CZ  . ARG A 1 20  ? -13.767 -1.040  4.279   1.00 17.26  ? 20  ARG A CZ  1 
ATOM   109  N  NH1 . ARG A 1 20  ? -14.058 -0.978  3.004   1.00 19.87  ? 20  ARG A NH1 1 
ATOM   110  N  NH2 . ARG A 1 20  ? -14.770 -1.088  5.157   1.00 19.46  ? 20  ARG A NH2 1 
ATOM   111  N  N   . HIS A 1 21  ? -9.953  -2.682  -0.704  1.00 12.42  ? 21  HIS A N   1 
ATOM   112  C  CA  . HIS A 1 21  ? -10.907 -2.937  -1.808  1.00 13.07  ? 21  HIS A CA  1 
ATOM   113  C  C   . HIS A 1 21  ? -10.612 -4.280  -2.466  1.00 13.43  ? 21  HIS A C   1 
ATOM   114  O  O   . HIS A 1 21  ? -11.464 -4.746  -3.247  1.00 15.05  ? 21  HIS A O   1 
ATOM   115  C  CB  . HIS A 1 21  ? -10.956 -1.767  -2.808  1.00 13.43  ? 21  HIS A CB  1 
ATOM   116  C  CG  . HIS A 1 21  ? -9.760  -1.643  -3.690  1.00 13.16  ? 21  HIS A CG  1 
ATOM   117  N  ND1 . HIS A 1 21  ? -8.620  -0.938  -3.317  1.00 13.67  ? 21  HIS A ND1 1 
ATOM   118  C  CD2 . HIS A 1 21  ? -9.527  -2.107  -4.929  1.00 13.84  ? 21  HIS A CD2 1 
ATOM   119  C  CE1 . HIS A 1 21  ? -7.778  -0.953  -4.334  1.00 13.92  ? 21  HIS A CE1 1 
ATOM   120  N  NE2 . HIS A 1 21  ? -8.288  -1.653  -5.319  1.00 15.35  ? 21  HIS A NE2 1 
ATOM   121  N  N   . LEU A 1 22  ? -9.486  -4.925  -2.208  1.00 11.83  ? 22  LEU A N   1 
ATOM   122  C  CA  . LEU A 1 22  ? -9.134  -6.228  -2.798  1.00 12.23  ? 22  LEU A CA  1 
ATOM   123  C  C   . LEU A 1 22  ? -9.152  -7.309  -1.733  1.00 12.21  ? 22  LEU A C   1 
ATOM   124  O  O   . LEU A 1 22  ? -8.839  -8.474  -2.057  1.00 13.42  ? 22  LEU A O   1 
ATOM   125  C  CB  . LEU A 1 22  ? -7.748  -6.148  -3.449  1.00 13.13  ? 22  LEU A CB  1 
ATOM   126  C  CG  . LEU A 1 22  ? -7.628  -5.200  -4.631  1.00 13.50  ? 22  LEU A CG  1 
ATOM   127  C  CD1 . LEU A 1 22  ? -6.215  -5.213  -5.225  1.00 13.60  ? 22  LEU A CD1 1 
ATOM   128  C  CD2 . LEU A 1 22  ? -8.682  -5.584  -5.698  1.00 14.54  ? 22  LEU A CD2 1 
ATOM   129  N  N   . ALA A 1 23  ? -9.503  -6.988  -0.499  1.00 12.12  ? 23  ALA A N   1 
ATOM   130  C  CA  . ALA A 1 23  ? -9.549  -8.003  0.569   1.00 12.54  ? 23  ALA A CA  1 
ATOM   131  C  C   . ALA A 1 23  ? -10.560 -9.106  0.214   1.00 13.32  ? 23  ALA A C   1 
ATOM   132  O  O   . ALA A 1 23  ? -11.647 -8.798  -0.325  1.00 14.41  ? 23  ALA A O   1 
ATOM   133  C  CB  . ALA A 1 23  ? -9.867  -7.363  1.898   1.00 13.58  ? 23  ALA A CB  1 
ATOM   134  N  N   . THR A 1 24  ? -10.217 -10.318 0.541   1.00 12.99  ? 24  THR A N   1 
ATOM   135  C  CA  . THR A 1 24  ? -11.053 -11.518 0.268   1.00 14.17  ? 24  THR A CA  1 
ATOM   136  C  C   . THR A 1 24  ? -12.008 -11.769 1.432   1.00 14.11  ? 24  THR A C   1 
ATOM   137  O  O   . THR A 1 24  ? -11.892 -11.183 2.511   1.00 13.56  ? 24  THR A O   1 
ATOM   138  C  CB  . THR A 1 24  ? -10.178 -12.750 0.026   1.00 14.63  ? 24  THR A CB  1 
ATOM   139  O  OG1 . THR A 1 24  ? -9.542  -13.043 1.269   1.00 15.51  ? 24  THR A OG1 1 
ATOM   140  C  CG2 . THR A 1 24  ? -9.166  -12.551 -1.091  1.00 15.85  ? 24  THR A CG2 1 
ATOM   141  N  N   . HIS A 1 25  ? -12.981 -12.687 1.246   1.00 14.40  ? 25  HIS A N   1 
ATOM   142  C  CA  . HIS A 1 25  ? -13.799 -13.132 2.391   1.00 15.02  ? 25  HIS A CA  1 
ATOM   143  C  C   . HIS A 1 25  ? -12.887 -13.693 3.491   1.00 13.97  ? 25  HIS A C   1 
ATOM   144  O  O   . HIS A 1 25  ? -13.149 -13.400 4.650   1.00 13.97  ? 25  HIS A O   1 
ATOM   145  C  CB  . HIS A 1 25  ? -14.909 -14.115 1.931   1.00 16.20  ? 25  HIS A CB  1 
ATOM   146  C  CG  . HIS A 1 25  ? -15.452 -14.881 3.101   1.00 18.43  ? 25  HIS A CG  1 
ATOM   147  N  ND1 . HIS A 1 25  ? -16.416 -14.355 3.920   1.00 19.63  ? 25  HIS A ND1 1 
ATOM   148  C  CD2 . HIS A 1 25  ? -15.068 -16.052 3.693   1.00 20.69  ? 25  HIS A CD2 1 
ATOM   149  C  CE1 . HIS A 1 25  ? -16.726 -15.210 4.870   1.00 19.38  ? 25  HIS A CE1 1 
ATOM   150  N  NE2 . HIS A 1 25  ? -15.879 -16.243 4.793   1.00 22.13  ? 25  HIS A NE2 1 
ATOM   151  N  N   . ASN A 1 26  ? -11.867 -14.457 3.140   1.00 15.42  ? 26  ASN A N   1 
ATOM   152  C  CA  . ASN A 1 26  ? -10.968 -15.040 4.157   1.00 16.02  ? 26  ASN A CA  1 
ATOM   153  C  C   . ASN A 1 26  ? -10.259 -13.920 4.947   1.00 15.13  ? 26  ASN A C   1 
ATOM   154  O  O   . ASN A 1 26  ? -10.128 -13.986 6.164   1.00 15.00  ? 26  ASN A O   1 
ATOM   155  C  CB  . ASN A 1 26  ? -9.941  -15.991 3.547   1.00 17.91  ? 26  ASN A CB  1 
ATOM   156  C  CG  . ASN A 1 26  ? -9.088  -16.634 4.622   1.00 23.94  ? 26  ASN A CG  1 
ATOM   157  O  OD1 . ASN A 1 26  ? -9.553  -17.532 5.327   1.00 29.04  ? 26  ASN A OD1 1 
ATOM   158  N  ND2 . ASN A 1 26  ? -7.877  -16.140 4.823   1.00 25.06  ? 26  ASN A ND2 1 
ATOM   159  N  N   . ASP A 1 27  ? -9.868  -12.844 4.256   1.00 14.42  ? 27  ASP A N   1 
ATOM   160  C  CA  . ASP A 1 27  ? -9.294  -11.661 4.951   1.00 13.60  ? 27  ASP A CA  1 
ATOM   161  C  C   . ASP A 1 27  ? -10.291 -11.113 5.964   1.00 12.61  ? 27  ASP A C   1 
ATOM   162  O  O   . ASP A 1 27  ? -9.901  -10.845 7.101   1.00 13.51  ? 27  ASP A O   1 
ATOM   163  C  CB  . ASP A 1 27  ? -8.893  -10.547 3.978   1.00 13.15  ? 27  ASP A CB  1 
ATOM   164  C  CG  . ASP A 1 27  ? -7.647  -10.858 3.150   1.00 13.67  ? 27  ASP A CG  1 
ATOM   165  O  OD1 . ASP A 1 27  ? -6.725  -11.478 3.687   1.00 15.47  ? 27  ASP A OD1 1 
ATOM   166  O  OD2 . ASP A 1 27  ? -7.651  -10.557 1.951   1.00 14.19  ? 27  ASP A OD2 1 
ATOM   167  N  N   . TRP A 1 28  ? -11.531 -10.823 5.550   1.00 12.35  ? 28  TRP A N   1 
ATOM   168  C  CA  . TRP A 1 28  ? -12.548 -10.238 6.434   1.00 12.14  ? 28  TRP A CA  1 
ATOM   169  C  C   . TRP A 1 28  ? -12.887 -11.197 7.577   1.00 11.43  ? 28  TRP A C   1 
ATOM   170  O  O   . TRP A 1 28  ? -13.204 -10.712 8.617   1.00 13.80  ? 28  TRP A O   1 
ATOM   171  C  CB  . TRP A 1 28  ? -13.806 -9.927  5.608   1.00 12.22  ? 28  TRP A CB  1 
ATOM   172  C  CG  . TRP A 1 28  ? -13.656 -8.641  4.855   1.00 12.51  ? 28  TRP A CG  1 
ATOM   173  C  CD1 . TRP A 1 28  ? -13.451 -8.464  3.516   1.00 13.36  ? 28  TRP A CD1 1 
ATOM   174  C  CD2 . TRP A 1 28  ? -13.792 -7.330  5.409   1.00 12.25  ? 28  TRP A CD2 1 
ATOM   175  N  NE1 . TRP A 1 28  ? -13.455 -7.126  3.226   1.00 12.59  ? 28  TRP A NE1 1 
ATOM   176  C  CE2 . TRP A 1 28  ? -13.656 -6.399  4.365   1.00 12.21  ? 28  TRP A CE2 1 
ATOM   177  C  CE3 . TRP A 1 28  ? -14.035 -6.833  6.693   1.00 13.17  ? 28  TRP A CE3 1 
ATOM   178  C  CZ2 . TRP A 1 28  ? -13.736 -5.023  4.583   1.00 13.99  ? 28  TRP A CZ2 1 
ATOM   179  C  CZ3 . TRP A 1 28  ? -14.078 -5.485  6.904   1.00 13.95  ? 28  TRP A CZ3 1 
ATOM   180  C  CH2 . TRP A 1 28  ? -13.923 -4.580  5.864   1.00 13.75  ? 28  TRP A CH2 1 
ATOM   181  N  N   . ALA A 1 29  ? -12.825 -12.493 7.353   1.00 12.91  ? 29  ALA A N   1 
ATOM   182  C  CA  . ALA A 1 29  ? -13.157 -13.510 8.369   1.00 13.69  ? 29  ALA A CA  1 
ATOM   183  C  C   . ALA A 1 29  ? -12.016 -13.673 9.360   1.00 15.81  ? 29  ALA A C   1 
ATOM   184  O  O   . ALA A 1 29  ? -12.199 -14.328 10.388  1.00 17.71  ? 29  ALA A O   1 
ATOM   185  C  CB  . ALA A 1 29  ? -13.477 -14.803 7.669   1.00 13.87  ? 29  ALA A CB  1 
ATOM   186  N  N   . ASN A 1 30  ? -10.852 -13.107 9.071   1.00 17.17  ? 30  ASN A N   1 
ATOM   187  C  CA  . ASN A 1 30  ? -9.654  -13.208 9.940   1.00 17.49  ? 30  ASN A CA  1 
ATOM   188  C  C   . ASN A 1 30  ? -9.124  -11.789 10.128  1.00 16.83  ? 30  ASN A C   1 
ATOM   189  O  O   . ASN A 1 30  ? -7.874  -11.609 10.077  1.00 18.58  ? 30  ASN A O   1 
ATOM   190  C  CB  . ASN A 1 30  ? -8.621  -14.119 9.311   1.00 18.23  ? 30  ASN A CB  1 
ATOM   191  C  CG  . ASN A 1 30  ? -9.070  -15.565 9.323   1.00 20.44  ? 30  ASN A CG  1 
ATOM   192  O  OD1 . ASN A 1 30  ? -8.954  -16.231 10.347  1.00 23.28  ? 30  ASN A OD1 1 
ATOM   193  N  ND2 . ASN A 1 30  ? -9.606  -16.039 8.221   1.00 21.08  ? 30  ASN A ND2 1 
ATOM   194  N  N   . LEU A 1 31  ? -10.000 -10.849 10.382  1.00 17.63  ? 31  LEU A N   1 
ATOM   195  C  CA  . LEU A 1 31  ? -9.701  -9.406  10.328  1.00 17.69  ? 31  LEU A CA  1 
ATOM   196  C  C   . LEU A 1 31  ? -8.907  -8.999  11.565  1.00 19.20  ? 31  LEU A C   1 
ATOM   197  O  O   . LEU A 1 31  ? -9.280  -9.377  12.694  1.00 20.24  ? 31  LEU A O   1 
ATOM   198  C  CB  . LEU A 1 31  ? -10.977 -8.583  10.276  1.00 17.03  ? 31  LEU A CB  1 
ATOM   199  C  CG  . LEU A 1 31  ? -10.742 -7.077  10.215  1.00 16.84  ? 31  LEU A CG  1 
ATOM   200  C  CD1 . LEU A 1 31  ? -9.995  -6.673  8.947   1.00 16.71  ? 31  LEU A CD1 1 
ATOM   201  C  CD2 . LEU A 1 31  ? -12.032 -6.328  10.313  1.00 17.66  ? 31  LEU A CD2 1 
ATOM   202  N  N   . VAL A 1 32  ? -7.824  -8.241  11.371  1.00 17.62  ? 32  VAL A N   1 
ATOM   203  C  CA  . VAL A 1 32  ? -7.052  -7.617  12.479  1.00 19.92  ? 32  VAL A CA  1 
ATOM   204  C  C   . VAL A 1 32  ? -7.427  -6.145  12.552  1.00 18.76  ? 32  VAL A C   1 
ATOM   205  O  O   . VAL A 1 32  ? -7.766  -5.626  13.641  1.00 22.41  ? 32  VAL A O   1 
ATOM   206  C  CB  . VAL A 1 32  ? -5.552  -7.875  12.291  1.00 20.74  ? 32  VAL A CB  1 
ATOM   207  C  CG1 . VAL A 1 32  ? -4.708  -7.090  13.283  1.00 22.64  ? 32  VAL A CG1 1 
ATOM   208  C  CG2 . VAL A 1 32  ? -5.225  -9.353  12.332  1.00 22.63  ? 32  VAL A CG2 1 
ATOM   209  N  N   . TRP A 1 33  ? -7.427  -5.456  11.416  1.00 17.18  ? 33  TRP A N   1 
ATOM   210  C  CA  . TRP A 1 33  ? -7.668  -4.001  11.386  1.00 16.46  ? 33  TRP A CA  1 
ATOM   211  C  C   . TRP A 1 33  ? -8.005  -3.589  9.960   1.00 15.09  ? 33  TRP A C   1 
ATOM   212  O  O   . TRP A 1 33  ? -7.455  -4.182  9.011   1.00 15.20  ? 33  TRP A O   1 
ATOM   213  C  CB  . TRP A 1 33  ? -6.425  -3.267  11.928  1.00 18.02  ? 33  TRP A CB  1 
ATOM   214  C  CG  . TRP A 1 33  ? -6.339  -1.792  11.678  1.00 17.75  ? 33  TRP A CG  1 
ATOM   215  C  CD1 . TRP A 1 33  ? -6.809  -0.822  12.502  1.00 20.34  ? 33  TRP A CD1 1 
ATOM   216  C  CD2 . TRP A 1 33  ? -5.684  -1.104  10.585  1.00 17.02  ? 33  TRP A CD2 1 
ATOM   217  N  NE1 . TRP A 1 33  ? -6.549  0.416   11.980  1.00 22.56  ? 33  TRP A NE1 1 
ATOM   218  C  CE2 . TRP A 1 33  ? -5.841  0.273   10.809  1.00 19.16  ? 33  TRP A CE2 1 
ATOM   219  C  CE3 . TRP A 1 33  ? -4.981  -1.516  9.454   1.00 16.80  ? 33  TRP A CE3 1 
ATOM   220  C  CZ2 . TRP A 1 33  ? -5.288  1.237   9.964   1.00 17.92  ? 33  TRP A CZ2 1 
ATOM   221  C  CZ3 . TRP A 1 33  ? -4.447  -0.559  8.609   1.00 17.88  ? 33  TRP A CZ3 1 
ATOM   222  C  CH2 . TRP A 1 33  ? -4.620  0.792   8.857   1.00 17.76  ? 33  TRP A CH2 1 
ATOM   223  N  N   . GLU A 1 34  ? -8.858  -2.618  9.805   1.00 15.33  ? 34  GLU A N   1 
ATOM   224  C  CA  . GLU A 1 34  ? -9.158  -2.102  8.458   1.00 14.82  ? 34  GLU A CA  1 
ATOM   225  C  C   . GLU A 1 34  ? -9.491  -0.638  8.583   1.00 16.28  ? 34  GLU A C   1 
ATOM   226  O  O   . GLU A 1 34  ? -10.057 -0.190  9.630   1.00 18.06  ? 34  GLU A O   1 
ATOM   227  C  CB  . GLU A 1 34  ? -10.285 -2.863  7.758   1.00 16.42  ? 34  GLU A CB  1 
ATOM   228  C  CG  . GLU A 1 34  ? -11.549 -2.940  8.605   1.00 16.78  ? 34  GLU A CG  1 
ATOM   229  C  CD  . GLU A 1 34  ? -12.523 -1.784  8.449   1.00 18.15  ? 34  GLU A CD  1 
ATOM   230  O  OE1 . GLU A 1 34  ? -13.366 -1.654  9.338   1.00 19.89  ? 34  GLU A OE1 1 
ATOM   231  O  OE2 . GLU A 1 34  ? -12.464 -1.037  7.482   1.00 17.11  ? 34  GLU A OE2 1 
ATOM   232  N  N   . ASP A 1 35  ? -9.205  0.098   7.536   1.00 16.23  ? 35  ASP A N   1 
ATOM   233  C  CA  . ASP A 1 35  ? -9.410  1.557   7.543   1.00 16.26  ? 35  ASP A CA  1 
ATOM   234  C  C   . ASP A 1 35  ? -9.737  1.961   6.115   1.00 17.30  ? 35  ASP A C   1 
ATOM   235  O  O   . ASP A 1 35  ? -8.844  1.934   5.225   1.00 16.31  ? 35  ASP A O   1 
ATOM   236  C  CB  . ASP A 1 35  ? -8.174  2.234   8.148   1.00 18.31  ? 35  ASP A CB  1 
ATOM   237  C  CG  . ASP A 1 35  ? -8.295  3.737   8.236   1.00 19.04  ? 35  ASP A CG  1 
ATOM   238  O  OD1 . ASP A 1 35  ? -8.885  4.319   7.334   1.00 20.17  ? 35  ASP A OD1 1 
ATOM   239  O  OD2 . ASP A 1 35  ? -7.758  4.304   9.222   1.00 22.58  ? 35  ASP A OD2 1 
ATOM   240  N  N   A SER A 1 36  ? -11.001 2.267   5.855   0.25 17.66  ? 36  SER A N   1 
ATOM   241  N  N   B SER A 1 36  ? -11.003 2.294   5.855   0.25 18.35  ? 36  SER A N   1 
ATOM   242  C  CA  A SER A 1 36  ? -11.487 2.619   4.508   0.25 17.49  ? 36  SER A CA  1 
ATOM   243  C  CA  B SER A 1 36  ? -11.519 2.629   4.507   0.25 18.74  ? 36  SER A CA  1 
ATOM   244  C  C   A SER A 1 36  ? -10.766 3.875   4.012   0.25 17.82  ? 36  SER A C   1 
ATOM   245  C  C   B SER A 1 36  ? -10.869 3.915   3.991   0.25 18.66  ? 36  SER A C   1 
ATOM   246  O  O   A SER A 1 36  ? -10.335 3.883   2.856   0.25 17.83  ? 36  SER A O   1 
ATOM   247  O  O   B SER A 1 36  ? -10.640 4.002   2.775   0.25 19.26  ? 36  SER A O   1 
ATOM   248  C  CB  A SER A 1 36  ? -12.971 2.798   4.492   0.25 18.02  ? 36  SER A CB  1 
ATOM   249  C  CB  B SER A 1 36  ? -13.027 2.734   4.487   0.25 19.86  ? 36  SER A CB  1 
ATOM   250  O  OG  A SER A 1 36  ? -13.381 3.262   3.223   0.25 18.33  ? 36  SER A OG  1 
ATOM   251  O  OG  B SER A 1 36  ? -13.505 3.565   5.538   0.25 21.77  ? 36  SER A OG  1 
ATOM   252  N  N   . SER A 1 37  ? -10.590 4.866   4.887   1.00 18.11  ? 37  SER A N   1 
ATOM   253  C  CA  . SER A 1 37  ? -9.963  6.159   4.506   1.00 18.48  ? 37  SER A CA  1 
ATOM   254  C  C   . SER A 1 37  ? -8.551  5.916   3.973   1.00 18.32  ? 37  SER A C   1 
ATOM   255  O  O   . SER A 1 37  ? -8.122  6.717   3.139   1.00 19.80  ? 37  SER A O   1 
ATOM   256  C  CB  . SER A 1 37  ? -9.936  7.126   5.643   1.00 19.14  ? 37  SER A CB  1 
ATOM   257  O  OG  . SER A 1 37  ? -8.964  6.790   6.593   1.00 24.44  ? 37  SER A OG  1 
ATOM   258  N  N   . ARG A 1 38  ? -7.887  4.837   4.392   1.00 15.91  ? 38  ARG A N   1 
ATOM   259  C  CA  . ARG A 1 38  ? -6.483  4.522   3.969   1.00 15.24  ? 38  ARG A CA  1 
ATOM   260  C  C   . ARG A 1 38  ? -6.423  3.461   2.857   1.00 14.62  ? 38  ARG A C   1 
ATOM   261  O  O   . ARG A 1 38  ? -5.306  3.170   2.367   1.00 14.34  ? 38  ARG A O   1 
ATOM   262  C  CB  . ARG A 1 38  ? -5.705  4.009   5.178   1.00 15.58  ? 38  ARG A CB  1 
ATOM   263  C  CG  . ARG A 1 38  ? -5.551  5.037   6.282   1.00 15.56  ? 38  ARG A CG  1 
ATOM   264  C  CD  . ARG A 1 38  ? -4.714  4.519   7.398   1.00 15.69  ? 38  ARG A CD  1 
ATOM   265  N  NE  . ARG A 1 38  ? -3.332  4.193   7.037   1.00 14.50  ? 38  ARG A NE  1 
ATOM   266  C  CZ  . ARG A 1 38  ? -2.299  4.304   7.879   1.00 15.23  ? 38  ARG A CZ  1 
ATOM   267  N  NH1 . ARG A 1 38  ? -2.498  4.661   9.152   1.00 16.27  ? 38  ARG A NH1 1 
ATOM   268  N  NH2 . ARG A 1 38  ? -1.062  4.086   7.456   1.00 15.44  ? 38  ARG A NH2 1 
ATOM   269  N  N   . ASP A 1 39  ? -7.548  2.843   2.517   1.00 14.82  ? 39  ASP A N   1 
ATOM   270  C  CA  . ASP A 1 39  ? -7.612  1.681   1.595   1.00 13.47  ? 39  ASP A CA  1 
ATOM   271  C  C   . ASP A 1 39  ? -6.747  0.547   2.112   1.00 12.53  ? 39  ASP A C   1 
ATOM   272  O  O   . ASP A 1 39  ? -6.118  -0.120  1.308   1.00 12.80  ? 39  ASP A O   1 
ATOM   273  C  CB  . ASP A 1 39  ? -7.201  2.050   0.163   1.00 14.09  ? 39  ASP A CB  1 
ATOM   274  C  CG  . ASP A 1 39  ? -7.365  0.927   -0.835  1.00 14.62  ? 39  ASP A CG  1 
ATOM   275  O  OD1 . ASP A 1 39  ? -8.332  0.128   -0.702  1.00 14.25  ? 39  ASP A OD1 1 
ATOM   276  O  OD2 . ASP A 1 39  ? -6.528  0.786   -1.751  1.00 14.59  ? 39  ASP A OD2 1 
ATOM   277  N  N   . LEU A 1 40  ? -6.712  0.305   3.424   1.00 12.62  ? 40  LEU A N   1 
ATOM   278  C  CA  . LEU A 1 40  ? -5.905  -0.796  3.989   1.00 12.54  ? 40  LEU A CA  1 
ATOM   279  C  C   . LEU A 1 40  ? -6.758  -1.775  4.780   1.00 12.03  ? 40  LEU A C   1 
ATOM   280  O  O   . LEU A 1 40  ? -7.675  -1.328  5.495   1.00 12.70  ? 40  LEU A O   1 
ATOM   281  C  CB  . LEU A 1 40  ? -4.777  -0.262  4.878   1.00 12.74  ? 40  LEU A CB  1 
ATOM   282  C  CG  . LEU A 1 40  ? -3.596  0.420   4.178   1.00 12.82  ? 40  LEU A CG  1 
ATOM   283  C  CD1 . LEU A 1 40  ? -2.549  0.834   5.219   1.00 13.61  ? 40  LEU A CD1 1 
ATOM   284  C  CD2 . LEU A 1 40  ? -2.947  -0.505  3.163   1.00 12.29  ? 40  LEU A CD2 1 
ATOM   285  N  N   . LEU A 1 41  ? -6.364  -3.033  4.726   1.00 11.62  ? 41  LEU A N   1 
ATOM   286  C  CA  . LEU A 1 41  ? -6.931  -4.072  5.573   1.00 11.54  ? 41  LEU A CA  1 
ATOM   287  C  C   . LEU A 1 41  ? -5.792  -4.992  5.939   1.00 11.17  ? 41  LEU A C   1 
ATOM   288  O  O   . LEU A 1 41  ? -4.979  -5.338  5.062   1.00 12.36  ? 41  LEU A O   1 
ATOM   289  C  CB  . LEU A 1 41  ? -8.080  -4.775  4.855   1.00 11.85  ? 41  LEU A CB  1 
ATOM   290  C  CG  . LEU A 1 41  ? -8.797  -5.852  5.672   1.00 12.39  ? 41  LEU A CG  1 
ATOM   291  C  CD1 . LEU A 1 41  ? -10.259 -5.939  5.265   1.00 12.60  ? 41  LEU A CD1 1 
ATOM   292  C  CD2 . LEU A 1 41  ? -8.138  -7.185  5.495   1.00 12.37  ? 41  LEU A CD2 1 
ATOM   293  N  N   . VAL A 1 42  ? -5.789  -5.431  7.193   1.00 12.86  ? 42  VAL A N   1 
ATOM   294  C  CA  . VAL A 1 42  ? -4.796  -6.381  7.714   1.00 13.20  ? 42  VAL A CA  1 
ATOM   295  C  C   . VAL A 1 42  ? -5.555  -7.594  8.262   1.00 14.31  ? 42  VAL A C   1 
ATOM   296  O  O   . VAL A 1 42  ? -6.447  -7.385  9.074   1.00 15.59  ? 42  VAL A O   1 
ATOM   297  C  CB  . VAL A 1 42  ? -3.879  -5.776  8.782   1.00 14.46  ? 42  VAL A CB  1 
ATOM   298  C  CG1 . VAL A 1 42  ? -2.886  -6.794  9.263   1.00 16.82  ? 42  VAL A CG1 1 
ATOM   299  C  CG2 . VAL A 1 42  ? -3.167  -4.551  8.205   1.00 14.09  ? 42  VAL A CG2 1 
ATOM   300  N  N   . SER A 1 43  ? -5.187  -8.750  7.790   1.00 14.54  ? 43  SER A N   1 
ATOM   301  C  CA  . SER A 1 43  ? -5.739  -10.033 8.292   1.00 15.67  ? 43  SER A CA  1 
ATOM   302  C  C   . SER A 1 43  ? -4.617  -10.850 8.944   1.00 19.29  ? 43  SER A C   1 
ATOM   303  O  O   . SER A 1 43  ? -3.393  -10.615 8.694   1.00 17.77  ? 43  SER A O   1 
ATOM   304  C  CB  . SER A 1 43  ? -6.434  -10.745 7.157   1.00 15.34  ? 43  SER A CB  1 
ATOM   305  O  OG  . SER A 1 43  ? -5.520  -11.102 6.144   1.00 16.13  ? 43  SER A OG  1 
ATOM   306  N  N   . SER A 1 44  ? -5.015  -11.848 9.726   1.00 18.00  ? 44  SER A N   1 
ATOM   307  C  CA  . SER A 1 44  ? -4.062  -12.780 10.391  1.00 20.74  ? 44  SER A CA  1 
ATOM   308  C  C   . SER A 1 44  ? -3.638  -13.919 9.467   1.00 22.09  ? 44  SER A C   1 
ATOM   309  O  O   . SER A 1 44  ? -4.456  -14.388 8.633   1.00 23.87  ? 44  SER A O   1 
ATOM   310  C  CB  . SER A 1 44  ? -4.649  -13.318 11.635  1.00 22.06  ? 44  SER A CB  1 
ATOM   311  O  OG  . SER A 1 44  ? -5.792  -14.076 11.318  1.00 22.68  ? 44  SER A OG  1 
ATOM   312  N  N   . THR A 1 45  ? -2.399  -14.408 9.601   1.00 24.64  ? 45  THR A N   1 
ATOM   313  C  CA  . THR A 1 45  ? -1.851  -15.508 8.775   1.00 26.44  ? 45  THR A CA  1 
ATOM   314  C  C   . THR A 1 45  ? -1.410  -16.667 9.682   1.00 30.23  ? 45  THR A C   1 
ATOM   315  O  O   . THR A 1 45  ? -1.118  -16.425 10.845  1.00 29.07  ? 45  THR A O   1 
ATOM   316  C  CB  . THR A 1 45  ? -0.659  -15.057 7.928   1.00 27.83  ? 45  THR A CB  1 
ATOM   317  O  OG1 . THR A 1 45  ? 0.364   -14.721 8.865   1.00 28.74  ? 45  THR A OG1 1 
ATOM   318  C  CG2 . THR A 1 45  ? -0.956  -13.858 7.052   1.00 25.82  ? 45  THR A CG2 1 
ATOM   319  N  N   . THR A 1 46  ? -1.325  -17.876 9.150   1.00 34.58  ? 46  THR A N   1 
ATOM   320  C  CA  . THR A 1 46  ? -0.845  -19.034 9.954   1.00 35.93  ? 46  THR A CA  1 
ATOM   321  C  C   . THR A 1 46  ? 0.682   -19.074 9.833   1.00 35.49  ? 46  THR A C   1 
ATOM   322  O  O   . THR A 1 46  ? 1.339   -19.267 10.860  1.00 40.87  ? 46  THR A O   1 
ATOM   323  C  CB  . THR A 1 46  ? -1.635  -20.299 9.588   1.00 35.86  ? 46  THR A CB  1 
ATOM   324  O  OG1 . THR A 1 46  ? -1.490  -20.548 8.196   1.00 36.75  ? 46  THR A OG1 1 
ATOM   325  C  CG2 . THR A 1 46  ? -3.109  -20.162 9.889   1.00 37.78  ? 46  THR A CG2 1 
ATOM   326  N  N   . ALA A 1 47  ? 1.224   -18.847 8.637   1.00 36.73  ? 47  ALA A N   1 
ATOM   327  C  CA  . ALA A 1 47  ? 2.684   -18.826 8.373   1.00 36.61  ? 47  ALA A CA  1 
ATOM   328  C  C   . ALA A 1 47  ? 3.255   -17.419 8.616   1.00 37.69  ? 47  ALA A C   1 
ATOM   329  O  O   . ALA A 1 47  ? 2.473   -16.442 8.611   1.00 34.27  ? 47  ALA A O   1 
ATOM   330  C  CB  . ALA A 1 47  ? 2.940   -19.280 6.966   1.00 37.24  ? 47  ALA A CB  1 
ATOM   331  N  N   . GLN A 1 48  ? 4.574   -17.324 8.819   1.00 34.44  ? 48  GLN A N   1 
ATOM   332  C  CA  . GLN A 1 48  ? 5.309   -16.034 8.971   1.00 31.86  ? 48  GLN A CA  1 
ATOM   333  C  C   . GLN A 1 48  ? 5.760   -15.500 7.606   1.00 27.62  ? 48  GLN A C   1 
ATOM   334  O  O   . GLN A 1 48  ? 6.075   -16.301 6.713   1.00 31.31  ? 48  GLN A O   1 
ATOM   335  C  CB  . GLN A 1 48  ? 6.482   -16.209 9.926   1.00 36.22  ? 48  GLN A CB  1 
ATOM   336  C  CG  . GLN A 1 48  ? 6.018   -16.434 11.351  1.00 40.67  ? 48  GLN A CG  1 
ATOM   337  C  CD  . GLN A 1 48  ? 6.948   -15.758 12.322  1.00 48.54  ? 48  GLN A CD  1 
ATOM   338  O  OE1 . GLN A 1 48  ? 8.030   -16.256 12.610  1.00 55.02  ? 48  GLN A OE1 1 
ATOM   339  N  NE2 . GLN A 1 48  ? 6.541   -14.598 12.817  1.00 54.13  ? 48  GLN A NE2 1 
ATOM   340  N  N   . GLY A 1 49  ? 5.774   -14.167 7.453   1.00 28.01  ? 49  GLY A N   1 
ATOM   341  C  CA  . GLY A 1 49  ? 6.054   -13.523 6.156   1.00 30.23  ? 49  GLY A CA  1 
ATOM   342  C  C   . GLY A 1 49  ? 7.499   -13.063 6.009   1.00 28.00  ? 49  GLY A C   1 
ATOM   343  O  O   . GLY A 1 49  ? 8.149   -12.874 7.062   1.00 25.57  ? 49  GLY A O   1 
ATOM   344  N  N   . CYS A 1 50  ? 7.931   -12.816 4.762   1.00 26.49  ? 50  CYS A N   1 
ATOM   345  C  CA  . CYS A 1 50  ? 9.337   -12.506 4.372   1.00 28.03  ? 50  CYS A CA  1 
ATOM   346  C  C   . CYS A 1 50  ? 9.608   -10.990 4.428   1.00 26.54  ? 50  CYS A C   1 
ATOM   347  O  O   . CYS A 1 50  ? 10.793  -10.649 4.322   1.00 25.38  ? 50  CYS A O   1 
ATOM   348  C  CB  . CYS A 1 50  ? 9.689   -12.991 2.957   1.00 30.29  ? 50  CYS A CB  1 
ATOM   349  S  SG  . CYS A 1 50  ? 9.916   -14.789 2.751   1.00 41.35  ? 50  CYS A SG  1 
ATOM   350  N  N   . ASP A 1 51  ? 8.605   -10.130 4.630   1.00 23.81  ? 51  ASP A N   1 
ATOM   351  C  CA  . ASP A 1 51  ? 8.810   -8.653  4.534   1.00 21.25  ? 51  ASP A CA  1 
ATOM   352  C  C   . ASP A 1 51  ? 9.129   -7.975  5.874   1.00 21.08  ? 51  ASP A C   1 
ATOM   353  O  O   . ASP A 1 51  ? 8.610   -8.328  6.920   1.00 22.95  ? 51  ASP A O   1 
ATOM   354  C  CB  . ASP A 1 51  ? 7.617   -7.967  3.856   1.00 21.97  ? 51  ASP A CB  1 
ATOM   355  C  CG  . ASP A 1 51  ? 7.246   -8.526  2.498   1.00 22.60  ? 51  ASP A CG  1 
ATOM   356  O  OD1 . ASP A 1 51  ? 8.149   -8.767  1.670   1.00 26.03  ? 51  ASP A OD1 1 
ATOM   357  O  OD2 . ASP A 1 51  ? 6.033   -8.727  2.277   1.00 23.41  ? 51  ASP A OD2 1 
ATOM   358  N  N   . THR A 1 52  ? 9.970   -6.935  5.789   1.00 17.48  ? 52  THR A N   1 
ATOM   359  C  CA  . THR A 1 52  ? 10.364  -5.967  6.835   1.00 17.78  ? 52  THR A CA  1 
ATOM   360  C  C   . THR A 1 52  ? 9.735   -4.613  6.522   1.00 14.48  ? 52  THR A C   1 
ATOM   361  O  O   . THR A 1 52  ? 9.841   -4.182  5.356   1.00 15.07  ? 52  THR A O   1 
ATOM   362  C  CB  . THR A 1 52  ? 11.886  -5.781  6.847   1.00 17.91  ? 52  THR A CB  1 
ATOM   363  O  OG1 . THR A 1 52  ? 12.430  -7.058  7.211   1.00 22.68  ? 52  THR A OG1 1 
ATOM   364  C  CG2 . THR A 1 52  ? 12.388  -4.719  7.807   1.00 19.81  ? 52  THR A CG2 1 
ATOM   365  N  N   . ILE A 1 53  ? 9.078   -4.001  7.481   1.00 13.54  ? 53  ILE A N   1 
ATOM   366  C  CA  . ILE A 1 53  ? 8.479   -2.666  7.288   1.00 13.19  ? 53  ILE A CA  1 
ATOM   367  C  C   . ILE A 1 53  ? 9.528   -1.600  7.563   1.00 12.78  ? 53  ILE A C   1 
ATOM   368  O  O   . ILE A 1 53  ? 10.220  -1.648  8.605   1.00 13.60  ? 53  ILE A O   1 
ATOM   369  C  CB  . ILE A 1 53  ? 7.260   -2.487  8.173   1.00 13.68  ? 53  ILE A CB  1 
ATOM   370  C  CG1 . ILE A 1 53  ? 6.259   -3.654  8.030   1.00 13.66  ? 53  ILE A CG1 1 
ATOM   371  C  CG2 . ILE A 1 53  ? 6.618   -1.148  7.878   1.00 13.05  ? 53  ILE A CG2 1 
ATOM   372  C  CD1 . ILE A 1 53  ? 5.783   -3.901  6.620   1.00 14.10  ? 53  ILE A CD1 1 
ATOM   373  N  N   . ALA A 1 54  ? 9.686   -0.683  6.624   1.00 11.74  ? 54  ALA A N   1 
ATOM   374  C  CA  . ALA A 1 54  ? 10.537  0.497   6.792   1.00 11.24  ? 54  ALA A CA  1 
ATOM   375  C  C   . ALA A 1 54  ? 10.025  1.329   7.960   1.00 10.96  ? 54  ALA A C   1 
ATOM   376  O  O   . ALA A 1 54  ? 8.826   1.558   8.079   1.00 11.79  ? 54  ALA A O   1 
ATOM   377  C  CB  . ALA A 1 54  ? 10.537  1.272   5.504   1.00 11.89  ? 54  ALA A CB  1 
ATOM   378  N  N   . ARG A 1 55  ? 10.953  1.846   8.775   1.00 11.89  ? 55  ARG A N   1 
ATOM   379  C  CA  . ARG A 1 55  ? 10.639  2.821   9.845   1.00 11.53  ? 55  ARG A CA  1 
ATOM   380  C  C   . ARG A 1 55  ? 11.495  4.040   9.589   1.00 11.45  ? 55  ARG A C   1 
ATOM   381  O  O   . ARG A 1 55  ? 12.675  4.055   9.989   1.00 13.39  ? 55  ARG A O   1 
ATOM   382  C  CB  . ARG A 1 55  ? 10.817  2.240   11.241  1.00 13.37  ? 55  ARG A CB  1 
ATOM   383  C  CG  . ARG A 1 55  ? 10.062  0.931   11.437  1.00 14.07  ? 55  ARG A CG  1 
ATOM   384  C  CD  . ARG A 1 55  ? 8.567   1.044   11.362  1.00 14.07  ? 55  ARG A CD  1 
ATOM   385  N  NE  . ARG A 1 55  ? 7.926   -0.258  11.567  1.00 14.41  ? 55  ARG A NE  1 
ATOM   386  C  CZ  . ARG A 1 55  ? 6.628   -0.482  11.378  1.00 15.58  ? 55  ARG A CZ  1 
ATOM   387  N  NH1 . ARG A 1 55  ? 5.816   0.471   10.965  1.00 14.75  ? 55  ARG A NH1 1 
ATOM   388  N  NH2 . ARG A 1 55  ? 6.159   -1.715  11.580  1.00 18.38  ? 55  ARG A NH2 1 
ATOM   389  N  N   . CYS A 1 56  ? 10.947  5.027   8.933   1.00 11.17  ? 56  CYS A N   1 
ATOM   390  C  CA  . CYS A 1 56  ? 11.758  6.086   8.307   1.00 11.75  ? 56  CYS A CA  1 
ATOM   391  C  C   . CYS A 1 56  ? 10.855  7.127   7.685   1.00 11.77  ? 56  CYS A C   1 
ATOM   392  O  O   . CYS A 1 56  ? 9.635   6.954   7.599   1.00 12.22  ? 56  CYS A O   1 
ATOM   393  C  CB  . CYS A 1 56  ? 12.653  5.515   7.198   1.00 10.19  ? 56  CYS A CB  1 
ATOM   394  S  SG  . CYS A 1 56  ? 11.687  4.988   5.761   1.00 11.35  ? 56  CYS A SG  1 
ATOM   395  N  N   A ASP A 1 57  ? 11.425  8.255   7.241   0.25 12.03  ? 57  ASP A N   1 
ATOM   396  N  N   B ASP A 1 57  ? 11.539  8.162   7.187   0.25 13.03  ? 57  ASP A N   1 
ATOM   397  C  CA  A ASP A 1 57  ? 10.716  9.249   6.391   0.25 12.38  ? 57  ASP A CA  1 
ATOM   398  C  CA  B ASP A 1 57  ? 11.006  9.373   6.527   0.25 13.75  ? 57  ASP A CA  1 
ATOM   399  C  C   A ASP A 1 57  ? 11.452  9.368   5.053   0.25 12.29  ? 57  ASP A C   1 
ATOM   400  C  C   B ASP A 1 57  ? 11.371  9.367   5.032   0.25 12.95  ? 57  ASP A C   1 
ATOM   401  O  O   A ASP A 1 57  ? 11.608  10.473  4.547   0.25 12.21  ? 57  ASP A O   1 
ATOM   402  O  O   B ASP A 1 57  ? 11.151  10.415  4.382   0.25 12.33  ? 57  ASP A O   1 
ATOM   403  C  CB  A ASP A 1 57  ? 10.544  10.605  7.086   0.25 13.03  ? 57  ASP A CB  1 
ATOM   404  C  CB  B ASP A 1 57  ? 11.576  10.605  7.241   0.25 16.08  ? 57  ASP A CB  1 
ATOM   405  C  CG  A ASP A 1 57  ? 11.842  11.348  7.312   0.25 13.62  ? 57  ASP A CG  1 
ATOM   406  C  CG  B ASP A 1 57  ? 10.814  11.890  6.996   0.25 17.79  ? 57  ASP A CG  1 
ATOM   407  O  OD1 A ASP A 1 57  ? 12.889  10.759  7.060   0.25 13.20  ? 57  ASP A OD1 1 
ATOM   408  O  OD1 B ASP A 1 57  ? 9.578   11.827  6.946   0.25 20.76  ? 57  ASP A OD1 1 
ATOM   409  O  OD2 A ASP A 1 57  ? 11.778  12.510  7.776   0.25 15.49  ? 57  ASP A OD2 1 
ATOM   410  O  OD2 B ASP A 1 57  ? 11.473  12.945  6.873   0.25 20.23  ? 57  ASP A OD2 1 
ATOM   411  N  N   . CYS A 1 58  ? 11.889  8.253   4.486   1.00 11.88  ? 58  CYS A N   1 
ATOM   412  C  CA  . CYS A 1 58  ? 12.401  8.259   3.102   1.00 11.82  ? 58  CYS A CA  1 
ATOM   413  C  C   . CYS A 1 58  ? 11.326  8.812   2.159   1.00 10.45  ? 58  CYS A C   1 
ATOM   414  O  O   . CYS A 1 58  ? 10.118  8.556   2.318   1.00 11.31  ? 58  CYS A O   1 
ATOM   415  C  CB  . CYS A 1 58  ? 12.756  6.890   2.592   1.00 12.44  ? 58  CYS A CB  1 
ATOM   416  S  SG  . CYS A 1 58  ? 14.298  6.264   3.297   1.00 12.61  ? 58  CYS A SG  1 
ATOM   417  N  N   . GLN A 1 59  ? 11.792  9.490   1.124   1.00 11.46  ? 59  GLN A N   1 
ATOM   418  C  CA  . GLN A 1 59  ? 10.986  10.016  -0.002  1.00 11.90  ? 59  GLN A CA  1 
ATOM   419  C  C   . GLN A 1 59  ? 11.571  9.534   -1.306  1.00 10.53  ? 59  GLN A C   1 
ATOM   420  O  O   . GLN A 1 59  ? 11.170  10.074  -2.349  1.00 11.37  ? 59  GLN A O   1 
ATOM   421  C  CB  . GLN A 1 59  ? 10.894  11.552  0.025   1.00 13.70  ? 59  GLN A CB  1 
ATOM   422  C  CG  . GLN A 1 59  ? 9.845   12.094  0.990   1.00 15.95  ? 59  GLN A CG  1 
ATOM   423  C  CD  . GLN A 1 59  ? 9.678   13.589  0.785   1.00 15.08  ? 59  GLN A CD  1 
ATOM   424  O  OE1 . GLN A 1 59  ? 10.326  14.347  1.528   1.00 15.21  ? 59  GLN A OE1 1 
ATOM   425  N  NE2 . GLN A 1 59  ? 8.914   14.037  -0.221  1.00 15.23  ? 59  GLN A NE2 1 
ATOM   426  N  N   . THR A 1 60  ? 12.461  8.554   -1.279  1.00 10.82  ? 60  THR A N   1 
ATOM   427  C  CA  . THR A 1 60  ? 12.908  7.893   -2.516  1.00 11.49  ? 60  THR A CA  1 
ATOM   428  C  C   . THR A 1 60  ? 12.850  6.385   -2.314  1.00 10.80  ? 60  THR A C   1 
ATOM   429  O  O   . THR A 1 60  ? 13.130  5.888   -1.204  1.00 11.16  ? 60  THR A O   1 
ATOM   430  C  CB  . THR A 1 60  ? 14.269  8.345   -3.001  1.00 14.13  ? 60  THR A CB  1 
ATOM   431  O  OG1 . THR A 1 60  ? 15.195  7.881   -2.062  1.00 18.50  ? 60  THR A OG1 1 
ATOM   432  C  CG2 . THR A 1 60  ? 14.349  9.829   -3.228  1.00 14.34  ? 60  THR A CG2 1 
ATOM   433  N  N   . GLY A 1 61  ? 12.494  5.668   -3.368  1.00 10.56  ? 61  GLY A N   1 
ATOM   434  C  CA  . GLY A 1 61  ? 12.375  4.213   -3.289  1.00 9.72   ? 61  GLY A CA  1 
ATOM   435  C  C   . GLY A 1 61  ? 12.117  3.638   -4.659  1.00 8.86   ? 61  GLY A C   1 
ATOM   436  O  O   . GLY A 1 61  ? 12.382  4.301   -5.676  1.00 9.80   ? 61  GLY A O   1 
ATOM   437  N  N   . VAL A 1 62  ? 11.626  2.434   -4.670  1.00 8.14   ? 62  VAL A N   1 
ATOM   438  C  CA  . VAL A 1 62  ? 11.385  1.672   -5.925  1.00 9.27   ? 62  VAL A CA  1 
ATOM   439  C  C   . VAL A 1 62  ? 10.038  1.003   -5.767  1.00 8.91   ? 62  VAL A C   1 
ATOM   440  O  O   . VAL A 1 62  ? 9.804   0.386   -4.712  1.00 9.76   ? 62  VAL A O   1 
ATOM   441  C  CB  . VAL A 1 62  ? 12.512  0.659   -6.173  1.00 9.94   ? 62  VAL A CB  1 
ATOM   442  C  CG1 . VAL A 1 62  ? 12.179  -0.244  -7.347  1.00 11.21  ? 62  VAL A CG1 1 
ATOM   443  C  CG2 . VAL A 1 62  ? 13.838  1.362   -6.366  1.00 10.37  ? 62  VAL A CG2 1 
ATOM   444  N  N   . TYR A 1 63  ? 9.183   1.026   -6.789  1.00 9.18   ? 63  TYR A N   1 
ATOM   445  C  CA  . TYR A 1 63  ? 7.886   0.329   -6.711  1.00 8.72   ? 63  TYR A CA  1 
ATOM   446  C  C   . TYR A 1 63  ? 7.740   -0.648  -7.857  1.00 9.75   ? 63  TYR A C   1 
ATOM   447  O  O   . TYR A 1 63  ? 8.319   -0.461  -8.956  1.00 9.67   ? 63  TYR A O   1 
ATOM   448  C  CB  . TYR A 1 63  ? 6.683   1.263   -6.647  1.00 9.67   ? 63  TYR A CB  1 
ATOM   449  C  CG  . TYR A 1 63  ? 6.200   1.813   -7.986  1.00 9.55   ? 63  TYR A CG  1 
ATOM   450  C  CD1 . TYR A 1 63  ? 6.871   2.832   -8.638  1.00 10.62  ? 63  TYR A CD1 1 
ATOM   451  C  CD2 . TYR A 1 63  ? 5.056   1.314   -8.592  1.00 9.55   ? 63  TYR A CD2 1 
ATOM   452  C  CE1 . TYR A 1 63  ? 6.408   3.359   -9.827  1.00 10.44  ? 63  TYR A CE1 1 
ATOM   453  C  CE2 . TYR A 1 63  ? 4.591   1.815   -9.788  1.00 10.62  ? 63  TYR A CE2 1 
ATOM   454  C  CZ  . TYR A 1 63  ? 5.277   2.845   -10.408 1.00 10.52  ? 63  TYR A CZ  1 
ATOM   455  O  OH  . TYR A 1 63  ? 4.848   3.376   -11.604 1.00 12.44  ? 63  TYR A OH  1 
ATOM   456  N  N   . TYR A 1 64  ? 6.951   -1.657  -7.604  1.00 9.39   ? 64  TYR A N   1 
ATOM   457  C  CA  . TYR A 1 64  ? 6.597   -2.669  -8.604  1.00 10.56  ? 64  TYR A CA  1 
ATOM   458  C  C   . TYR A 1 64  ? 5.305   -2.271  -9.294  1.00 9.90   ? 64  TYR A C   1 
ATOM   459  O  O   . TYR A 1 64  ? 4.258   -2.085  -8.702  1.00 10.09  ? 64  TYR A O   1 
ATOM   460  C  CB  . TYR A 1 64  ? 6.488   -4.068  -8.005  1.00 11.26  ? 64  TYR A CB  1 
ATOM   461  C  CG  . TYR A 1 64  ? 6.198   -5.088  -9.077  1.00 12.87  ? 64  TYR A CG  1 
ATOM   462  C  CD1 . TYR A 1 64  ? 7.112   -5.283  -10.103 1.00 13.80  ? 64  TYR A CD1 1 
ATOM   463  C  CD2 . TYR A 1 64  ? 4.983   -5.737  -9.139  1.00 12.24  ? 64  TYR A CD2 1 
ATOM   464  C  CE1 . TYR A 1 64  ? 6.834   -6.164  -11.138 1.00 13.69  ? 64  TYR A CE1 1 
ATOM   465  C  CE2 . TYR A 1 64  ? 4.700   -6.651  -10.149 1.00 14.33  ? 64  TYR A CE2 1 
ATOM   466  C  CZ  . TYR A 1 64  ? 5.639   -6.866  -11.139 1.00 14.85  ? 64  TYR A CZ  1 
ATOM   467  O  OH  . TYR A 1 64  ? 5.340   -7.709  -12.202 1.00 15.83  ? 64  TYR A OH  1 
ATOM   468  N  N   . CYS A 1 65  ? 5.394   -2.242  -10.630 1.00 10.64  ? 65  CYS A N   1 
ATOM   469  C  CA  . CYS A 1 65  ? 4.295   -1.920  -11.549 1.00 10.55  ? 65  CYS A CA  1 
ATOM   470  C  C   . CYS A 1 65  ? 3.916   -3.166  -12.366 1.00 11.42  ? 65  CYS A C   1 
ATOM   471  O  O   . CYS A 1 65  ? 4.594   -3.469  -13.390 1.00 11.96  ? 65  CYS A O   1 
ATOM   472  C  CB  . CYS A 1 65  ? 4.707   -0.780  -12.456 1.00 10.59  ? 65  CYS A CB  1 
ATOM   473  S  SG  . CYS A 1 65  ? 3.418   -0.362  -13.655 1.00 12.14  ? 65  CYS A SG  1 
ATOM   474  N  N   . SER A 1 66  ? 2.868   -3.882  -11.976 1.00 11.21  ? 66  SER A N   1 
ATOM   475  C  CA  . SER A 1 66  ? 2.479   -5.140  -12.648 1.00 12.34  ? 66  SER A CA  1 
ATOM   476  C  C   . SER A 1 66  ? 2.106   -4.901  -14.116 1.00 11.11  ? 66  SER A C   1 
ATOM   477  O  O   . SER A 1 66  ? 2.412   -5.778  -14.954 1.00 13.14  ? 66  SER A O   1 
ATOM   478  C  CB  . SER A 1 66  ? 1.408   -5.847  -11.882 1.00 13.62  ? 66  SER A CB  1 
ATOM   479  O  OG  . SER A 1 66  ? 0.164   -5.207  -11.915 1.00 18.75  ? 66  SER A OG  1 
ATOM   480  N  N   . SER A 1 67  ? 1.524   -3.775  -14.418 1.00 10.95  ? 67  SER A N   1 
ATOM   481  C  CA  . SER A 1 67  ? 1.065   -3.480  -15.805 1.00 11.28  ? 67  SER A CA  1 
ATOM   482  C  C   . SER A 1 67  ? 2.251   -3.173  -16.710 1.00 11.62  ? 67  SER A C   1 
ATOM   483  O  O   . SER A 1 67  ? 2.000   -2.926  -17.936 1.00 12.64  ? 67  SER A O   1 
ATOM   484  C  CB  . SER A 1 67  ? 0.063   -2.414  -15.827 1.00 11.92  ? 67  SER A CB  1 
ATOM   485  O  OG  . SER A 1 67  ? 0.582   -1.152  -15.394 1.00 12.10  ? 67  SER A OG  1 
ATOM   486  N  N   . ARG A 1 68  ? 3.477   -3.139  -16.207 1.00 11.99  ? 68  ARG A N   1 
ATOM   487  C  CA  . ARG A 1 68  ? 4.714   -3.002  -16.985 1.00 11.95  ? 68  ARG A CA  1 
ATOM   488  C  C   . ARG A 1 68  ? 5.681   -4.143  -16.715 1.00 12.59  ? 68  ARG A C   1 
ATOM   489  O  O   . ARG A 1 68  ? 6.735   -4.158  -17.331 1.00 14.05  ? 68  ARG A O   1 
ATOM   490  C  CB  . ARG A 1 68  ? 5.392   -1.661  -16.701 1.00 12.16  ? 68  ARG A CB  1 
ATOM   491  C  CG  . ARG A 1 68  ? 4.535   -0.472  -17.048 1.00 12.30  ? 68  ARG A CG  1 
ATOM   492  C  CD  . ARG A 1 68  ? 4.576   -0.271  -18.578 1.00 13.51  ? 68  ARG A CD  1 
ATOM   493  N  NE  . ARG A 1 68  ? 3.793   0.854   -18.986 1.00 14.44  ? 68  ARG A NE  1 
ATOM   494  C  CZ  . ARG A 1 68  ? 2.501   0.831   -19.285 1.00 13.20  ? 68  ARG A CZ  1 
ATOM   495  N  NH1 . ARG A 1 68  ? 1.819   -0.318  -19.258 1.00 13.96  ? 68  ARG A NH1 1 
ATOM   496  N  NH2 . ARG A 1 68  ? 1.909   1.947   -19.668 1.00 13.92  ? 68  ARG A NH2 1 
ATOM   497  N  N   . ARG A 1 69  ? 5.337   -5.045  -15.792 0.50 13.38  ? 69  ARG A N   1 
ATOM   498  C  CA  . ARG A 1 69  ? 6.271   -6.061  -15.249 0.50 14.33  ? 69  ARG A CA  1 
ATOM   499  C  C   . ARG A 1 69  ? 7.640   -5.391  -15.055 0.50 14.25  ? 69  ARG A C   1 
ATOM   500  O  O   . ARG A 1 69  ? 8.654   -5.854  -15.614 0.50 14.97  ? 69  ARG A O   1 
ATOM   501  C  CB  . ARG A 1 69  ? 6.227   -7.312  -16.135 0.50 16.05  ? 69  ARG A CB  1 
ATOM   502  C  CG  . ARG A 1 69  ? 4.941   -8.106  -15.934 0.50 17.46  ? 69  ARG A CG  1 
ATOM   503  C  CD  . ARG A 1 69  ? 4.715   -9.211  -16.932 0.50 19.61  ? 69  ARG A CD  1 
ATOM   504  N  NE  . ARG A 1 69  ? 5.541   -10.371 -16.644 0.50 21.77  ? 69  ARG A NE  1 
ATOM   505  C  CZ  . ARG A 1 69  ? 5.291   -11.588 -17.107 0.50 22.91  ? 69  ARG A CZ  1 
ATOM   506  N  NH1 . ARG A 1 69  ? 6.094   -12.592 -16.806 0.50 24.83  ? 69  ARG A NH1 1 
ATOM   507  N  NH2 . ARG A 1 69  ? 4.233   -11.790 -17.874 0.50 23.06  ? 69  ARG A NH2 1 
ATOM   508  N  N   . LYS A 1 70  ? 7.669   -4.314  -14.264 1.00 13.73  ? 70  LYS A N   1 
ATOM   509  C  CA  . LYS A 1 70  ? 8.914   -3.548  -14.039 1.00 14.43  ? 70  LYS A CA  1 
ATOM   510  C  C   . LYS A 1 70  ? 8.852   -2.928  -12.658 1.00 12.41  ? 70  LYS A C   1 
ATOM   511  O  O   . LYS A 1 70  ? 7.771   -2.514  -12.241 1.00 12.99  ? 70  LYS A O   1 
ATOM   512  C  CB  . LYS A 1 70  ? 9.130   -2.447  -15.087 1.00 16.50  ? 70  LYS A CB  1 
ATOM   513  C  CG  . LYS A 1 70  ? 9.620   -2.953  -16.449 1.00 22.18  ? 70  LYS A CG  1 
ATOM   514  C  CD  . LYS A 1 70  ? 10.080  -1.849  -17.391 1.00 27.17  ? 70  LYS A CD  1 
ATOM   515  C  CE  . LYS A 1 70  ? 10.467  -2.379  -18.758 1.00 32.67  ? 70  LYS A CE  1 
ATOM   516  N  NZ  . LYS A 1 70  ? 9.424   -3.277  -19.322 1.00 36.04  ? 70  LYS A NZ  1 
ATOM   517  N  N   . HIS A 1 71  ? 10.034  -2.772  -12.107 1.00 12.22  ? 71  HIS A N   1 
ATOM   518  C  CA  . HIS A 1 71  ? 10.250  -1.977  -10.872 1.00 12.03  ? 71  HIS A CA  1 
ATOM   519  C  C   . HIS A 1 71  ? 10.805  -0.635  -11.306 1.00 13.10  ? 71  HIS A C   1 
ATOM   520  O  O   . HIS A 1 71  ? 11.778  -0.616  -12.095 1.00 15.45  ? 71  HIS A O   1 
ATOM   521  C  CB  . HIS A 1 71  ? 11.200  -2.663  -9.933  1.00 12.17  ? 71  HIS A CB  1 
ATOM   522  C  CG  . HIS A 1 71  ? 10.696  -3.925  -9.350  1.00 12.71  ? 71  HIS A CG  1 
ATOM   523  N  ND1 . HIS A 1 71  ? 10.163  -4.069  -8.064  1.00 13.75  ? 71  HIS A ND1 1 
ATOM   524  C  CD2 . HIS A 1 71  ? 10.635  -5.150  -9.901  1.00 14.35  ? 71  HIS A CD2 1 
ATOM   525  C  CE1 . HIS A 1 71  ? 9.814   -5.323  -7.871  1.00 12.50  ? 71  HIS A CE1 1 
ATOM   526  N  NE2 . HIS A 1 71  ? 10.132  -6.013  -8.955  1.00 16.80  ? 71  HIS A NE2 1 
ATOM   527  N  N   . TYR A 1 72  ? 10.267  0.467   -10.813 1.00 11.39  ? 72  TYR A N   1 
ATOM   528  C  CA  . TYR A 1 72  ? 10.705  1.830   -11.162 1.00 11.21  ? 72  TYR A CA  1 
ATOM   529  C  C   . TYR A 1 72  ? 11.204  2.558   -9.927  1.00 10.93  ? 72  TYR A C   1 
ATOM   530  O  O   . TYR A 1 72  ? 10.506  2.623   -8.918  1.00 10.47  ? 72  TYR A O   1 
ATOM   531  C  CB  . TYR A 1 72  ? 9.535   2.646   -11.731 1.00 11.82  ? 72  TYR A CB  1 
ATOM   532  C  CG  . TYR A 1 72  ? 8.992   2.175   -13.051 1.00 12.80  ? 72  TYR A CG  1 
ATOM   533  C  CD1 . TYR A 1 72  ? 9.640   2.528   -14.229 1.00 15.19  ? 72  TYR A CD1 1 
ATOM   534  C  CD2 . TYR A 1 72  ? 7.856   1.388   -13.142 1.00 13.60  ? 72  TYR A CD2 1 
ATOM   535  C  CE1 . TYR A 1 72  ? 9.163   2.101   -15.465 1.00 15.48  ? 72  TYR A CE1 1 
ATOM   536  C  CE2 . TYR A 1 72  ? 7.350   0.990   -14.372 1.00 14.06  ? 72  TYR A CE2 1 
ATOM   537  C  CZ  . TYR A 1 72  ? 8.005   1.361   -15.528 1.00 15.45  ? 72  TYR A CZ  1 
ATOM   538  O  OH  . TYR A 1 72  ? 7.508   0.938   -16.743 1.00 16.58  ? 72  TYR A OH  1 
ATOM   539  N  N   . PRO A 1 73  ? 12.327  3.282   -10.040 1.00 10.77  ? 73  PRO A N   1 
ATOM   540  C  CA  . PRO A 1 73  ? 12.769  4.161   -8.970  1.00 10.30  ? 73  PRO A CA  1 
ATOM   541  C  C   . PRO A 1 73  ? 11.957  5.450   -9.021  1.00 10.27  ? 73  PRO A C   1 
ATOM   542  O  O   . PRO A 1 73  ? 11.804  6.030   -10.095 1.00 12.45  ? 73  PRO A O   1 
ATOM   543  C  CB  . PRO A 1 73  ? 14.268  4.388   -9.288  1.00 10.62  ? 73  PRO A CB  1 
ATOM   544  C  CG  . PRO A 1 73  ? 14.331  4.268   -10.792 1.00 12.74  ? 73  PRO A CG  1 
ATOM   545  C  CD  . PRO A 1 73  ? 13.278  3.242   -11.170 1.00 12.03  ? 73  PRO A CD  1 
ATOM   546  N  N   . VAL A 1 74  ? 11.476  5.904   -7.866  1.00 10.21  ? 74  VAL A N   1 
ATOM   547  C  CA  . VAL A 1 74  ? 10.649  7.121   -7.770  1.00 10.99  ? 74  VAL A CA  1 
ATOM   548  C  C   . VAL A 1 74  ? 11.029  7.924   -6.552  1.00 10.51  ? 74  VAL A C   1 
ATOM   549  O  O   . VAL A 1 74  ? 11.420  7.406   -5.521  1.00 11.16  ? 74  VAL A O   1 
ATOM   550  C  CB  . VAL A 1 74  ? 9.159   6.787   -7.713  1.00 12.00  ? 74  VAL A CB  1 
ATOM   551  C  CG1 . VAL A 1 74  ? 8.648   6.292   -9.046  1.00 12.32  ? 74  VAL A CG1 1 
ATOM   552  C  CG2 . VAL A 1 74  ? 8.827   5.817   -6.617  1.00 13.45  ? 74  VAL A CG2 1 
ATOM   553  N  N   . SER A 1 75  ? 10.748  9.198   -6.630  1.00 10.34  ? 75  SER A N   1 
ATOM   554  C  CA  . SER A 1 75  ? 10.614  10.118  -5.493  1.00 10.67  ? 75  SER A CA  1 
ATOM   555  C  C   . SER A 1 75  ? 9.120   10.219  -5.182  1.00 10.51  ? 75  SER A C   1 
ATOM   556  O  O   . SER A 1 75  ? 8.283   10.194  -6.079  1.00 10.97  ? 75  SER A O   1 
ATOM   557  C  CB  . SER A 1 75  ? 11.151  11.458  -5.838  1.00 13.35  ? 75  SER A CB  1 
ATOM   558  O  OG  . SER A 1 75  ? 12.525  11.415  -6.116  1.00 19.61  ? 75  SER A OG  1 
ATOM   559  N  N   . PHE A 1 76  ? 8.770   10.324  -3.922  1.00 10.14  ? 76  PHE A N   1 
ATOM   560  C  CA  . PHE A 1 76  ? 7.356   10.367  -3.514  1.00 9.85   ? 76  PHE A CA  1 
ATOM   561  C  C   . PHE A 1 76  ? 7.168   11.336  -2.367  1.00 10.47  ? 76  PHE A C   1 
ATOM   562  O  O   . PHE A 1 76  ? 8.087   11.611  -1.591  1.00 11.77  ? 76  PHE A O   1 
ATOM   563  C  CB  . PHE A 1 76  ? 6.840   8.967   -3.141  1.00 10.02  ? 76  PHE A CB  1 
ATOM   564  C  CG  . PHE A 1 76  ? 7.637   8.148   -2.147  1.00 9.16   ? 76  PHE A CG  1 
ATOM   565  C  CD1 . PHE A 1 76  ? 8.709   7.388   -2.542  1.00 10.38  ? 76  PHE A CD1 1 
ATOM   566  C  CD2 . PHE A 1 76  ? 7.361   8.213   -0.789  1.00 9.75   ? 76  PHE A CD2 1 
ATOM   567  C  CE1 . PHE A 1 76  ? 9.463   6.650   -1.657  1.00 10.62  ? 76  PHE A CE1 1 
ATOM   568  C  CE2 . PHE A 1 76  ? 8.094   7.454   0.092   1.00 10.11  ? 76  PHE A CE2 1 
ATOM   569  C  CZ  . PHE A 1 76  ? 9.149   6.703   -0.335  1.00 10.45  ? 76  PHE A CZ  1 
ATOM   570  N  N   . SER A 1 77  ? 5.958   11.854  -2.304  1.00 10.85  ? 77  SER A N   1 
ATOM   571  C  CA  . SER A 1 77  ? 5.534   12.784  -1.238  1.00 11.59  ? 77  SER A CA  1 
ATOM   572  C  C   . SER A 1 77  ? 5.369   12.050  0.082   1.00 12.74  ? 77  SER A C   1 
ATOM   573  O  O   . SER A 1 77  ? 5.147   10.844  0.113   1.00 13.46  ? 77  SER A O   1 
ATOM   574  C  CB  . SER A 1 77  ? 4.301   13.510  -1.638  1.00 12.47  ? 77  SER A CB  1 
ATOM   575  O  OG  . SER A 1 77  ? 3.214   12.629  -1.813  1.00 14.24  ? 77  SER A OG  1 
ATOM   576  N  N   . LYS A 1 78  ? 5.411   12.792  1.189   1.00 11.93  ? 78  LYS A N   1 
ATOM   577  C  CA  . LYS A 1 78  ? 5.169   12.216  2.546   1.00 12.35  ? 78  LYS A CA  1 
ATOM   578  C  C   . LYS A 1 78  ? 3.670   11.958  2.643   1.00 12.34  ? 78  LYS A C   1 
ATOM   579  O  O   . LYS A 1 78  ? 2.858   12.605  1.982   1.00 13.70  ? 78  LYS A O   1 
ATOM   580  C  CB  . LYS A 1 78  ? 5.638   13.150  3.664   1.00 13.59  ? 78  LYS A CB  1 
ATOM   581  C  CG  . LYS A 1 78  ? 7.112   13.455  3.592   1.00 14.50  ? 78  LYS A CG  1 
ATOM   582  C  CD  . LYS A 1 78  ? 7.595   14.408  4.693   1.00 17.56  ? 78  LYS A CD  1 
ATOM   583  C  CE  . LYS A 1 78  ? 9.097   14.544  4.711   1.00 21.51  ? 78  LYS A CE  1 
ATOM   584  N  NZ  . LYS A 1 78  ? 9.567   15.311  5.891   1.00 25.65  ? 78  LYS A NZ  1 
ATOM   585  N  N   . PRO A 1 79  ? 3.272   10.960  3.459   1.00 13.77  ? 79  PRO A N   1 
ATOM   586  C  CA  . PRO A 1 79  ? 1.873   10.566  3.548   1.00 13.77  ? 79  PRO A CA  1 
ATOM   587  C  C   . PRO A 1 79  ? 1.009   11.748  3.971   1.00 14.64  ? 79  PRO A C   1 
ATOM   588  O  O   . PRO A 1 79  ? 1.368   12.469  4.950   1.00 17.35  ? 79  PRO A O   1 
ATOM   589  C  CB  . PRO A 1 79  ? 1.882   9.503   4.658   1.00 14.85  ? 79  PRO A CB  1 
ATOM   590  C  CG  . PRO A 1 79  ? 3.256   8.952   4.614   1.00 14.96  ? 79  PRO A CG  1 
ATOM   591  C  CD  . PRO A 1 79  ? 4.170   10.108  4.222   1.00 13.86  ? 79  PRO A CD  1 
ATOM   592  N  N   . SER A 1 80  ? -0.116  11.935  3.292   0.42 15.57  ? 80  SER A N   1 
ATOM   593  C  CA  . SER A 1 80  ? -1.041  13.059  3.570   0.42 16.50  ? 80  SER A CA  1 
ATOM   594  C  C   . SER A 1 80  ? -2.463  12.722  3.116   0.42 17.88  ? 80  SER A C   1 
ATOM   595  O  O   . SER A 1 80  ? -2.692  11.653  2.502   0.42 16.76  ? 80  SER A O   1 
ATOM   596  C  CB  . SER A 1 80  ? -0.524  14.337  2.939   0.42 16.85  ? 80  SER A CB  1 
ATOM   597  O  OG  . SER A 1 80  ? -0.777  14.364  1.545   0.42 17.09  ? 80  SER A OG  1 
ATOM   598  N  N   . LEU A 1 81  ? -3.400  13.604  3.465   0.42 18.81  ? 81  LEU A N   1 
ATOM   599  C  CA  . LEU A 1 81  ? -4.826  13.519  3.073   0.42 20.64  ? 81  LEU A CA  1 
ATOM   600  C  C   . LEU A 1 81  ? -4.965  14.162  1.697   0.42 21.18  ? 81  LEU A C   1 
ATOM   601  O  O   . LEU A 1 81  ? -4.734  15.386  1.594   0.42 22.61  ? 81  LEU A O   1 
ATOM   602  C  CB  . LEU A 1 81  ? -5.675  14.233  4.127   0.42 22.23  ? 81  LEU A CB  1 
ATOM   603  C  CG  . LEU A 1 81  ? -7.176  14.285  3.850   0.42 24.07  ? 81  LEU A CG  1 
ATOM   604  C  CD1 . LEU A 1 81  ? -7.760  12.886  3.710   0.42 25.26  ? 81  LEU A CD1 1 
ATOM   605  C  CD2 . LEU A 1 81  ? -7.888  15.060  4.951   0.42 24.87  ? 81  LEU A CD2 1 
ATOM   606  N  N   . ILE A 1 82  ? -5.299  13.363  0.685   0.42 20.36  ? 82  ILE A N   1 
ATOM   607  C  CA  . ILE A 1 82  ? -5.278  13.746  -0.754  0.42 20.78  ? 82  ILE A CA  1 
ATOM   608  C  C   . ILE A 1 82  ? -6.646  13.446  -1.362  0.42 20.51  ? 82  ILE A C   1 
ATOM   609  O  O   . ILE A 1 82  ? -7.215  12.396  -1.011  0.42 20.09  ? 82  ILE A O   1 
ATOM   610  C  CB  . ILE A 1 82  ? -4.166  12.973  -1.493  0.42 21.28  ? 82  ILE A CB  1 
ATOM   611  C  CG1 . ILE A 1 82  ? -2.824  13.111  -0.770  0.42 21.46  ? 82  ILE A CG1 1 
ATOM   612  C  CG2 . ILE A 1 82  ? -4.089  13.403  -2.951  0.42 22.27  ? 82  ILE A CG2 1 
ATOM   613  C  CD1 . ILE A 1 82  ? -1.630  12.670  -1.587  0.42 21.43  ? 82  ILE A CD1 1 
ATOM   614  N  N   . PHE A 1 83  ? -7.110  14.321  -2.260  1.00 19.73  ? 83  PHE A N   1 
ATOM   615  C  CA  . PHE A 1 83  ? -8.294  14.083  -3.103  1.00 21.01  ? 83  PHE A CA  1 
ATOM   616  C  C   . PHE A 1 83  ? -7.897  13.181  -4.270  1.00 20.26  ? 83  PHE A C   1 
ATOM   617  O  O   . PHE A 1 83  ? -6.889  13.416  -4.943  1.00 21.37  ? 83  PHE A O   1 
ATOM   618  C  CB  . PHE A 1 83  ? -8.904  15.396  -3.603  1.00 22.79  ? 83  PHE A CB  1 
ATOM   619  C  CG  . PHE A 1 83  ? -10.210 15.136  -4.301  1.00 23.22  ? 83  PHE A CG  1 
ATOM   620  C  CD1 . PHE A 1 83  ? -11.338 14.847  -3.557  1.00 26.92  ? 83  PHE A CD1 1 
ATOM   621  C  CD2 . PHE A 1 83  ? -10.283 15.081  -5.681  1.00 26.07  ? 83  PHE A CD2 1 
ATOM   622  C  CE1 . PHE A 1 83  ? -12.544 14.572  -4.179  1.00 26.07  ? 83  PHE A CE1 1 
ATOM   623  C  CE2 . PHE A 1 83  ? -11.486 14.804  -6.308  1.00 28.93  ? 83  PHE A CE2 1 
ATOM   624  C  CZ  . PHE A 1 83  ? -12.607 14.528  -5.554  1.00 27.30  ? 83  PHE A CZ  1 
ATOM   625  N  N   . VAL A 1 84  ? -8.625  12.074  -4.441  1.00 19.21  ? 84  VAL A N   1 
ATOM   626  C  CA  . VAL A 1 84  ? -8.380  11.083  -5.514  1.00 20.06  ? 84  VAL A CA  1 
ATOM   627  C  C   . VAL A 1 84  ? -9.591  11.118  -6.447  1.00 18.83  ? 84  VAL A C   1 
ATOM   628  O  O   . VAL A 1 84  ? -10.716 10.950  -5.939  1.00 24.04  ? 84  VAL A O   1 
ATOM   629  C  CB  . VAL A 1 84  ? -8.152  9.678   -4.906  1.00 19.45  ? 84  VAL A CB  1 
ATOM   630  C  CG1 . VAL A 1 84  ? -7.824  8.665   -5.982  1.00 18.99  ? 84  VAL A CG1 1 
ATOM   631  C  CG2 . VAL A 1 84  ? -7.070  9.747   -3.821  1.00 19.30  ? 84  VAL A CG2 1 
ATOM   632  N  N   . GLU A 1 85  ? -9.378  11.257  -7.752  1.00 21.00  ? 85  GLU A N   1 
ATOM   633  C  CA  . GLU A 1 85  ? -10.467 11.143  -8.756  1.00 22.72  ? 85  GLU A CA  1 
ATOM   634  C  C   . GLU A 1 85  ? -10.994 9.706   -8.814  1.00 24.60  ? 85  GLU A C   1 
ATOM   635  O  O   . GLU A 1 85  ? -10.338 8.758   -8.291  1.00 24.72  ? 85  GLU A O   1 
ATOM   636  C  CB  . GLU A 1 85  ? -9.989  11.545  -10.148 1.00 25.47  ? 85  GLU A CB  1 
ATOM   637  C  CG  . GLU A 1 85  ? -9.599  13.001  -10.255 1.00 27.54  ? 85  GLU A CG  1 
ATOM   638  C  CD  . GLU A 1 85  ? -10.674 14.034  -9.934  1.00 32.44  ? 85  GLU A CD  1 
ATOM   639  O  OE1 . GLU A 1 85  ? -11.904 13.724  -9.997  1.00 31.47  ? 85  GLU A OE1 1 
ATOM   640  O  OE2 . GLU A 1 85  ? -10.265 15.170  -9.636  1.00 29.80  ? 85  GLU A OE2 1 
ATOM   641  N  N   . ALA A 1 86  ? -12.178 9.530   -9.397  1.00 27.93  ? 86  ALA A N   1 
ATOM   642  C  CA  . ALA A 1 86  ? -12.879 8.224   -9.384  1.00 27.88  ? 86  ALA A CA  1 
ATOM   643  C  C   . ALA A 1 86  ? -12.012 7.203   -10.099 1.00 28.55  ? 86  ALA A C   1 
ATOM   644  O  O   . ALA A 1 86  ? -11.389 7.529   -11.161 1.00 26.37  ? 86  ALA A O   1 
ATOM   645  C  CB  . ALA A 1 86  ? -14.239 8.343   -10.034 1.00 31.27  ? 86  ALA A CB  1 
ATOM   646  N  N   . SER A 1 87  ? -11.989 5.978   -9.566  1.00 30.14  ? 87  SER A N   1 
ATOM   647  C  CA  . SER A 1 87  ? -11.347 4.812   -10.220 1.00 28.30  ? 87  SER A CA  1 
ATOM   648  C  C   . SER A 1 87  ? -12.401 3.739   -10.476 1.00 29.17  ? 87  SER A C   1 
ATOM   649  O  O   . SER A 1 87  ? -13.547 3.882   -9.983  1.00 30.17  ? 87  SER A O   1 
ATOM   650  C  CB  . SER A 1 87  ? -10.262 4.261   -9.355  1.00 28.12  ? 87  SER A CB  1 
ATOM   651  O  OG  . SER A 1 87  ? -10.845 3.824   -8.133  1.00 25.63  ? 87  SER A OG  1 
ATOM   652  N  N   . GLU A 1 88  ? -11.998 2.652   -11.132 1.00 31.74  ? 88  GLU A N   1 
ATOM   653  C  CA  . GLU A 1 88  ? -12.903 1.495   -11.348 1.00 32.06  ? 88  GLU A CA  1 
ATOM   654  C  C   . GLU A 1 88  ? -13.360 0.940   -9.985  1.00 29.78  ? 88  GLU A C   1 
ATOM   655  O  O   . GLU A 1 88  ? -14.419 0.331   -9.975  1.00 28.95  ? 88  GLU A O   1 
ATOM   656  C  CB  . GLU A 1 88  ? -12.245 0.444   -12.253 1.00 35.64  ? 88  GLU A CB  1 
ATOM   657  C  CG  . GLU A 1 88  ? -11.334 -0.534  -11.530 1.00 38.70  ? 88  GLU A CG  1 
ATOM   658  C  CD  . GLU A 1 88  ? -10.872 -1.696  -12.396 1.00 44.23  ? 88  GLU A CD  1 
ATOM   659  O  OE1 . GLU A 1 88  ? -10.870 -1.532  -13.645 1.00 43.60  ? 88  GLU A OE1 1 
ATOM   660  O  OE2 . GLU A 1 88  ? -10.522 -2.760  -11.823 1.00 47.35  ? 88  GLU A OE2 1 
ATOM   661  N  N   . TYR A 1 89  ? -12.652 1.191   -8.863  1.00 24.35  ? 89  TYR A N   1 
ATOM   662  C  CA  . TYR A 1 89  ? -12.943 0.526   -7.558  1.00 25.30  ? 89  TYR A CA  1 
ATOM   663  C  C   . TYR A 1 89  ? -13.396 1.505   -6.468  1.00 26.51  ? 89  TYR A C   1 
ATOM   664  O  O   . TYR A 1 89  ? -13.881 1.054   -5.394  1.00 26.07  ? 89  TYR A O   1 
ATOM   665  C  CB  . TYR A 1 89  ? -11.746 -0.324  -7.111  1.00 23.73  ? 89  TYR A CB  1 
ATOM   666  C  CG  . TYR A 1 89  ? -10.403 0.374   -7.140  1.00 24.03  ? 89  TYR A CG  1 
ATOM   667  C  CD1 . TYR A 1 89  ? -9.653  0.377   -8.308  1.00 24.66  ? 89  TYR A CD1 1 
ATOM   668  C  CD2 . TYR A 1 89  ? -9.891  1.045   -6.034  1.00 25.39  ? 89  TYR A CD2 1 
ATOM   669  C  CE1 . TYR A 1 89  ? -8.423  1.004   -8.370  1.00 23.78  ? 89  TYR A CE1 1 
ATOM   670  C  CE2 . TYR A 1 89  ? -8.671  1.710   -6.087  1.00 25.71  ? 89  TYR A CE2 1 
ATOM   671  C  CZ  . TYR A 1 89  ? -7.929  1.675   -7.255  1.00 23.91  ? 89  TYR A CZ  1 
ATOM   672  O  OH  . TYR A 1 89  ? -6.725  2.288   -7.364  1.00 22.81  ? 89  TYR A OH  1 
ATOM   673  N  N   . TYR A 1 90  ? -13.196 2.807   -6.651  1.00 27.28  ? 90  TYR A N   1 
ATOM   674  C  CA  . TYR A 1 90  ? -13.625 3.820   -5.657  1.00 25.46  ? 90  TYR A CA  1 
ATOM   675  C  C   . TYR A 1 90  ? -14.174 5.045   -6.389  1.00 25.36  ? 90  TYR A C   1 
ATOM   676  O  O   . TYR A 1 90  ? -13.765 5.390   -7.500  1.00 26.54  ? 90  TYR A O   1 
ATOM   677  C  CB  . TYR A 1 90  ? -12.465 4.268   -4.757  1.00 28.74  ? 90  TYR A CB  1 
ATOM   678  C  CG  . TYR A 1 90  ? -12.078 3.390   -3.581  1.00 28.78  ? 90  TYR A CG  1 
ATOM   679  C  CD1 . TYR A 1 90  ? -12.993 2.898   -2.658  1.00 29.52  ? 90  TYR A CD1 1 
ATOM   680  C  CD2 . TYR A 1 90  ? -10.743 3.117   -3.322  1.00 27.29  ? 90  TYR A CD2 1 
ATOM   681  C  CE1 . TYR A 1 90  ? -12.592 2.132   -1.563  1.00 28.56  ? 90  TYR A CE1 1 
ATOM   682  C  CE2 . TYR A 1 90  ? -10.333 2.337   -2.249  1.00 26.20  ? 90  TYR A CE2 1 
ATOM   683  C  CZ  . TYR A 1 90  ? -11.248 1.829   -1.350  1.00 26.87  ? 90  TYR A CZ  1 
ATOM   684  O  OH  . TYR A 1 90  ? -10.828 1.092   -0.245  1.00 22.11  ? 90  TYR A OH  1 
ATOM   685  N  N   . PRO A 1 91  ? -15.091 5.781   -5.727  1.00 23.36  ? 91  PRO A N   1 
ATOM   686  C  CA  . PRO A 1 91  ? -15.568 7.061   -6.272  1.00 27.16  ? 91  PRO A CA  1 
ATOM   687  C  C   . PRO A 1 91  ? -14.469 8.116   -6.121  1.00 26.99  ? 91  PRO A C   1 
ATOM   688  O  O   . PRO A 1 91  ? -13.531 7.847   -5.390  1.00 24.71  ? 91  PRO A O   1 
ATOM   689  C  CB  . PRO A 1 91  ? -16.725 7.428   -5.328  1.00 24.82  ? 91  PRO A CB  1 
ATOM   690  C  CG  . PRO A 1 91  ? -16.285 6.818   -3.987  1.00 25.23  ? 91  PRO A CG  1 
ATOM   691  C  CD  . PRO A 1 91  ? -15.578 5.528   -4.359  1.00 25.95  ? 91  PRO A CD  1 
ATOM   692  N  N   . ALA A 1 92  ? -14.639 9.298   -6.712  1.00 28.09  ? 92  ALA A N   1 
ATOM   693  C  CA  . ALA A 1 92  ? -13.856 10.492  -6.320  1.00 27.69  ? 92  ALA A CA  1 
ATOM   694  C  C   . ALA A 1 92  ? -13.990 10.676  -4.798  1.00 27.20  ? 92  ALA A C   1 
ATOM   695  O  O   . ALA A 1 92  ? -15.121 10.608  -4.282  1.00 31.84  ? 92  ALA A O   1 
ATOM   696  C  CB  . ALA A 1 92  ? -14.331 11.706  -7.078  1.00 28.23  ? 92  ALA A CB  1 
ATOM   697  N  N   . ARG A 1 93  ? -12.886 10.788  -4.061  1.00 26.77  ? 93  ARG A N   1 
ATOM   698  C  CA  . ARG A 1 93  ? -12.936 10.904  -2.585  1.00 27.23  ? 93  ARG A CA  1 
ATOM   699  C  C   . ARG A 1 93  ? -11.571 11.330  -2.051  1.00 27.09  ? 93  ARG A C   1 
ATOM   700  O  O   . ARG A 1 93  ? -10.571 11.327  -2.821  1.00 25.21  ? 93  ARG A O   1 
ATOM   701  C  CB  . ARG A 1 93  ? -13.368 9.550   -2.005  1.00 28.71  ? 93  ARG A CB  1 
ATOM   702  C  CG  . ARG A 1 93  ? -12.339 8.449   -2.220  1.00 28.24  ? 93  ARG A CG  1 
ATOM   703  C  CD  . ARG A 1 93  ? -12.737 7.052   -1.765  1.00 31.28  ? 93  ARG A CD  1 
ATOM   704  N  NE  . ARG A 1 93  ? -11.493 6.394   -1.379  1.00 30.04  ? 93  ARG A NE  1 
ATOM   705  C  CZ  . ARG A 1 93  ? -11.240 5.763   -0.228  1.00 33.36  ? 93  ARG A CZ  1 
ATOM   706  N  NH1 . ARG A 1 93  ? -12.174 5.559   0.691   1.00 33.70  ? 93  ARG A NH1 1 
ATOM   707  N  NH2 . ARG A 1 93  ? -10.027 5.284   -0.039  1.00 29.48  ? 93  ARG A NH2 1 
ATOM   708  N  N   . TYR A 1 94  ? -11.550 11.669  -0.775  1.00 22.28  ? 94  TYR A N   1 
ATOM   709  C  CA  . TYR A 1 94  ? -10.331 11.912  0.018   1.00 24.77  ? 94  TYR A CA  1 
ATOM   710  C  C   . TYR A 1 94  ? -9.818  10.597  0.583   1.00 22.41  ? 94  TYR A C   1 
ATOM   711  O  O   . TYR A 1 94  ? -10.611 9.799   1.149   1.00 26.01  ? 94  TYR A O   1 
ATOM   712  C  CB  . TYR A 1 94  ? -10.616 12.928  1.110   1.00 26.49  ? 94  TYR A CB  1 
ATOM   713  C  CG  . TYR A 1 94  ? -10.655 14.323  0.535   1.00 29.04  ? 94  TYR A CG  1 
ATOM   714  C  CD1 . TYR A 1 94  ? -9.480  15.028  0.339   1.00 30.18  ? 94  TYR A CD1 1 
ATOM   715  C  CD2 . TYR A 1 94  ? -11.837 14.889  0.082   1.00 33.61  ? 94  TYR A CD2 1 
ATOM   716  C  CE1 . TYR A 1 94  ? -9.475  16.295  -0.226  1.00 33.52  ? 94  TYR A CE1 1 
ATOM   717  C  CE2 . TYR A 1 94  ? -11.854 16.164  -0.475  1.00 35.38  ? 94  TYR A CE2 1 
ATOM   718  C  CZ  . TYR A 1 94  ? -10.668 16.866  -0.631  1.00 36.55  ? 94  TYR A CZ  1 
ATOM   719  O  OH  . TYR A 1 94  ? -10.660 18.116  -1.179  1.00 38.48  ? 94  TYR A OH  1 
ATOM   720  N  N   . GLN A 1 95  ? -8.512  10.362  0.446   1.00 19.17  ? 95  GLN A N   1 
ATOM   721  C  CA  . GLN A 1 95  ? -7.815  9.171   1.009   1.00 17.31  ? 95  GLN A CA  1 
ATOM   722  C  C   . GLN A 1 95  ? -6.696  9.678   1.897   1.00 16.63  ? 95  GLN A C   1 
ATOM   723  O  O   . GLN A 1 95  ? -5.959  10.607  1.434   1.00 19.75  ? 95  GLN A O   1 
ATOM   724  C  CB  . GLN A 1 95  ? -7.282  8.291   -0.111  1.00 18.16  ? 95  GLN A CB  1 
ATOM   725  C  CG  . GLN A 1 95  ? -6.615  7.039   0.412   1.00 19.03  ? 95  GLN A CG  1 
ATOM   726  C  CD  . GLN A 1 95  ? -6.491  5.953   -0.615  1.00 17.46  ? 95  GLN A CD  1 
ATOM   727  O  OE1 . GLN A 1 95  ? -7.329  5.805   -1.478  1.00 17.68  ? 95  GLN A OE1 1 
ATOM   728  N  NE2 . GLN A 1 95  ? -5.389  5.235   -0.553  1.00 16.29  ? 95  GLN A NE2 1 
ATOM   729  N  N   . SER A 1 96  ? -6.518  9.124   3.082   1.00 15.27  ? 96  SER A N   1 
ATOM   730  C  CA  . SER A 1 96  ? -5.528  9.516   4.089   1.00 15.82  ? 96  SER A CA  1 
ATOM   731  C  C   . SER A 1 96  ? -4.271  8.646   3.948   1.00 16.18  ? 96  SER A C   1 
ATOM   732  O  O   . SER A 1 96  ? -4.363  7.542   3.348   1.00 15.24  ? 96  SER A O   1 
ATOM   733  C  CB  . SER A 1 96  ? -6.084  9.472   5.485   1.00 17.77  ? 96  SER A CB  1 
ATOM   734  O  OG  . SER A 1 96  ? -6.440  8.127   5.802   1.00 18.85  ? 96  SER A OG  1 
ATOM   735  N  N   . HIS A 1 97  ? -3.188  9.079   4.563   1.00 14.17  ? 97  HIS A N   1 
ATOM   736  C  CA  . HIS A 1 97  ? -1.889  8.357   4.601   1.00 14.32  ? 97  HIS A CA  1 
ATOM   737  C  C   . HIS A 1 97  ? -1.426  7.988   3.180   1.00 13.44  ? 97  HIS A C   1 
ATOM   738  O  O   . HIS A 1 97  ? -0.841  6.890   3.017   1.00 13.87  ? 97  HIS A O   1 
ATOM   739  C  CB  . HIS A 1 97  ? -2.036  7.178   5.534   1.00 16.43  ? 97  HIS A CB  1 
ATOM   740  C  CG  . HIS A 1 97  ? -2.357  7.612   6.925   1.00 16.38  ? 97  HIS A CG  1 
ATOM   741  N  ND1 . HIS A 1 97  ? -1.396  7.707   7.876   1.00 17.04  ? 97  HIS A ND1 1 
ATOM   742  C  CD2 . HIS A 1 97  ? -3.556  7.876   7.520   1.00 16.39  ? 97  HIS A CD2 1 
ATOM   743  C  CE1 . HIS A 1 97  ? -1.986  8.029   9.044   1.00 17.68  ? 97  HIS A CE1 1 
ATOM   744  N  NE2 . HIS A 1 97  ? -3.274  8.188   8.836   1.00 18.45  ? 97  HIS A NE2 1 
ATOM   745  N  N   . LEU A 1 98  ? -1.666  8.830   2.196   1.00 12.01  ? 98  LEU A N   1 
ATOM   746  C  CA  . LEU A 1 98  ? -1.374  8.540   0.789   1.00 12.88  ? 98  LEU A CA  1 
ATOM   747  C  C   . LEU A 1 98  ? -0.129  9.307   0.344   1.00 11.98  ? 98  LEU A C   1 
ATOM   748  O  O   . LEU A 1 98  ? -0.041  10.503  0.621   1.00 13.97  ? 98  LEU A O   1 
ATOM   749  C  CB  . LEU A 1 98  ? -2.582  8.908   -0.068  1.00 14.10  ? 98  LEU A CB  1 
ATOM   750  C  CG  . LEU A 1 98  ? -2.473  8.564   -1.548  1.00 14.39  ? 98  LEU A CG  1 
ATOM   751  C  CD1 . LEU A 1 98  ? -2.476  7.069   -1.760  1.00 13.94  ? 98  LEU A CD1 1 
ATOM   752  C  CD2 . LEU A 1 98  ? -3.541  9.249   -2.383  1.00 16.70  ? 98  LEU A CD2 1 
ATOM   753  N  N   . MET A 1 99  ? 0.747   8.635   -0.381  1.00 11.39  ? 99  MET A N   1 
ATOM   754  C  CA  . MET A 1 99  ? 1.979   9.224   -0.955  1.00 11.76  ? 99  MET A CA  1 
ATOM   755  C  C   . MET A 1 99  ? 1.839   9.215   -2.457  1.00 11.71  ? 99  MET A C   1 
ATOM   756  O  O   . MET A 1 99  ? 1.304   8.219   -2.950  1.00 12.85  ? 99  MET A O   1 
ATOM   757  C  CB  . MET A 1 99  ? 3.203   8.408   -0.560  1.00 11.02  ? 99  MET A CB  1 
ATOM   758  C  CG  . MET A 1 99  ? 3.396   8.341   0.962   1.00 13.43  ? 99  MET A CG  1 
ATOM   759  S  SD  . MET A 1 99  ? 4.606   7.145   1.503   1.00 13.29  ? 99  MET A SD  1 
ATOM   760  C  CE  . MET A 1 99  ? 3.747   5.614   1.149   1.00 12.99  ? 99  MET A CE  1 
ATOM   761  N  N   . LEU A 1 100 ? 2.307   10.255  -3.158  1.00 11.27  ? 100 LEU A N   1 
ATOM   762  C  CA  . LEU A 1 100 ? 2.211   10.311  -4.620  1.00 11.08  ? 100 LEU A CA  1 
ATOM   763  C  C   . LEU A 1 100 ? 3.604   10.356  -5.227  1.00 10.81  ? 100 LEU A C   1 
ATOM   764  O  O   . LEU A 1 100 ? 4.520   10.993  -4.697  1.00 10.61  ? 100 LEU A O   1 
ATOM   765  C  CB  . LEU A 1 100 ? 1.415   11.554  -5.031  1.00 12.82  ? 100 LEU A CB  1 
ATOM   766  C  CG  . LEU A 1 100 ? -0.074  11.508  -4.725  1.00 14.85  ? 100 LEU A CG  1 
ATOM   767  C  CD1 . LEU A 1 100 ? -0.708  12.862  -4.996  1.00 16.33  ? 100 LEU A CD1 1 
ATOM   768  C  CD2 . LEU A 1 100 ? -0.781  10.412  -5.501  1.00 15.80  ? 100 LEU A CD2 1 
ATOM   769  N  N   . ALA A 1 101 ? 3.728   9.711   -6.363  1.00 10.19  ? 101 ALA A N   1 
ATOM   770  C  CA  . ALA A 1 101 ? 4.916   9.773   -7.211  1.00 10.13  ? 101 ALA A CA  1 
ATOM   771  C  C   . ALA A 1 101 ? 4.484   9.929   -8.655  1.00 10.17  ? 101 ALA A C   1 
ATOM   772  O  O   . ALA A 1 101 ? 3.334   9.592   -9.026  1.00 11.03  ? 101 ALA A O   1 
ATOM   773  C  CB  . ALA A 1 101 ? 5.800   8.530   -7.105  1.00 10.17  ? 101 ALA A CB  1 
ATOM   774  N  N   . VAL A 1 102 ? 5.396   10.390  -9.496  1.00 10.54  ? 102 VAL A N   1 
ATOM   775  C  CA  . VAL A 1 102 ? 5.169   10.405  -10.959 1.00 10.60  ? 102 VAL A CA  1 
ATOM   776  C  C   . VAL A 1 102 ? 5.525   9.020   -11.486 1.00 10.64  ? 102 VAL A C   1 
ATOM   777  O  O   . VAL A 1 102 ? 6.650   8.575   -11.362 1.00 11.27  ? 102 VAL A O   1 
ATOM   778  C  CB  . VAL A 1 102 ? 5.980   11.523  -11.637 1.00 10.65  ? 102 VAL A CB  1 
ATOM   779  C  CG1 . VAL A 1 102 ? 5.803   11.481  -13.138 1.00 11.36  ? 102 VAL A CG1 1 
ATOM   780  C  CG2 . VAL A 1 102 ? 5.612   12.865  -11.055 1.00 10.85  ? 102 VAL A CG2 1 
ATOM   781  N  N   . GLY A 1 103 ? 4.539   8.402   -12.099 1.00 11.24  ? 103 GLY A N   1 
ATOM   782  C  CA  . GLY A 1 103 ? 4.729   7.067   -12.661 1.00 11.32  ? 103 GLY A CA  1 
ATOM   783  C  C   . GLY A 1 103 ? 3.427   6.467   -13.112 1.00 10.97  ? 103 GLY A C   1 
ATOM   784  O  O   . GLY A 1 103 ? 2.359   7.067   -12.974 1.00 12.48  ? 103 GLY A O   1 
ATOM   785  N  N   . HIS A 1 104 ? 3.550   5.283   -13.679 1.00 12.02  ? 104 HIS A N   1 
ATOM   786  C  CA  . HIS A 1 104 ? 2.407   4.583   -14.283 1.00 12.59  ? 104 HIS A CA  1 
ATOM   787  C  C   . HIS A 1 104 ? 1.722   3.693   -13.250 1.00 12.47  ? 104 HIS A C   1 
ATOM   788  O  O   . HIS A 1 104 ? 2.403   2.897   -12.561 1.00 12.41  ? 104 HIS A O   1 
ATOM   789  C  CB  . HIS A 1 104 ? 2.903   3.738   -15.458 1.00 12.84  ? 104 HIS A CB  1 
ATOM   790  C  CG  . HIS A 1 104 ? 1.755   3.054   -16.110 1.00 13.23  ? 104 HIS A CG  1 
ATOM   791  N  ND1 . HIS A 1 104 ? 0.814   3.796   -16.772 1.00 13.53  ? 104 HIS A ND1 1 
ATOM   792  C  CD2 . HIS A 1 104 ? 1.357   1.758   -16.135 1.00 13.25  ? 104 HIS A CD2 1 
ATOM   793  C  CE1 . HIS A 1 104 ? -0.146  2.958   -17.192 1.00 13.74  ? 104 HIS A CE1 1 
ATOM   794  N  NE2 . HIS A 1 104 ? 0.181   1.717   -16.836 1.00 13.82  ? 104 HIS A NE2 1 
ATOM   795  N  N   . SER A 1 105 ? 0.392   3.733   -13.200 1.00 13.23  ? 105 SER A N   1 
ATOM   796  C  CA  . SER A 1 105 ? -0.425  2.903   -12.282 1.00 13.98  ? 105 SER A CA  1 
ATOM   797  C  C   . SER A 1 105 ? -1.778  2.693   -12.952 1.00 15.41  ? 105 SER A C   1 
ATOM   798  O  O   . SER A 1 105 ? -2.437  3.717   -13.258 1.00 20.19  ? 105 SER A O   1 
ATOM   799  C  CB  . SER A 1 105 ? -0.615  3.630   -10.944 1.00 14.71  ? 105 SER A CB  1 
ATOM   800  O  OG  . SER A 1 105 ? -1.342  2.812   -10.020 1.00 17.74  ? 105 SER A OG  1 
ATOM   801  N  N   . GLU A 1 106 ? -2.189  1.458   -13.075 1.00 12.99  ? 106 GLU A N   1 
ATOM   802  C  CA  . GLU A 1 106 ? -3.583  1.075   -13.448 1.00 14.71  ? 106 GLU A CA  1 
ATOM   803  C  C   . GLU A 1 106 ? -4.217  0.383   -12.267 1.00 15.54  ? 106 GLU A C   1 
ATOM   804  O  O   . GLU A 1 106 ? -3.521  -0.071  -11.359 1.00 15.67  ? 106 GLU A O   1 
ATOM   805  C  CB  . GLU A 1 106 ? -3.541  0.115   -14.636 1.00 17.41  ? 106 GLU A CB  1 
ATOM   806  C  CG  . GLU A 1 106 ? -2.934  0.771   -15.839 1.00 18.71  ? 106 GLU A CG  1 
ATOM   807  C  CD  . GLU A 1 106 ? -2.745  -0.081  -17.091 1.00 17.66  ? 106 GLU A CD  1 
ATOM   808  O  OE1 . GLU A 1 106 ? -3.636  -0.853  -17.432 1.00 23.50  ? 106 GLU A OE1 1 
ATOM   809  O  OE2 . GLU A 1 106 ? -1.735  0.010   -17.701 1.00 16.79  ? 106 GLU A OE2 1 
ATOM   810  N  N   . PRO A 1 107 ? -5.566  0.246   -12.223 1.00 16.94  ? 107 PRO A N   1 
ATOM   811  C  CA  . PRO A 1 107 ? -6.214  -0.358  -11.060 1.00 17.12  ? 107 PRO A CA  1 
ATOM   812  C  C   . PRO A 1 107 ? -5.624  -1.692  -10.591 1.00 16.00  ? 107 PRO A C   1 
ATOM   813  O  O   . PRO A 1 107 ? -5.473  -1.937  -9.382  1.00 17.76  ? 107 PRO A O   1 
ATOM   814  C  CB  . PRO A 1 107 ? -7.638  -0.553  -11.608 1.00 18.21  ? 107 PRO A CB  1 
ATOM   815  C  CG  . PRO A 1 107 ? -7.855  0.682   -12.428 1.00 18.82  ? 107 PRO A CG  1 
ATOM   816  C  CD  . PRO A 1 107 ? -6.547  0.774   -13.212 1.00 17.97  ? 107 PRO A CD  1 
ATOM   817  N  N   . GLY A 1 108 ? -5.261  -2.547  -11.535 1.00 16.36  ? 108 GLY A N   1 
ATOM   818  C  CA  . GLY A 1 108 ? -4.714  -3.862  -11.228 1.00 15.72  ? 108 GLY A CA  1 
ATOM   819  C  C   . GLY A 1 108 ? -3.309  -3.818  -10.646 1.00 13.35  ? 108 GLY A C   1 
ATOM   820  O  O   . GLY A 1 108 ? -2.838  -4.850  -10.193 1.00 14.51  ? 108 GLY A O   1 
ATOM   821  N  N   . ASP A 1 109 ? -2.650  -2.646  -10.711 1.00 13.66  ? 109 ASP A N   1 
ATOM   822  C  CA  . ASP A 1 109 ? -1.327  -2.457  -10.085 1.00 11.97  ? 109 ASP A CA  1 
ATOM   823  C  C   . ASP A 1 109 ? -1.454  -2.370  -8.560  1.00 11.55  ? 109 ASP A C   1 
ATOM   824  O  O   . ASP A 1 109 ? -0.419  -2.456  -7.860  1.00 10.64  ? 109 ASP A O   1 
ATOM   825  C  CB  . ASP A 1 109 ? -0.620  -1.224  -10.654 1.00 11.09  ? 109 ASP A CB  1 
ATOM   826  C  CG  . ASP A 1 109 ? -0.201  -1.468  -12.088 1.00 10.92  ? 109 ASP A CG  1 
ATOM   827  O  OD1 . ASP A 1 109 ? 0.223   -2.601  -12.374 1.00 12.60  ? 109 ASP A OD1 1 
ATOM   828  O  OD2 . ASP A 1 109 ? -0.266  -0.523  -12.886 1.00 12.65  ? 109 ASP A OD2 1 
ATOM   829  N  N   . CYS A 1 110 ? -2.637  -2.161  -8.031  1.00 11.39  ? 110 CYS A N   1 
ATOM   830  C  CA  . CYS A 1 110 ? -2.807  -2.053  -6.586  1.00 11.28  ? 110 CYS A CA  1 
ATOM   831  C  C   . CYS A 1 110 ? -2.190  -3.275  -5.927  1.00 11.06  ? 110 CYS A C   1 
ATOM   832  O  O   . CYS A 1 110 ? -2.383  -4.434  -6.380  1.00 12.22  ? 110 CYS A O   1 
ATOM   833  C  CB  . CYS A 1 110 ? -4.279  -1.933  -6.229  1.00 11.98  ? 110 CYS A CB  1 
ATOM   834  S  SG  . CYS A 1 110 ? -4.935  -0.268  -6.507  1.00 14.10  ? 110 CYS A SG  1 
ATOM   835  N  N   . GLY A 1 111 ? -1.477  -3.061  -4.833  1.00 9.90   ? 111 GLY A N   1 
ATOM   836  C  CA  . GLY A 1 111 ? -0.811  -4.103  -4.069  1.00 10.35  ? 111 GLY A CA  1 
ATOM   837  C  C   . GLY A 1 111 ? 0.668   -4.208  -4.387  1.00 9.99   ? 111 GLY A C   1 
ATOM   838  O  O   . GLY A 1 111 ? 1.372   -4.875  -3.637  1.00 11.04  ? 111 GLY A O   1 
ATOM   839  N  N   . GLY A 1 112 ? 1.147   -3.581  -5.454  1.00 10.00  ? 112 GLY A N   1 
ATOM   840  C  CA  . GLY A 1 112 ? 2.586   -3.581  -5.725  1.00 9.79   ? 112 GLY A CA  1 
ATOM   841  C  C   . GLY A 1 112 ? 3.343   -2.892  -4.598  1.00 9.27   ? 112 GLY A C   1 
ATOM   842  O  O   . GLY A 1 112 ? 2.866   -1.857  -4.122  1.00 8.99   ? 112 GLY A O   1 
ATOM   843  N  N   . ILE A 1 113 ? 4.481   -3.401  -4.220  1.00 9.59   ? 113 ILE A N   1 
ATOM   844  C  CA  . ILE A 1 113 ? 5.247   -2.823  -3.099  1.00 10.23  ? 113 ILE A CA  1 
ATOM   845  C  C   . ILE A 1 113 ? 6.056   -1.630  -3.562  1.00 9.69   ? 113 ILE A C   1 
ATOM   846  O  O   . ILE A 1 113 ? 6.760   -1.695  -4.591  1.00 9.74   ? 113 ILE A O   1 
ATOM   847  C  CB  . ILE A 1 113 ? 6.121   -3.921  -2.485  1.00 11.76  ? 113 ILE A CB  1 
ATOM   848  C  CG1 . ILE A 1 113 ? 5.211   -4.776  -1.594  1.00 14.35  ? 113 ILE A CG1 1 
ATOM   849  C  CG2 . ILE A 1 113 ? 7.324   -3.386  -1.689  1.00 11.37  ? 113 ILE A CG2 1 
ATOM   850  C  CD1 . ILE A 1 113 ? 5.841   -6.043  -1.060  1.00 16.76  ? 113 ILE A CD1 1 
ATOM   851  N  N   . LEU A 1 114 ? 6.051   -0.617  -2.710  1.00 9.26   ? 114 LEU A N   1 
ATOM   852  C  CA  . LEU A 1 114 ? 7.052   0.492   -2.696  1.00 9.33   ? 114 LEU A CA  1 
ATOM   853  C  C   . LEU A 1 114 ? 8.038   0.162   -1.585  1.00 8.86   ? 114 LEU A C   1 
ATOM   854  O  O   . LEU A 1 114 ? 7.591   -0.068  -0.441  1.00 9.72   ? 114 LEU A O   1 
ATOM   855  C  CB  . LEU A 1 114 ? 6.347   1.816   -2.425  1.00 9.85   ? 114 LEU A CB  1 
ATOM   856  C  CG  . LEU A 1 114 ? 7.233   3.026   -2.251  1.00 9.63   ? 114 LEU A CG  1 
ATOM   857  C  CD1 . LEU A 1 114 ? 8.006   3.361   -3.504  1.00 9.83   ? 114 LEU A CD1 1 
ATOM   858  C  CD2 . LEU A 1 114 ? 6.385   4.206   -1.795  1.00 10.29  ? 114 LEU A CD2 1 
ATOM   859  N  N   . ARG A 1 115 ? 9.337   0.159   -1.882  1.00 8.96   ? 115 ARG A N   1 
ATOM   860  C  CA  . ARG A 1 115 ? 10.392  -0.124  -0.900  1.00 9.53   ? 115 ARG A CA  1 
ATOM   861  C  C   . ARG A 1 115 ? 11.467  0.934   -0.952  1.00 10.10  ? 115 ARG A C   1 
ATOM   862  O  O   . ARG A 1 115 ? 11.763  1.520   -2.002  1.00 10.51  ? 115 ARG A O   1 
ATOM   863  C  CB  . ARG A 1 115 ? 10.982  -1.499  -1.120  1.00 10.86  ? 115 ARG A CB  1 
ATOM   864  C  CG  . ARG A 1 115 ? 11.654  -1.663  -2.475  1.00 11.86  ? 115 ARG A CG  1 
ATOM   865  C  CD  . ARG A 1 115 ? 12.191  -3.066  -2.722  1.00 14.86  ? 115 ARG A CD  1 
ATOM   866  N  NE  . ARG A 1 115 ? 11.121  -3.974  -3.083  1.00 17.48  ? 115 ARG A NE  1 
ATOM   867  C  CZ  . ARG A 1 115 ? 10.760  -5.095  -2.450  1.00 19.24  ? 115 ARG A CZ  1 
ATOM   868  N  NH1 . ARG A 1 115 ? 11.315  -5.461  -1.300  1.00 23.36  ? 115 ARG A NH1 1 
ATOM   869  N  NH2 . ARG A 1 115 ? 9.780   -5.817  -2.956  1.00 22.12  ? 115 ARG A NH2 1 
ATOM   870  N  N   . CYS A 1 116 ? 12.053  1.170   0.211   1.00 10.32  ? 116 CYS A N   1 
ATOM   871  C  CA  . CYS A 1 116 ? 13.218  2.050   0.391   1.00 10.84  ? 116 CYS A CA  1 
ATOM   872  C  C   . CYS A 1 116 ? 14.369  1.224   0.928   1.00 11.80  ? 116 CYS A C   1 
ATOM   873  O  O   . CYS A 1 116 ? 14.271  0.042   1.140   1.00 12.39  ? 116 CYS A O   1 
ATOM   874  C  CB  . CYS A 1 116 ? 12.875  3.257   1.252   1.00 10.30  ? 116 CYS A CB  1 
ATOM   875  S  SG  . CYS A 1 116 ? 12.592  2.760   2.961   1.00 11.02  ? 116 CYS A SG  1 
ATOM   876  N  N   . GLN A 1 117 ? 15.457  1.912   1.221   1.00 12.91  ? 117 GLN A N   1 
ATOM   877  C  CA  . GLN A 1 117 ? 16.624  1.272   1.842   1.00 14.56  ? 117 GLN A CA  1 
ATOM   878  C  C   . GLN A 1 117 ? 16.285  0.593   3.158   1.00 14.52  ? 117 GLN A C   1 
ATOM   879  O  O   . GLN A 1 117 ? 17.032  -0.310  3.544   1.00 17.21  ? 117 GLN A O   1 
ATOM   880  C  CB  . GLN A 1 117 ? 17.750  2.289   2.006   1.00 14.61  ? 117 GLN A CB  1 
ATOM   881  C  CG  . GLN A 1 117 ? 17.461  3.316   3.093   1.00 16.29  ? 117 GLN A CG  1 
ATOM   882  C  CD  . GLN A 1 117 ? 18.594  4.288   3.304   1.00 21.72  ? 117 GLN A CD  1 
ATOM   883  O  OE1 . GLN A 1 117 ? 18.616  5.370   2.724   1.00 27.11  ? 117 GLN A OE1 1 
ATOM   884  N  NE2 . GLN A 1 117 ? 19.528  3.893   4.154   1.00 24.24  ? 117 GLN A NE2 1 
ATOM   885  N  N   . HIS A 1 118 ? 15.205  0.962   3.838   1.00 12.97  ? 118 HIS A N   1 
ATOM   886  C  CA  . HIS A 1 118 ? 14.860  0.388   5.160   1.00 12.74  ? 118 HIS A CA  1 
ATOM   887  C  C   . HIS A 1 118 ? 13.864  -0.768  5.076   1.00 14.81  ? 118 HIS A C   1 
ATOM   888  O  O   . HIS A 1 118 ? 13.632  -1.439  6.084   1.00 17.08  ? 118 HIS A O   1 
ATOM   889  C  CB  . HIS A 1 118 ? 14.285  1.479   6.052   1.00 12.30  ? 118 HIS A CB  1 
ATOM   890  C  CG  . HIS A 1 118 ? 15.174  2.657   6.236   1.00 12.01  ? 118 HIS A CG  1 
ATOM   891  N  ND1 . HIS A 1 118 ? 15.022  3.807   5.546   1.00 12.22  ? 118 HIS A ND1 1 
ATOM   892  C  CD2 . HIS A 1 118 ? 16.273  2.819   7.022   1.00 13.88  ? 118 HIS A CD2 1 
ATOM   893  C  CE1 . HIS A 1 118 ? 15.995  4.666   5.889   1.00 12.94  ? 118 HIS A CE1 1 
ATOM   894  N  NE2 . HIS A 1 118 ? 16.746  4.056   6.802   1.00 15.00  ? 118 HIS A NE2 1 
ATOM   895  N  N   . GLY A 1 119 ? 13.237  -1.002  3.927   1.00 12.83  ? 119 GLY A N   1 
ATOM   896  C  CA  . GLY A 1 119 ? 12.256  -2.079  3.740   1.00 12.62  ? 119 GLY A CA  1 
ATOM   897  C  C   . GLY A 1 119 ? 11.001  -1.561  3.066   1.00 11.41  ? 119 GLY A C   1 
ATOM   898  O  O   . GLY A 1 119 ? 11.060  -0.622  2.250   1.00 11.35  ? 119 GLY A O   1 
ATOM   899  N  N   . VAL A 1 120 ? 9.867   -2.177  3.369   1.00 10.42  ? 120 VAL A N   1 
ATOM   900  C  CA  . VAL A 1 120 ? 8.603   -1.913  2.655   1.00 10.78  ? 120 VAL A CA  1 
ATOM   901  C  C   . VAL A 1 120 ? 7.971   -0.638  3.195   1.00 10.08  ? 120 VAL A C   1 
ATOM   902  O  O   . VAL A 1 120 ? 7.806   -0.463  4.441   1.00 11.44  ? 120 VAL A O   1 
ATOM   903  C  CB  . VAL A 1 120 ? 7.629   -3.094  2.780   1.00 11.91  ? 120 VAL A CB  1 
ATOM   904  C  CG1 . VAL A 1 120 ? 6.251   -2.727  2.248   1.00 12.24  ? 120 VAL A CG1 1 
ATOM   905  C  CG2 . VAL A 1 120 ? 8.181   -4.350  2.138   1.00 12.82  ? 120 VAL A CG2 1 
ATOM   906  N  N   . VAL A 1 121 ? 7.656   0.300   2.328   1.00 9.76   ? 121 VAL A N   1 
ATOM   907  C  CA  . VAL A 1 121 ? 7.084   1.606   2.658   1.00 10.07  ? 121 VAL A CA  1 
ATOM   908  C  C   . VAL A 1 121 ? 5.563   1.549   2.575   1.00 9.49   ? 121 VAL A C   1 
ATOM   909  O  O   . VAL A 1 121 ? 4.867   2.173   3.370   1.00 10.30  ? 121 VAL A O   1 
ATOM   910  C  CB  . VAL A 1 121 ? 7.671   2.644   1.687   1.00 9.79   ? 121 VAL A CB  1 
ATOM   911  C  CG1 . VAL A 1 121 ? 7.008   3.994   1.871   1.00 10.63  ? 121 VAL A CG1 1 
ATOM   912  C  CG2 . VAL A 1 121 ? 9.175   2.745   1.851   1.00 11.50  ? 121 VAL A CG2 1 
ATOM   913  N  N   . GLY A 1 122 ? 5.029   0.887   1.551   1.00 9.51   ? 122 GLY A N   1 
ATOM   914  C  CA  . GLY A 1 122 ? 3.600   0.854   1.299   1.00 10.45  ? 122 GLY A CA  1 
ATOM   915  C  C   . GLY A 1 122 ? 3.265   0.086   0.054   1.00 9.26   ? 122 GLY A C   1 
ATOM   916  O  O   . GLY A 1 122 ? 4.129   -0.598  -0.497  1.00 9.55   ? 122 GLY A O   1 
ATOM   917  N  N   . ILE A 1 123 ? 1.997   0.193   -0.346  1.00 9.36   ? 123 ILE A N   1 
ATOM   918  C  CA  . ILE A 1 123 ? 1.510   -0.557  -1.533  1.00 9.25   ? 123 ILE A CA  1 
ATOM   919  C  C   . ILE A 1 123 ? 0.774   0.394   -2.453  1.00 9.41   ? 123 ILE A C   1 
ATOM   920  O  O   . ILE A 1 123 ? 0.121   1.337   -1.984  1.00 9.72   ? 123 ILE A O   1 
ATOM   921  C  CB  . ILE A 1 123 ? 0.638   -1.768  -1.160  1.00 10.48  ? 123 ILE A CB  1 
ATOM   922  C  CG1 . ILE A 1 123 ? -0.516  -1.404  -0.208  1.00 10.53  ? 123 ILE A CG1 1 
ATOM   923  C  CG2 . ILE A 1 123 ? 1.503   -2.889  -0.617  1.00 10.49  ? 123 ILE A CG2 1 
ATOM   924  C  CD1 . ILE A 1 123 ? -1.543  -2.523  0.013   1.00 11.40  ? 123 ILE A CD1 1 
ATOM   925  N  N   . VAL A 1 124 ? 0.837   0.110   -3.726  1.00 9.12   ? 124 VAL A N   1 
ATOM   926  C  CA  . VAL A 1 124 ? 0.076   0.896   -4.710  1.00 9.62   ? 124 VAL A CA  1 
ATOM   927  C  C   . VAL A 1 124 ? -1.384  0.874   -4.316  1.00 9.72   ? 124 VAL A C   1 
ATOM   928  O  O   . VAL A 1 124 ? -1.929  -0.220  -4.030  1.00 10.10  ? 124 VAL A O   1 
ATOM   929  C  CB  . VAL A 1 124 ? 0.269   0.364   -6.116  1.00 9.73   ? 124 VAL A CB  1 
ATOM   930  C  CG1 . VAL A 1 124 ? -0.626  1.076   -7.113  1.00 9.96   ? 124 VAL A CG1 1 
ATOM   931  C  CG2 . VAL A 1 124 ? 1.701   0.441   -6.550  1.00 9.80   ? 124 VAL A CG2 1 
ATOM   932  N  N   . SER A 1 125 ? -2.035  2.027   -4.361  1.00 10.80  ? 125 SER A N   1 
ATOM   933  C  CA  . SER A 1 125 ? -3.450  2.194   -3.992  1.00 12.07  ? 125 SER A CA  1 
ATOM   934  C  C   . SER A 1 125 ? -4.209  3.083   -4.983  1.00 13.13  ? 125 SER A C   1 
ATOM   935  O  O   . SER A 1 125 ? -5.456  2.890   -5.077  1.00 13.67  ? 125 SER A O   1 
ATOM   936  C  CB  . SER A 1 125 ? -3.535  2.749   -2.619  1.00 11.61  ? 125 SER A CB  1 
ATOM   937  O  OG  . SER A 1 125 ? -4.887  2.956   -2.184  1.00 13.72  ? 125 SER A OG  1 
ATOM   938  N  N   . THR A 1 126 ? -3.567  4.025   -5.693  1.00 13.21  ? 126 THR A N   1 
ATOM   939  C  CA  . THR A 1 126 ? -4.252  4.950   -6.640  1.00 14.75  ? 126 THR A CA  1 
ATOM   940  C  C   . THR A 1 126 ? -3.413  5.117   -7.887  1.00 14.71  ? 126 THR A C   1 
ATOM   941  O  O   . THR A 1 126 ? -2.234  4.755   -7.913  1.00 14.57  ? 126 THR A O   1 
ATOM   942  C  CB  . THR A 1 126 ? -4.522  6.331   -6.031  1.00 16.47  ? 126 THR A CB  1 
ATOM   943  O  OG1 . THR A 1 126 ? -3.302  7.078   -5.947  1.00 17.23  ? 126 THR A OG1 1 
ATOM   944  C  CG2 . THR A 1 126 ? -5.159  6.258   -4.671  1.00 16.61  ? 126 THR A CG2 1 
ATOM   945  N  N   . GLY A 1 127 ? -4.020  5.623   -8.968  1.00 16.36  ? 127 GLY A N   1 
ATOM   946  C  CA  . GLY A 1 127 ? -3.310  5.833   -10.230 1.00 17.96  ? 127 GLY A CA  1 
ATOM   947  C  C   . GLY A 1 127 ? -4.058  6.848   -11.060 1.00 17.99  ? 127 GLY A C   1 
ATOM   948  O  O   . GLY A 1 127 ? -5.081  7.384   -10.586 1.00 19.72  ? 127 GLY A O   1 
ATOM   949  N  N   . GLY A 1 128 ? -3.600  7.026   -12.295 1.00 21.28  ? 128 GLY A N   1 
ATOM   950  C  CA  . GLY A 1 128 ? -4.184  7.989   -13.246 1.00 20.10  ? 128 GLY A CA  1 
ATOM   951  C  C   . GLY A 1 128 ? -3.376  9.271   -13.386 1.00 19.42  ? 128 GLY A C   1 
ATOM   952  O  O   . GLY A 1 128 ? -2.694  9.759   -12.452 1.00 18.37  ? 128 GLY A O   1 
ATOM   953  N  N   . ASN A 1 129 ? -3.495  9.867   -14.562 1.00 20.06  ? 129 ASN A N   1 
ATOM   954  C  CA  . ASN A 1 129 ? -2.940  11.205  -14.884 1.00 20.35  ? 129 ASN A CA  1 
ATOM   955  C  C   . ASN A 1 129 ? -1.462  11.238  -14.508 1.00 17.59  ? 129 ASN A C   1 
ATOM   956  O  O   . ASN A 1 129 ? -0.968  12.299  -14.025 1.00 17.84  ? 129 ASN A O   1 
ATOM   957  C  CB  . ASN A 1 129 ? -3.682  12.336  -14.168 1.00 22.73  ? 129 ASN A CB  1 
ATOM   958  C  CG  . ASN A 1 129 ? -5.038  12.662  -14.758 1.00 29.60  ? 129 ASN A CG  1 
ATOM   959  O  OD1 . ASN A 1 129 ? -5.230  12.644  -15.975 1.00 29.84  ? 129 ASN A OD1 1 
ATOM   960  N  ND2 . ASN A 1 129 ? -5.964  13.005  -13.885 1.00 34.12  ? 129 ASN A ND2 1 
ATOM   961  N  N   . GLY A 1 130 ? -0.764  10.136  -14.798 1.00 15.52  ? 130 GLY A N   1 
ATOM   962  C  CA  . GLY A 1 130 ? 0.695   10.091  -14.694 1.00 13.88  ? 130 GLY A CA  1 
ATOM   963  C  C   . GLY A 1 130 ? 1.222   10.013  -13.273 1.00 12.85  ? 130 GLY A C   1 
ATOM   964  O  O   . GLY A 1 130 ? 2.399   10.165  -13.123 1.00 12.41  ? 130 GLY A O   1 
ATOM   965  N  N   . LEU A 1 131 ? 0.359   9.841   -12.277 1.00 13.33  ? 131 LEU A N   1 
ATOM   966  C  CA  . LEU A 1 131 ? 0.785   9.662   -10.885 1.00 12.68  ? 131 LEU A CA  1 
ATOM   967  C  C   . LEU A 1 131 ? 0.464   8.230   -10.456 1.00 12.47  ? 131 LEU A C   1 
ATOM   968  O  O   . LEU A 1 131 ? -0.510  7.599   -10.891 1.00 15.12  ? 131 LEU A O   1 
ATOM   969  C  CB  . LEU A 1 131 ? 0.123   10.646  -9.941  1.00 14.73  ? 131 LEU A CB  1 
ATOM   970  C  CG  . LEU A 1 131 ? 0.256   12.123  -10.302 1.00 16.32  ? 131 LEU A CG  1 
ATOM   971  C  CD1 . LEU A 1 131 ? -0.314  12.962  -9.159  1.00 19.42  ? 131 LEU A CD1 1 
ATOM   972  C  CD2 . LEU A 1 131 ? 1.697   12.487  -10.582 1.00 15.98  ? 131 LEU A CD2 1 
ATOM   973  N  N   . VAL A 1 132 ? 1.183   7.806   -9.447  1.00 12.22  ? 132 VAL A N   1 
ATOM   974  C  CA  . VAL A 1 132 ? 0.911   6.548   -8.706  1.00 11.33  ? 132 VAL A CA  1 
ATOM   975  C  C   . VAL A 1 132 ? 0.821   6.946   -7.249  1.00 11.89  ? 132 VAL A C   1 
ATOM   976  O  O   . VAL A 1 132 ? 1.691   7.706   -6.746  1.00 12.64  ? 132 VAL A O   1 
ATOM   977  C  CB  . VAL A 1 132 ? 1.971   5.491   -9.013  1.00 11.73  ? 132 VAL A CB  1 
ATOM   978  C  CG1 . VAL A 1 132 ? 3.399   5.956   -8.813  1.00 14.49  ? 132 VAL A CG1 1 
ATOM   979  C  CG2 . VAL A 1 132 ? 1.676   4.238   -8.233  1.00 12.06  ? 132 VAL A CG2 1 
ATOM   980  N  N   . GLY A 1 133 ? -0.216  6.483   -6.578  1.00 11.18  ? 133 GLY A N   1 
ATOM   981  C  CA  . GLY A 1 133 ? -0.388  6.693   -5.152  1.00 10.40  ? 133 GLY A CA  1 
ATOM   982  C  C   . GLY A 1 133 ? -0.167  5.436   -4.366  1.00 10.12  ? 133 GLY A C   1 
ATOM   983  O  O   . GLY A 1 133 ? -0.610  4.382   -4.815  1.00 11.44  ? 133 GLY A O   1 
ATOM   984  N  N   . PHE A 1 134 ? 0.470   5.556   -3.225  1.00 9.88   ? 134 PHE A N   1 
ATOM   985  C  CA  . PHE A 1 134 ? 0.834   4.440   -2.330  1.00 9.79   ? 134 PHE A CA  1 
ATOM   986  C  C   . PHE A 1 134 ? 0.267   4.658   -0.944  1.00 9.74   ? 134 PHE A C   1 
ATOM   987  O  O   . PHE A 1 134 ? 0.407   5.767   -0.365  1.00 11.30  ? 134 PHE A O   1 
ATOM   988  C  CB  . PHE A 1 134 ? 2.338   4.336   -2.178  1.00 9.23   ? 134 PHE A CB  1 
ATOM   989  C  CG  . PHE A 1 134 ? 3.102   4.320   -3.468  1.00 9.42   ? 134 PHE A CG  1 
ATOM   990  C  CD1 . PHE A 1 134 ? 3.285   3.146   -4.164  1.00 9.51   ? 134 PHE A CD1 1 
ATOM   991  C  CD2 . PHE A 1 134 ? 3.637   5.485   -4.007  1.00 10.59  ? 134 PHE A CD2 1 
ATOM   992  C  CE1 . PHE A 1 134 ? 3.983   3.117   -5.357  1.00 9.61   ? 134 PHE A CE1 1 
ATOM   993  C  CE2 . PHE A 1 134 ? 4.338   5.442   -5.216  1.00 10.87  ? 134 PHE A CE2 1 
ATOM   994  C  CZ  . PHE A 1 134 ? 4.562   4.240   -5.843  1.00 10.36  ? 134 PHE A CZ  1 
ATOM   995  N  N   . ALA A 1 135 ? -0.390  3.622   -0.422  1.00 9.62   ? 135 ALA A N   1 
ATOM   996  C  CA  . ALA A 1 135 ? -0.868  3.635   0.970   1.00 9.53   ? 135 ALA A CA  1 
ATOM   997  C  C   . ALA A 1 135 ? 0.319   3.343   1.863   1.00 10.12  ? 135 ALA A C   1 
ATOM   998  O  O   . ALA A 1 135 ? 0.912   2.252   1.789   1.00 10.42  ? 135 ALA A O   1 
ATOM   999  C  CB  . ALA A 1 135 ? -1.933  2.583   1.101   1.00 9.58   ? 135 ALA A CB  1 
ATOM   1000 N  N   . ASP A 1 136 ? 0.699   4.311   2.699   1.00 10.52  ? 136 ASP A N   1 
ATOM   1001 C  CA  . ASP A 1 136 ? 1.794   4.128   3.644   1.00 10.76  ? 136 ASP A CA  1 
ATOM   1002 C  C   . ASP A 1 136 ? 1.458   3.082   4.695   1.00 10.16  ? 136 ASP A C   1 
ATOM   1003 O  O   . ASP A 1 136 ? 0.271   3.005   5.123   1.00 11.64  ? 136 ASP A O   1 
ATOM   1004 C  CB  . ASP A 1 136 ? 2.086   5.463   4.335   1.00 11.39  ? 136 ASP A CB  1 
ATOM   1005 C  CG  . ASP A 1 136 ? 3.293   5.433   5.219   1.00 11.79  ? 136 ASP A CG  1 
ATOM   1006 O  OD1 . ASP A 1 136 ? 4.370   5.047   4.758   1.00 12.79  ? 136 ASP A OD1 1 
ATOM   1007 O  OD2 . ASP A 1 136 ? 3.102   5.705   6.442   1.00 14.99  ? 136 ASP A OD2 1 
ATOM   1008 N  N   . VAL A 1 137 ? 2.455   2.339   5.131   1.00 10.21  ? 137 VAL A N   1 
ATOM   1009 C  CA  . VAL A 1 137 ? 2.320   1.424   6.299   1.00 11.09  ? 137 VAL A CA  1 
ATOM   1010 C  C   . VAL A 1 137 ? 3.384   1.693   7.355   1.00 11.53  ? 137 VAL A C   1 
ATOM   1011 O  O   . VAL A 1 137 ? 3.391   1.006   8.366   1.00 11.89  ? 137 VAL A O   1 
ATOM   1012 C  CB  . VAL A 1 137 ? 2.354   -0.049  5.863   1.00 10.99  ? 137 VAL A CB  1 
ATOM   1013 C  CG1 . VAL A 1 137 ? 1.212   -0.375  4.921   1.00 11.38  ? 137 VAL A CG1 1 
ATOM   1014 C  CG2 . VAL A 1 137 ? 3.658   -0.462  5.245   1.00 10.89  ? 137 VAL A CG2 1 
ATOM   1015 N  N   . ARG A 1 138 ? 4.255   2.667   7.150   1.00 11.51  ? 138 ARG A N   1 
ATOM   1016 C  CA  . ARG A 1 138 ? 5.414   2.839   8.049   1.00 11.83  ? 138 ARG A CA  1 
ATOM   1017 C  C   . ARG A 1 138 ? 4.996   3.357   9.426   1.00 12.47  ? 138 ARG A C   1 
ATOM   1018 O  O   . ARG A 1 138 ? 5.802   3.154   10.367  1.00 13.72  ? 138 ARG A O   1 
ATOM   1019 C  CB  . ARG A 1 138 ? 6.414   3.827   7.458   1.00 10.88  ? 138 ARG A CB  1 
ATOM   1020 C  CG  . ARG A 1 138 ? 7.034   3.353   6.142   1.00 10.21  ? 138 ARG A CG  1 
ATOM   1021 C  CD  . ARG A 1 138 ? 7.980   4.399   5.620   1.00 10.38  ? 138 ARG A CD  1 
ATOM   1022 N  NE  . ARG A 1 138 ? 7.204   5.492   5.115   1.00 11.52  ? 138 ARG A NE  1 
ATOM   1023 C  CZ  . ARG A 1 138 ? 7.672   6.530   4.449   1.00 11.12  ? 138 ARG A CZ  1 
ATOM   1024 N  NH1 . ARG A 1 138 ? 8.978   6.727   4.371   1.00 10.66  ? 138 ARG A NH1 1 
ATOM   1025 N  NH2 . ARG A 1 138 ? 6.810   7.353   3.887   1.00 11.40  ? 138 ARG A NH2 1 
ATOM   1026 N  N   . ASP A 1 139 ? 3.827   3.941   9.549   1.00 12.09  ? 139 ASP A N   1 
ATOM   1027 C  CA  . ASP A 1 139 ? 3.329   4.392   10.878  1.00 13.34  ? 139 ASP A CA  1 
ATOM   1028 C  C   . ASP A 1 139 ? 2.724   3.220   11.657  1.00 14.40  ? 139 ASP A C   1 
ATOM   1029 O  O   . ASP A 1 139 ? 2.459   3.439   12.855  1.00 17.29  ? 139 ASP A O   1 
ATOM   1030 C  CB  . ASP A 1 139 ? 2.296   5.492   10.739  1.00 15.45  ? 139 ASP A CB  1 
ATOM   1031 C  CG  . ASP A 1 139 ? 1.034   5.096   10.004  1.00 19.26  ? 139 ASP A CG  1 
ATOM   1032 O  OD1 . ASP A 1 139 ? 1.144   4.314   9.035   1.00 17.01  ? 139 ASP A OD1 1 
ATOM   1033 O  OD2 . ASP A 1 139 ? -0.041  5.546   10.396  1.00 20.25  ? 139 ASP A OD2 1 
ATOM   1034 N  N   . LEU A 1 140 ? 2.479   2.058   11.052  1.00 14.10  ? 140 LEU A N   1 
ATOM   1035 C  CA  . LEU A 1 140 ? 1.773   0.951   11.733  1.00 13.88  ? 140 LEU A CA  1 
ATOM   1036 C  C   . LEU A 1 140 ? 2.791   0.124   12.480  1.00 13.53  ? 140 LEU A C   1 
ATOM   1037 O  O   . LEU A 1 140 ? 3.228   -0.944  12.069  1.00 14.57  ? 140 LEU A O   1 
ATOM   1038 C  CB  . LEU A 1 140 ? 1.021   0.138   10.686  1.00 13.42  ? 140 LEU A CB  1 
ATOM   1039 C  CG  . LEU A 1 140 ? 0.027   0.931   9.867   1.00 15.05  ? 140 LEU A CG  1 
ATOM   1040 C  CD1 . LEU A 1 140 ? -0.596  0.042   8.783   1.00 14.50  ? 140 LEU A CD1 1 
ATOM   1041 C  CD2 . LEU A 1 140 ? -1.053  1.568   10.712  1.00 17.10  ? 140 LEU A CD2 1 
ATOM   1042 N  N   . LEU A 1 141 ? 3.208   0.675   13.648  1.00 15.56  ? 141 LEU A N   1 
ATOM   1043 C  CA  . LEU A 1 141 ? 4.326   0.085   14.403  1.00 16.90  ? 141 LEU A CA  1 
ATOM   1044 C  C   . LEU A 1 141 ? 3.937   -1.292  14.944  1.00 15.47  ? 141 LEU A C   1 
ATOM   1045 O  O   . LEU A 1 141 ? 4.771   -2.148  15.042  1.00 17.57  ? 141 LEU A O   1 
ATOM   1046 C  CB  . LEU A 1 141 ? 4.706   1.002   15.568  1.00 18.02  ? 141 LEU A CB  1 
ATOM   1047 C  CG  . LEU A 1 141 ? 5.097   2.427   15.188  1.00 19.08  ? 141 LEU A CG  1 
ATOM   1048 C  CD1 . LEU A 1 141 ? 5.647   3.139   16.418  1.00 20.25  ? 141 LEU A CD1 1 
ATOM   1049 C  CD2 . LEU A 1 141 ? 6.101   2.472   14.046  1.00 19.16  ? 141 LEU A CD2 1 
ATOM   1050 N  N   . TRP A 1 142 ? 2.636   -1.462  15.219  1.00 16.76  ? 142 TRP A N   1 
ATOM   1051 C  CA  . TRP A 1 142 ? 2.080   -2.716  15.769  1.00 17.56  ? 142 TRP A CA  1 
ATOM   1052 C  C   . TRP A 1 142 ? 2.246   -3.864  14.780  1.00 17.11  ? 142 TRP A C   1 
ATOM   1053 O  O   . TRP A 1 142 ? 2.139   -5.010  15.217  1.00 20.30  ? 142 TRP A O   1 
ATOM   1054 C  CB  . TRP A 1 142 ? 0.626   -2.528  16.198  1.00 17.38  ? 142 TRP A CB  1 
ATOM   1055 C  CG  . TRP A 1 142 ? -0.283  -2.065  15.106  1.00 16.35  ? 142 TRP A CG  1 
ATOM   1056 C  CD1 . TRP A 1 142 ? -0.708  -0.796  14.894  1.00 16.75  ? 142 TRP A CD1 1 
ATOM   1057 C  CD2 . TRP A 1 142 ? -0.895  -2.891  14.096  1.00 17.86  ? 142 TRP A CD2 1 
ATOM   1058 N  NE1 . TRP A 1 142 ? -1.549  -0.765  13.805  1.00 17.60  ? 142 TRP A NE1 1 
ATOM   1059 C  CE2 . TRP A 1 142 ? -1.698  -2.037  13.331  1.00 17.14  ? 142 TRP A CE2 1 
ATOM   1060 C  CE3 . TRP A 1 142 ? -0.891  -4.262  13.830  1.00 16.61  ? 142 TRP A CE3 1 
ATOM   1061 C  CZ2 . TRP A 1 142 ? -2.473  -2.529  12.269  1.00 17.58  ? 142 TRP A CZ2 1 
ATOM   1062 C  CZ3 . TRP A 1 142 ? -1.656  -4.743  12.778  1.00 17.98  ? 142 TRP A CZ3 1 
ATOM   1063 C  CH2 . TRP A 1 142 ? -2.401  -3.867  11.992  1.00 16.51  ? 142 TRP A CH2 1 
ATOM   1064 N  N   . LEU A 1 143 ? 2.488   -3.603  13.485  1.00 17.01  ? 143 LEU A N   1 
ATOM   1065 C  CA  . LEU A 1 143 ? 2.725   -4.705  12.537  1.00 18.26  ? 143 LEU A CA  1 
ATOM   1066 C  C   . LEU A 1 143 ? 3.928   -5.553  12.975  1.00 22.03  ? 143 LEU A C   1 
ATOM   1067 O  O   . LEU A 1 143 ? 4.001   -6.722  12.570  1.00 22.99  ? 143 LEU A O   1 
ATOM   1068 C  CB  . LEU A 1 143 ? 2.948   -4.171  11.125  1.00 17.79  ? 143 LEU A CB  1 
ATOM   1069 C  CG  . LEU A 1 143 ? 1.748   -3.667  10.350  1.00 16.71  ? 143 LEU A CG  1 
ATOM   1070 C  CD1 . LEU A 1 143 ? 2.225   -3.015  9.049   1.00 17.46  ? 143 LEU A CD1 1 
ATOM   1071 C  CD2 . LEU A 1 143 ? 0.782   -4.809  10.035  1.00 16.91  ? 143 LEU A CD2 1 
ATOM   1072 N  N   . ASP A 1 144 ? 4.848   -5.009  13.791  1.00 23.50  ? 144 ASP A N   1 
ATOM   1073 C  CA  . ASP A 1 144 ? 6.083   -5.719  14.218  1.00 30.19  ? 144 ASP A CA  1 
ATOM   1074 C  C   . ASP A 1 144 ? 6.016   -6.352  15.605  1.00 35.78  ? 144 ASP A C   1 
ATOM   1075 O  O   . ASP A 1 144 ? 7.099   -6.767  16.073  1.00 42.50  ? 144 ASP A O   1 
ATOM   1076 C  CB  . ASP A 1 144 ? 7.256   -4.760  14.297  1.00 30.97  ? 144 ASP A CB  1 
ATOM   1077 C  CG  . ASP A 1 144 ? 7.752   -4.439  12.922  1.00 30.14  ? 144 ASP A CG  1 
ATOM   1078 O  OD1 . ASP A 1 144 ? 7.654   -5.354  12.042  1.00 33.80  ? 144 ASP A OD1 1 
ATOM   1079 O  OD2 . ASP A 1 144 ? 8.150   -3.314  12.736  1.00 30.27  ? 144 ASP A OD2 1 
ATOM   1080 N  N   . GLU A 1 145 ? 4.859   -6.434  16.258  1.00 45.10  ? 145 GLU A N   1 
ATOM   1081 C  CA  . GLU A 1 145 ? 4.777   -7.087  17.598  1.00 50.42  ? 145 GLU A CA  1 
ATOM   1082 C  C   . GLU A 1 145 ? 3.536   -7.985  17.669  1.00 55.34  ? 145 GLU A C   1 
ATOM   1083 O  O   . GLU A 1 145 ? 2.780   -8.032  16.675  1.00 51.11  ? 145 GLU A O   1 
ATOM   1084 C  CB  . GLU A 1 145 ? 4.825   -6.034  18.708  1.00 57.71  ? 145 GLU A CB  1 
ATOM   1085 C  CG  . GLU A 1 145 ? 3.775   -4.945  18.582  1.00 59.00  ? 145 GLU A CG  1 
ATOM   1086 C  CD  . GLU A 1 145 ? 4.158   -3.618  19.219  1.00 64.60  ? 145 GLU A CD  1 
ATOM   1087 O  OE1 . GLU A 1 145 ? 3.246   -2.843  19.556  1.00 69.63  ? 145 GLU A OE1 1 
ATOM   1088 O  OE2 . GLU A 1 145 ? 5.364   -3.354  19.365  1.00 72.36  ? 145 GLU A OE2 1 
ATOM   1089 N  N   . GLU A 1 146 ? 3.388   -8.706  18.790  1.00 63.87  ? 146 GLU A N   1 
ATOM   1090 C  CA  . GLU A 1 146 ? 2.190   -9.514  19.153  1.00 65.92  ? 146 GLU A CA  1 
ATOM   1091 C  C   . GLU A 1 146 ? 1.852   -10.475 18.008  1.00 67.39  ? 146 GLU A C   1 
ATOM   1092 O  O   . GLU A 1 146 ? 1.852   -11.690 18.205  1.00 69.99  ? 146 GLU A O   1 
ATOM   1093 C  CB  . GLU A 1 146 ? 1.040   -8.571  19.520  1.00 66.72  ? 146 GLU A CB  1 
ATOM   1094 C  CG  . GLU A 1 146 ? -0.280  -8.880  18.838  1.00 69.25  ? 146 GLU A CG  1 
ATOM   1095 C  CD  . GLU A 1 146 ? -1.150  -9.925  19.517  1.00 71.88  ? 146 GLU A CD  1 
ATOM   1096 O  OE1 . GLU A 1 146 ? -2.388  -9.771  19.460  1.00 71.46  ? 146 GLU A OE1 1 
ATOM   1097 O  OE2 . GLU A 1 146 ? -0.596  -10.883 20.097  1.00 70.88  ? 146 GLU A OE2 1 
HETATM 1098 N  N2  . LGA B 2 .   ? 14.749  2.087   10.248  0.56 13.50  ? 201 LGA A N2  1 
HETATM 1099 C  C1  . LGA B 2 .   ? 14.635  0.774   10.072  0.56 13.49  ? 201 LGA A C1  1 
HETATM 1100 N  N1  . LGA B 2 .   ? 13.537  0.319   9.418   0.56 12.97  ? 201 LGA A N1  1 
HETATM 1101 C  C4  . LGA B 2 .   ? 13.423  -1.006  9.298   0.56 13.52  ? 201 LGA A C4  1 
HETATM 1102 C  C5  . LGA B 2 .   ? 14.349  -1.893  9.786   0.56 14.58  ? 201 LGA A C5  1 
HETATM 1103 C  C3  . LGA B 2 .   ? 15.441  -1.333  10.422  0.56 14.85  ? 201 LGA A C3  1 
HETATM 1104 N  N7  . LGA B 2 .   ? 15.611  -0.012  10.575  0.56 15.19  ? 201 LGA A N7  1 
HETATM 1105 N  N2  . LGA C 2 .   ? 3.278   15.702  2.335   0.42 11.16  ? 202 LGA A N2  1 
HETATM 1106 C  C1  . LGA C 2 .   ? 4.433   16.355  2.268   0.42 11.22  ? 202 LGA A C1  1 
HETATM 1107 N  N1  . LGA C 2 .   ? 4.510   17.551  2.889   0.42 11.31  ? 202 LGA A N1  1 
HETATM 1108 C  C4  . LGA C 2 .   ? 5.708   18.154  2.861   0.42 11.39  ? 202 LGA A C4  1 
HETATM 1109 C  C5  . LGA C 2 .   ? 6.819   17.621  2.249   0.42 11.65  ? 202 LGA A C5  1 
HETATM 1110 C  C3  . LGA C 2 .   ? 6.632   16.407  1.631   0.42 11.44  ? 202 LGA A C3  1 
HETATM 1111 N  N7  . LGA C 2 .   ? 5.457   15.753  1.625   0.42 10.93  ? 202 LGA A N7  1 
HETATM 1112 ZN ZN  . ZN  D 3 .   ? 13.438  4.376   4.324   1.00 11.40  ? 203 ZN  A ZN  1 
HETATM 1113 S  S   . DMS E 4 .   ? -11.879 4.714   8.481   1.00 33.69  ? 204 DMS A S   1 
HETATM 1114 O  O   . DMS E 4 .   ? -12.187 5.122   7.086   1.00 30.84  ? 204 DMS A O   1 
HETATM 1115 C  C1  . DMS E 4 .   ? -11.202 6.164   9.282   1.00 32.72  ? 204 DMS A C1  1 
HETATM 1116 C  C2  . DMS E 4 .   ? -13.451 4.664   9.338   1.00 36.31  ? 204 DMS A C2  1 
HETATM 1117 S  S   . DMS F 4 .   ? 6.545   -9.674  -8.899  1.00 81.57  ? 205 DMS A S   1 
HETATM 1118 O  O   . DMS F 4 .   ? 7.573   -9.949  -9.964  1.00 79.85  ? 205 DMS A O   1 
HETATM 1119 C  C1  . DMS F 4 .   ? 6.715   -10.974 -7.705  1.00 82.13  ? 205 DMS A C1  1 
HETATM 1120 C  C2  . DMS F 4 .   ? 7.205   -8.350  -7.923  1.00 75.09  ? 205 DMS A C2  1 
HETATM 1121 S  S   . DMS G 4 .   ? 8.081   8.863   -15.111 1.00 45.20  ? 206 DMS A S   1 
HETATM 1122 O  O   . DMS G 4 .   ? 6.663   8.540   -15.470 1.00 38.36  ? 206 DMS A O   1 
HETATM 1123 C  C1  . DMS G 4 .   ? 9.054   7.505   -15.710 1.00 42.78  ? 206 DMS A C1  1 
HETATM 1124 C  C2  . DMS G 4 .   ? 8.606   10.071  -16.300 1.00 41.05  ? 206 DMS A C2  1 
HETATM 1125 S  S   . DMS H 4 .   ? -16.788 1.597   -7.210  1.00 73.23  ? 207 DMS A S   1 
HETATM 1126 O  O   . DMS H 4 .   ? -17.521 1.721   -5.899  1.00 82.13  ? 207 DMS A O   1 
HETATM 1127 C  C1  . DMS H 4 .   ? -17.517 0.214   -8.053  1.00 77.24  ? 207 DMS A C1  1 
HETATM 1128 C  C2  . DMS H 4 .   ? -17.464 2.849   -8.262  1.00 76.56  ? 207 DMS A C2  1 
HETATM 1129 S  S   . SO4 I 5 .   ? -13.687 18.717  -2.880  1.00 132.02 ? 208 SO4 A S   1 
HETATM 1130 O  O1  . SO4 I 5 .   ? -13.146 19.165  -1.623  1.00 132.73 ? 208 SO4 A O1  1 
HETATM 1131 O  O2  . SO4 I 5 .   ? -14.926 18.027  -2.651  1.00 138.47 ? 208 SO4 A O2  1 
HETATM 1132 O  O3  . SO4 I 5 .   ? -12.753 17.823  -3.510  1.00 140.10 ? 208 SO4 A O3  1 
HETATM 1133 O  O4  . SO4 I 5 .   ? -13.921 19.851  -3.733  1.00 117.44 ? 208 SO4 A O4  1 
HETATM 1134 O  O   . HOH J 6 .   ? -1.626  -12.659 13.157  1.00 37.72  ? 301 HOH A O   1 
HETATM 1135 O  O   . HOH J 6 .   ? -5.761  9.491   -9.775  1.00 23.47  ? 302 HOH A O   1 
HETATM 1136 O  O   . HOH J 6 .   ? 3.117   13.183  6.486   1.00 40.97  ? 303 HOH A O   1 
HETATM 1137 O  O   . HOH J 6 .   ? 3.028   -11.268 13.483  1.00 33.43  ? 304 HOH A O   1 
HETATM 1138 O  O   . HOH J 6 .   ? 11.618  13.211  3.293   1.00 45.06  ? 305 HOH A O   1 
HETATM 1139 O  O   . HOH J 6 .   ? 9.047   -5.347  9.995   1.00 19.98  ? 306 HOH A O   1 
HETATM 1140 O  O   . HOH J 6 .   ? 5.039   -9.407  0.047   1.00 21.18  ? 307 HOH A O   1 
HETATM 1141 O  O   . HOH J 6 .   ? -16.917 9.787   -2.684  1.00 38.32  ? 308 HOH A O   1 
HETATM 1142 O  O   . HOH J 6 .   ? -12.797 -6.966  -1.680  1.00 35.18  ? 309 HOH A O   1 
HETATM 1143 O  O   . HOH J 6 .   ? 3.150   -9.041  -12.097 1.00 20.76  ? 310 HOH A O   1 
HETATM 1144 O  O   . HOH J 6 .   ? 9.348   -6.359  -18.033 1.00 39.89  ? 311 HOH A O   1 
HETATM 1145 O  O   . HOH J 6 .   ? -15.012 1.963   1.725   1.00 37.42  ? 312 HOH A O   1 
HETATM 1146 O  O   . HOH J 6 .   ? 8.528   -10.591 8.189   1.00 29.66  ? 313 HOH A O   1 
HETATM 1147 O  O   . HOH J 6 .   ? 10.094  -2.685  11.158  0.56 17.40  ? 314 HOH A O   1 
HETATM 1148 O  O   . HOH J 6 .   ? 2.699   -12.628 7.269   1.00 26.86  ? 315 HOH A O   1 
HETATM 1149 O  O   . HOH J 6 .   ? -8.011  -10.161 -3.850  1.00 31.81  ? 316 HOH A O   1 
HETATM 1150 O  O   . HOH J 6 .   ? -13.017 -1.995  11.895  1.00 27.28  ? 317 HOH A O   1 
HETATM 1151 O  O   . HOH J 6 .   ? 5.998   -19.509 9.022   1.00 37.74  ? 318 HOH A O   1 
HETATM 1152 O  O   . HOH J 6 .   ? 10.197  16.923  2.029   1.00 29.94  ? 319 HOH A O   1 
HETATM 1153 O  O   . HOH J 6 .   ? -4.121  -2.952  -15.926 1.00 26.58  ? 320 HOH A O   1 
HETATM 1154 O  O   . HOH J 6 .   ? 0.093   8.043   11.215  1.00 43.72  ? 321 HOH A O   1 
HETATM 1155 O  O   . HOH J 6 .   ? 8.969   1.278   -18.912 1.00 25.16  ? 322 HOH A O   1 
HETATM 1156 O  O   . HOH J 6 .   ? 1.279   7.380   7.373   1.00 17.72  ? 323 HOH A O   1 
HETATM 1157 O  O   . HOH J 6 .   ? 6.886   -2.834  -19.929 1.00 23.96  ? 324 HOH A O   1 
HETATM 1158 O  O   . HOH J 6 .   ? 4.574   -13.226 14.417  1.00 49.45  ? 325 HOH A O   1 
HETATM 1159 O  O   . HOH J 6 .   ? -15.693 -0.890  7.636   1.00 24.20  ? 326 HOH A O   1 
HETATM 1160 O  O   . HOH J 6 .   ? -6.404  -14.328 3.563   1.00 26.62  ? 327 HOH A O   1 
HETATM 1161 O  O   . HOH J 6 .   ? -4.552  -13.772 6.052   1.00 36.46  ? 328 HOH A O   1 
HETATM 1162 O  O   . HOH J 6 .   ? -3.889  -5.695  -2.359  1.00 12.74  ? 329 HOH A O   1 
HETATM 1163 O  O   . HOH J 6 .   ? -6.596  -9.895  -2.285  1.00 27.60  ? 330 HOH A O   1 
HETATM 1164 O  O   . HOH J 6 .   ? -14.268 -1.347  -4.302  1.00 26.31  ? 331 HOH A O   1 
HETATM 1165 O  O   . HOH J 6 .   ? -1.182  5.153   12.775  1.00 32.28  ? 332 HOH A O   1 
HETATM 1166 O  O   . HOH J 6 .   ? 18.708  -1.732  2.033   1.00 29.72  ? 333 HOH A O   1 
HETATM 1167 O  O   . HOH J 6 .   ? 0.118   -12.539 -2.134  1.00 32.53  ? 334 HOH A O   1 
HETATM 1168 O  O   . HOH J 6 .   ? 0.938   -1.480  19.643  1.00 42.36  ? 335 HOH A O   1 
HETATM 1169 O  O   . HOH J 6 .   ? -3.568  4.733   -15.475 1.00 34.07  ? 336 HOH A O   1 
HETATM 1170 O  O   . HOH J 6 .   ? -13.660 11.766  -10.606 1.00 32.43  ? 337 HOH A O   1 
HETATM 1171 O  O   . HOH J 6 .   ? -3.622  5.251   1.999   1.00 15.77  ? 338 HOH A O   1 
HETATM 1172 O  O   . HOH J 6 .   ? 9.203   9.314   -11.856 1.00 21.06  ? 339 HOH A O   1 
HETATM 1173 O  O   . HOH J 6 .   ? -7.618  -2.612  -7.875  1.00 22.10  ? 340 HOH A O   1 
HETATM 1174 O  O   . HOH J 6 .   ? 12.532  -8.669  4.961   1.00 26.63  ? 341 HOH A O   1 
HETATM 1175 O  O   . HOH J 6 .   ? 10.618  6.140   -12.532 1.00 23.41  ? 342 HOH A O   1 
HETATM 1176 O  O   . HOH J 6 .   ? -16.998 -11.701 3.722   1.00 20.65  ? 343 HOH A O   1 
HETATM 1177 O  O   . HOH J 6 .   ? 11.170  12.826  10.417  1.00 29.95  ? 344 HOH A O   1 
HETATM 1178 O  O   . HOH J 6 .   ? 7.449   10.590  5.762   1.00 20.06  ? 345 HOH A O   1 
HETATM 1179 O  O   . HOH J 6 .   ? 9.948   -14.452 8.381   1.00 33.88  ? 346 HOH A O   1 
HETATM 1180 O  O   . HOH J 6 .   ? 0.844   6.497   -17.199 1.00 19.69  ? 347 HOH A O   1 
HETATM 1181 O  O   . HOH J 6 .   ? 1.071   12.896  -0.126  1.00 18.21  ? 348 HOH A O   1 
HETATM 1182 O  O   . HOH J 6 .   ? 7.307   8.377   7.339   1.00 15.02  ? 349 HOH A O   1 
HETATM 1183 O  O   . HOH J 6 .   ? -0.429  -10.713 -6.537  1.00 40.02  ? 350 HOH A O   1 
HETATM 1184 O  O   . HOH J 6 .   ? 7.840   -9.392  -12.637 1.00 43.14  ? 351 HOH A O   1 
HETATM 1185 O  O   . HOH J 6 .   ? -12.704 21.832  -1.127  1.00 52.70  ? 352 HOH A O   1 
HETATM 1186 O  O   . HOH J 6 .   ? -13.067 1.626   7.792   1.00 20.00  ? 353 HOH A O   1 
HETATM 1187 O  O   . HOH J 6 .   ? 1.553   -6.021  -8.204  1.00 16.70  ? 354 HOH A O   1 
HETATM 1188 O  O   . HOH J 6 .   ? -3.459  10.666  -9.965  1.00 22.32  ? 355 HOH A O   1 
HETATM 1189 O  O   . HOH J 6 .   ? 4.927   7.277   7.780   1.00 14.53  ? 356 HOH A O   1 
HETATM 1190 O  O   . HOH J 6 .   ? -13.287 -11.272 11.319  1.00 21.01  ? 357 HOH A O   1 
HETATM 1191 O  O   . HOH J 6 .   ? -7.926  8.184   -9.505  1.00 26.15  ? 358 HOH A O   1 
HETATM 1192 O  O   . HOH J 6 .   ? 1.866   -3.374  -9.194  1.00 11.30  ? 359 HOH A O   1 
HETATM 1193 O  O   . HOH J 6 .   ? -9.787  3.261   -12.678 1.00 39.04  ? 360 HOH A O   1 
HETATM 1194 O  O   . HOH J 6 .   ? -2.187  4.015   4.348   1.00 12.72  ? 361 HOH A O   1 
HETATM 1195 O  O   . HOH J 6 .   ? -12.683 -17.008 10.906  1.00 25.17  ? 362 HOH A O   1 
HETATM 1196 O  O   . HOH J 6 .   ? 18.507  5.897   7.903   1.00 32.72  ? 363 HOH A O   1 
HETATM 1197 O  O   . HOH J 6 .   ? -7.570  15.794  -9.408  1.00 28.79  ? 364 HOH A O   1 
HETATM 1198 O  O   . HOH J 6 .   ? -14.276 -9.653  -0.047  1.00 23.22  ? 365 HOH A O   1 
HETATM 1199 O  O   . HOH J 6 .   ? -13.116 -5.842  0.581   1.00 25.05  ? 366 HOH A O   1 
HETATM 1200 O  O   . HOH J 6 .   ? 7.971   11.280  -8.619  1.00 11.22  ? 367 HOH A O   1 
HETATM 1201 O  O   . HOH J 6 .   ? -0.081  -3.404  -19.725 1.00 13.17  ? 368 HOH A O   1 
HETATM 1202 O  O   . HOH J 6 .   ? -0.564  6.539   -13.471 1.00 20.41  ? 369 HOH A O   1 
HETATM 1203 O  O   . HOH J 6 .   ? 14.460  10.303  1.064   1.00 25.53  ? 370 HOH A O   1 
HETATM 1204 O  O   . HOH J 6 .   ? -7.285  7.052   9.320   1.00 44.27  ? 371 HOH A O   1 
HETATM 1205 O  O   . HOH J 6 .   ? -7.282  -14.653 0.958   1.00 26.45  ? 372 HOH A O   1 
HETATM 1206 O  O   . HOH J 6 .   ? -12.079 1.531   10.507  1.00 53.60  ? 373 HOH A O   1 
HETATM 1207 O  O   . HOH J 6 .   ? -6.201  -2.809  -14.158 1.00 21.89  ? 374 HOH A O   1 
HETATM 1208 O  O   . HOH J 6 .   ? -4.988  8.656   -16.602 1.00 32.39  ? 375 HOH A O   1 
HETATM 1209 O  O   . HOH J 6 .   ? -1.317  14.482  -12.298 1.00 25.75  ? 376 HOH A O   1 
HETATM 1210 O  O   . HOH J 6 .   ? 7.729   9.881   3.084   1.00 17.33  ? 377 HOH A O   1 
HETATM 1211 O  O   . HOH J 6 .   ? 1.761   -8.505  -14.779 1.00 25.01  ? 378 HOH A O   1 
HETATM 1212 O  O   . HOH J 6 .   ? -9.610  6.902   -3.406  1.00 32.50  ? 379 HOH A O   1 
HETATM 1213 O  O   . HOH J 6 .   ? 7.332   -12.104 2.104   1.00 25.00  ? 380 HOH A O   1 
HETATM 1214 O  O   . HOH J 6 .   ? -5.538  -6.719  -8.897  1.00 22.62  ? 381 HOH A O   1 
HETATM 1215 O  O   . HOH J 6 .   ? -2.708  15.775  5.128   1.00 32.20  ? 382 HOH A O   1 
HETATM 1216 O  O   . HOH J 6 .   ? 14.560  6.056   -6.049  1.00 29.09  ? 383 HOH A O   1 
HETATM 1217 O  O   . HOH J 6 .   ? -7.640  4.056   -3.680  1.00 20.78  ? 384 HOH A O   1 
HETATM 1218 O  O   . HOH J 6 .   ? -12.561 -1.003  0.561   1.00 19.01  ? 385 HOH A O   1 
HETATM 1219 O  O   . HOH J 6 .   ? 3.607   -14.321 -19.008 0.56 33.35  ? 386 HOH A O   1 
HETATM 1220 O  O   . HOH J 6 .   ? 3.968   9.679   -15.446 1.00 15.97  ? 387 HOH A O   1 
HETATM 1221 O  O   . HOH J 6 .   ? -3.318  1.466   13.742  1.00 30.72  ? 388 HOH A O   1 
HETATM 1222 O  O   . HOH J 6 .   ? 14.292  8.482   8.041   1.00 17.86  ? 389 HOH A O   1 
HETATM 1223 O  O   . HOH J 6 .   ? 4.255   -9.086  14.149  1.00 42.29  ? 390 HOH A O   1 
HETATM 1224 O  O   . HOH J 6 .   ? -3.946  9.457   -7.422  1.00 24.65  ? 391 HOH A O   1 
HETATM 1225 O  O   . HOH J 6 .   ? 5.285   3.290   -18.661 1.00 28.10  ? 392 HOH A O   1 
HETATM 1226 O  O   . HOH J 6 .   ? 7.324   -1.224  15.992  1.00 32.02  ? 393 HOH A O   1 
HETATM 1227 O  O   . HOH J 6 .   ? -0.796  1.031   -20.222 1.00 18.60  ? 394 HOH A O   1 
HETATM 1228 O  O   . HOH J 6 .   ? 3.114   -7.124  -3.176  1.00 22.03  ? 395 HOH A O   1 
HETATM 1229 O  O   . HOH J 6 .   ? -17.575 12.009  -3.705  1.00 41.90  ? 396 HOH A O   1 
HETATM 1230 O  O   . HOH J 6 .   ? -10.779 7.139   -5.897  1.00 23.14  ? 397 HOH A O   1 
HETATM 1231 O  O   . HOH J 6 .   ? -1.240  7.500   -15.876 1.00 22.28  ? 398 HOH A O   1 
HETATM 1232 O  O   . HOH J 6 .   ? -2.200  -15.163 1.042   1.00 36.98  ? 399 HOH A O   1 
HETATM 1233 O  O   . HOH J 6 .   ? -11.669 -15.912 0.646   1.00 19.95  ? 400 HOH A O   1 
HETATM 1234 O  O   . HOH J 6 .   ? 9.314   -2.933  -5.156  1.00 19.60  ? 401 HOH A O   1 
HETATM 1235 O  O   . HOH J 6 .   ? 0.037   -18.576 6.002   1.00 37.64  ? 402 HOH A O   1 
HETATM 1236 O  O   . HOH J 6 .   ? -9.790  -3.166  -9.044  1.00 35.26  ? 403 HOH A O   1 
HETATM 1237 O  O   . HOH J 6 .   ? -11.968 -9.734  13.734  1.00 37.46  ? 404 HOH A O   1 
HETATM 1238 O  O   . HOH J 6 .   ? 13.091  1.017   -14.109 1.00 24.25  ? 405 HOH A O   1 
HETATM 1239 O  O   . HOH J 6 .   ? 12.388  -3.932  -13.356 1.00 22.09  ? 406 HOH A O   1 
HETATM 1240 O  O   . HOH J 6 .   ? 15.339  -1.157  -1.286  1.00 30.30  ? 407 HOH A O   1 
HETATM 1241 O  O   . HOH J 6 .   ? -8.894  4.995   -6.318  1.00 22.76  ? 408 HOH A O   1 
HETATM 1242 O  O   . HOH J 6 .   ? -2.882  11.447  6.246   1.00 22.82  ? 409 HOH A O   1 
HETATM 1243 O  O   . HOH J 6 .   ? -12.382 -13.162 13.067  1.00 26.08  ? 410 HOH A O   1 
HETATM 1244 O  O   . HOH J 6 .   ? 10.669  -7.768  0.555   1.00 37.78  ? 411 HOH A O   1 
HETATM 1245 O  O   . HOH J 6 .   ? -14.082 11.557  0.699   1.00 40.67  ? 412 HOH A O   1 
HETATM 1246 O  O   . HOH J 6 .   ? 8.300   -6.234  -5.454  1.00 20.09  ? 413 HOH A O   1 
HETATM 1247 O  O   . HOH J 6 .   ? -4.179  2.368   -9.422  1.00 22.74  ? 414 HOH A O   1 
HETATM 1248 O  O   . HOH J 6 .   ? -17.170 9.919   -8.059  1.00 29.59  ? 415 HOH A O   1 
HETATM 1249 O  O   . HOH J 6 .   ? 13.332  8.455   -10.733 1.00 35.04  ? 416 HOH A O   1 
HETATM 1250 O  O   . HOH J 6 .   ? -13.255 -13.489 -1.569  1.00 23.52  ? 417 HOH A O   1 
HETATM 1251 O  O   . HOH J 6 .   ? 3.803   -18.467 12.603  1.00 43.02  ? 418 HOH A O   1 
HETATM 1252 O  O   . HOH J 6 .   ? 7.828   6.094   -12.437 1.00 17.58  ? 419 HOH A O   1 
HETATM 1253 O  O   . HOH J 6 .   ? -6.577  11.682  -8.576  1.00 30.80  ? 420 HOH A O   1 
HETATM 1254 O  O   . HOH J 6 .   ? -4.926  5.194   10.743  1.00 31.82  ? 421 HOH A O   1 
HETATM 1255 O  O   . HOH J 6 .   ? -4.712  12.077  -6.428  1.00 23.06  ? 422 HOH A O   1 
HETATM 1256 O  O   . HOH J 6 .   ? 19.367  1.646   6.069   1.00 40.78  ? 423 HOH A O   1 
HETATM 1257 O  O   . HOH J 6 .   ? 14.752  10.884  9.353   1.00 28.99  ? 424 HOH A O   1 
HETATM 1258 O  O   . HOH J 6 .   ? -1.148  -7.318  -10.297 1.00 24.58  ? 425 HOH A O   1 
HETATM 1259 O  O   . HOH J 6 .   ? -2.381  -1.782  -19.979 1.00 17.89  ? 426 HOH A O   1 
HETATM 1260 O  O   . HOH J 6 .   ? -7.417  -7.134  16.178  1.00 38.59  ? 427 HOH A O   1 
HETATM 1261 O  O   . HOH J 6 .   ? 2.386   -11.039 -15.665 1.00 29.39  ? 428 HOH A O   1 
HETATM 1262 O  O   . HOH J 6 .   ? 5.318   -6.046  -5.309  1.00 15.41  ? 429 HOH A O   1 
HETATM 1263 O  O   . HOH J 6 .   ? 11.388  -6.378  3.227   1.00 24.96  ? 430 HOH A O   1 
HETATM 1264 O  O   . HOH J 6 .   ? 6.378   4.419   -14.054 1.00 14.06  ? 431 HOH A O   1 
HETATM 1265 O  O   . HOH J 6 .   ? 15.664  4.412   -0.404  1.00 23.95  ? 432 HOH A O   1 
HETATM 1266 O  O   . HOH J 6 .   ? -3.147  -10.408 -2.529  1.00 24.28  ? 433 HOH A O   1 
HETATM 1267 O  O   . HOH J 6 .   ? 15.293  -6.524  7.894   1.00 49.26  ? 434 HOH A O   1 
HETATM 1268 O  O   . HOH J 6 .   ? 10.359  10.193  -9.435  1.00 18.34  ? 435 HOH A O   1 
HETATM 1269 O  O   . HOH J 6 .   ? -13.789 6.202   3.695   1.00 46.15  ? 436 HOH A O   1 
HETATM 1270 O  O   . HOH J 6 .   ? -5.917  13.622  -10.939 1.00 26.66  ? 437 HOH A O   1 
HETATM 1271 O  O   . HOH J 6 .   ? -8.313  -1.658  -15.253 1.00 33.79  ? 438 HOH A O   1 
HETATM 1272 O  O   . HOH J 6 .   ? 0.697   -11.532 15.410  1.00 44.66  ? 439 HOH A O   1 
HETATM 1273 O  O   . HOH J 6 .   ? -4.340  -8.111  -3.694  1.00 16.73  ? 440 HOH A O   1 
HETATM 1274 O  O   . HOH J 6 .   ? 2.602   -15.156 5.866   1.00 28.41  ? 441 HOH A O   1 
HETATM 1275 O  O   . HOH J 6 .   ? 1.929   -10.485 -2.878  1.00 22.80  ? 442 HOH A O   1 
HETATM 1276 O  O   . HOH J 6 .   ? -6.019  15.476  -7.009  1.00 52.55  ? 443 HOH A O   1 
HETATM 1277 O  O   . HOH J 6 .   ? -2.591  -18.019 6.377   1.00 35.23  ? 444 HOH A O   1 
HETATM 1278 O  O   . HOH J 6 .   ? -6.465  0.250   -17.064 1.00 29.15  ? 445 HOH A O   1 
HETATM 1279 O  O   . HOH J 6 .   ? -10.275 -1.835  12.442  1.00 23.65  ? 446 HOH A O   1 
HETATM 1280 O  O   . HOH J 6 .   ? 18.943  4.993   -0.329  1.00 54.62  ? 447 HOH A O   1 
HETATM 1281 O  O   . HOH J 6 .   ? 6.026   -13.809 2.534   1.00 43.12  ? 448 HOH A O   1 
HETATM 1282 O  O   . HOH J 6 .   ? 1.340   2.729   15.652  1.00 26.94  ? 449 HOH A O   1 
HETATM 1283 O  O   . HOH J 6 .   ? -7.076  5.693   -8.438  1.00 19.08  ? 450 HOH A O   1 
HETATM 1284 O  O   . HOH J 6 .   ? -0.608  11.111  6.931   1.00 33.39  ? 451 HOH A O   1 
HETATM 1285 O  O   . HOH J 6 .   ? 3.479   0.222   18.981  1.00 37.86  ? 452 HOH A O   1 
HETATM 1286 O  O   . HOH J 6 .   ? 8.136   -0.783  -20.732 1.00 27.34  ? 453 HOH A O   1 
HETATM 1287 O  O   . HOH J 6 .   ? -16.033 -17.971 7.412   1.00 30.42  ? 454 HOH A O   1 
HETATM 1288 O  O   . HOH J 6 .   ? 13.586  -3.915  0.277   1.00 40.39  ? 455 HOH A O   1 
HETATM 1289 O  O   . HOH J 6 .   ? 8.346   -10.207 -15.166 1.00 49.10  ? 456 HOH A O   1 
HETATM 1290 O  O   . HOH J 6 .   ? 8.643   -12.538 11.621  1.00 40.64  ? 457 HOH A O   1 
HETATM 1291 O  O   . HOH J 6 .   ? -8.337  7.240   -12.042 1.00 36.98  ? 458 HOH A O   1 
HETATM 1292 O  O   . HOH J 6 .   ? 8.640   -8.474  -1.598  1.00 32.53  ? 459 HOH A O   1 
HETATM 1293 O  O   . HOH J 6 .   ? -15.827 1.935   7.007   1.00 31.33  ? 460 HOH A O   1 
HETATM 1294 O  O   . HOH J 6 .   ? -14.772 7.353   1.244   1.00 41.35  ? 461 HOH A O   1 
HETATM 1295 O  O   . HOH J 6 .   ? -5.886  -11.976 -2.817  1.00 31.87  ? 462 HOH A O   1 
HETATM 1296 O  O   . HOH J 6 .   ? -10.862 10.448  4.329   1.00 48.68  ? 463 HOH A O   1 
HETATM 1297 O  O   . HOH J 6 .   ? 14.279  8.932   -7.356  1.00 36.78  ? 464 HOH A O   1 
HETATM 1298 O  O   . HOH J 6 .   ? -5.828  -17.286 9.394   1.00 41.71  ? 465 HOH A O   1 
HETATM 1299 O  O   . HOH J 6 .   ? -6.363  10.853  -11.416 1.00 46.39  ? 466 HOH A O   1 
HETATM 1300 O  O   . HOH J 6 .   ? -6.287  3.728   -10.542 1.00 27.06  ? 467 HOH A O   1 
HETATM 1301 O  O   . HOH J 6 .   ? -14.186 -2.212  -6.434  1.00 53.81  ? 468 HOH A O   1 
HETATM 1302 O  O   . HOH J 6 .   ? -0.714  2.889   14.231  1.00 34.33  ? 469 HOH A O   1 
HETATM 1303 O  O   . HOH J 6 .   ? -12.481 -8.699  -3.730  1.00 51.50  ? 470 HOH A O   1 
HETATM 1304 O  O   . HOH J 6 .   ? -5.867  -14.341 -1.437  1.00 35.64  ? 471 HOH A O   1 
HETATM 1305 O  O   . HOH J 6 .   ? 15.351  8.440   5.450   1.00 21.06  ? 472 HOH A O   1 
HETATM 1306 O  O   . HOH J 6 .   ? 3.537   7.399   -16.863 1.00 22.04  ? 473 HOH A O   1 
HETATM 1307 O  O   . HOH J 6 .   ? 15.166  11.014  3.908   1.00 35.49  ? 474 HOH A O   1 
HETATM 1308 O  O   . HOH J 6 .   ? 11.553  -6.429  -13.448 1.00 38.91  ? 475 HOH A O   1 
HETATM 1309 O  O   . HOH J 6 .   ? 4.938   -19.992 11.598  1.00 33.73  ? 476 HOH A O   1 
HETATM 1310 O  O   . HOH J 6 .   ? -9.432  -2.406  14.682  1.00 42.50  ? 477 HOH A O   1 
HETATM 1311 O  O   . HOH J 6 .   ? -9.444  10.539  6.694   1.00 39.49  ? 478 HOH A O   1 
HETATM 1312 O  O   . HOH J 6 .   ? 1.194   1.221   17.506  1.00 32.97  ? 479 HOH A O   1 
HETATM 1313 O  O   . HOH J 6 .   ? 17.840  -0.453  7.496   0.56 23.89  ? 480 HOH A O   1 
HETATM 1314 O  O   . HOH J 6 .   ? 17.820  7.744   5.643   1.00 51.81  ? 481 HOH A O   1 
HETATM 1315 O  O   . HOH J 6 .   ? -3.992  -15.485 4.965   1.00 36.55  ? 482 HOH A O   1 
HETATM 1316 O  O   . HOH J 6 .   ? -7.749  -5.048  -9.262  1.00 35.91  ? 483 HOH A O   1 
HETATM 1317 O  O   . HOH J 6 .   ? 6.511   4.680   -16.701 1.00 28.53  ? 484 HOH A O   1 
HETATM 1318 O  O   . HOH J 6 .   ? 4.325   -11.462 -1.619  1.00 34.19  ? 485 HOH A O   1 
HETATM 1319 O  O   . HOH J 6 .   ? -7.738  4.728   -11.978 1.00 39.90  ? 486 HOH A O   1 
HETATM 1320 O  O   . HOH J 6 .   ? 3.274   9.387   8.217   1.00 24.94  ? 487 HOH A O   1 
HETATM 1321 O  O   . HOH J 6 .   ? 4.418   -15.495 2.949   1.00 37.10  ? 488 HOH A O   1 
HETATM 1322 O  O   . HOH J 6 .   ? 4.805   12.075  7.354   1.00 40.74  ? 489 HOH A O   1 
HETATM 1323 O  O   . HOH J 6 .   ? -1.807  -15.342 3.618   1.00 39.57  ? 490 HOH A O   1 
HETATM 1324 O  O   . HOH J 6 .   ? -4.449  -3.268  15.577  1.00 38.04  ? 491 HOH A O   1 
HETATM 1325 O  O   . HOH J 6 .   ? -3.257  13.545  -10.422 1.00 28.72  ? 492 HOH A O   1 
HETATM 1326 O  O   . HOH J 6 .   ? 14.183  -9.651  1.798   1.00 30.04  ? 493 HOH A O   1 
HETATM 1327 O  O   . HOH J 6 .   ? -11.799 12.884  3.997   1.00 49.97  ? 494 HOH A O   1 
HETATM 1328 O  O   . HOH J 6 .   ? 0.470   -16.269 4.737   1.00 30.99  ? 495 HOH A O   1 
HETATM 1329 O  O   . HOH J 6 .   ? -3.538  14.437  -7.595  1.00 24.37  ? 496 HOH A O   1 
HETATM 1330 O  O   . HOH J 6 .   ? -1.609  -4.722  17.935  1.00 52.15  ? 497 HOH A O   1 
HETATM 1331 O  O   . HOH J 6 .   ? 9.123   4.824   -18.063 1.00 33.34  ? 498 HOH A O   1 
HETATM 1332 O  O   . HOH J 6 .   ? -10.800 14.002  -14.298 1.00 48.09  ? 499 HOH A O   1 
HETATM 1333 O  O   . HOH J 6 .   ? 12.076  5.566   -14.515 1.00 35.79  ? 500 HOH A O   1 
HETATM 1334 O  O   . HOH J 6 .   ? 0.883   -0.134  22.190  1.00 32.41  ? 501 HOH A O   1 
HETATM 1335 O  O   . HOH J 6 .   ? -6.127  -9.168  -5.545  1.00 25.51  ? 502 HOH A O   1 
HETATM 1336 O  O   . HOH J 6 .   ? -1.267  -2.480  19.316  1.00 37.40  ? 503 HOH A O   1 
HETATM 1337 O  O   . HOH J 6 .   ? -14.436 -18.214 9.546   1.00 37.72  ? 504 HOH A O   1 
HETATM 1338 O  O   . HOH J 6 .   ? -16.331 12.650  -9.406  1.00 52.33  ? 505 HOH A O   1 
HETATM 1339 O  O   . HOH J 6 .   ? -4.009  -11.536 14.907  1.00 43.54  ? 506 HOH A O   1 
HETATM 1340 O  O   . HOH J 6 .   ? -9.788  -12.344 -4.662  1.00 37.59  ? 507 HOH A O   1 
HETATM 1341 O  O   . HOH J 6 .   ? -1.089  0.352   18.531  1.00 37.14  ? 508 HOH A O   1 
HETATM 1342 O  O   . HOH J 6 .   ? 16.317  -4.545  8.896   1.00 42.25  ? 509 HOH A O   1 
HETATM 1343 O  O   . HOH J 6 .   ? 13.081  3.644   -14.940 1.00 36.08  ? 510 HOH A O   1 
HETATM 1344 O  O   . HOH J 6 .   ? 12.489  2.374   -16.885 1.00 39.81  ? 511 HOH A O   1 
HETATM 1345 O  O   . HOH J 6 .   ? -9.280  -7.162  -8.955  1.00 37.97  ? 512 HOH A O   1 
HETATM 1346 O  O   . HOH J 6 .   ? -10.442 16.436  7.185   1.00 51.10  ? 513 HOH A O   1 
# 
